data_1WFN
#
_entry.id   1WFN
#
_entity_poly.entity_id   1
_entity_poly.type   'polypeptide(L)'
_entity_poly.pdbx_seq_one_letter_code
;GSSGSSGPQLVRTHEDVPGPVGHLSFSEILDTSLKVSWQEPGEKNGILTGYRISWEEYNRTNTRVTHYLPNVTLEYRVTG
LTALTTYTIEVAAMTSKGQGQVSASTISSGVPPSGPSSG
;
_entity_poly.pdbx_strand_id   A
#
# COMPACT_ATOMS: atom_id res chain seq x y z
N GLY A 1 11.05 18.34 7.00
CA GLY A 1 10.55 18.27 8.37
C GLY A 1 9.26 17.44 8.45
N SER A 2 8.17 18.15 8.68
CA SER A 2 6.86 17.49 8.78
C SER A 2 5.77 18.42 8.25
N SER A 3 5.55 18.32 6.94
CA SER A 3 4.54 19.14 6.30
C SER A 3 3.42 18.25 5.74
N GLY A 4 2.34 18.90 5.32
CA GLY A 4 1.21 18.18 4.77
C GLY A 4 1.12 18.38 3.26
N SER A 5 -0.10 18.35 2.75
CA SER A 5 -0.33 18.53 1.33
C SER A 5 -1.84 18.48 1.03
N SER A 6 -2.38 19.64 0.72
CA SER A 6 -3.80 19.75 0.41
C SER A 6 -4.63 19.29 1.62
N GLY A 7 -5.90 19.68 1.60
CA GLY A 7 -6.80 19.32 2.68
C GLY A 7 -7.39 17.93 2.46
N PRO A 8 -7.83 17.30 3.59
CA PRO A 8 -8.42 15.98 3.53
C PRO A 8 -9.83 16.03 2.96
N GLN A 9 -10.01 15.34 1.83
CA GLN A 9 -11.31 15.30 1.18
C GLN A 9 -11.85 13.87 1.17
N LEU A 10 -12.24 13.42 2.35
CA LEU A 10 -12.78 12.07 2.49
C LEU A 10 -13.53 11.96 3.82
N VAL A 11 -14.55 11.12 3.83
CA VAL A 11 -15.35 10.91 5.02
C VAL A 11 -14.43 10.80 6.23
N ARG A 12 -14.72 11.61 7.24
CA ARG A 12 -13.93 11.59 8.46
C ARG A 12 -14.76 11.09 9.64
N THR A 13 -15.84 11.82 9.92
CA THR A 13 -16.73 11.45 11.00
C THR A 13 -15.92 11.12 12.26
N HIS A 14 -16.61 10.54 13.24
CA HIS A 14 -15.97 10.17 14.48
C HIS A 14 -15.16 8.89 14.28
N GLU A 15 -13.86 9.02 14.48
CA GLU A 15 -12.96 7.89 14.32
C GLU A 15 -11.71 8.08 15.18
N ASP A 16 -11.28 6.99 15.81
CA ASP A 16 -10.10 7.02 16.65
C ASP A 16 -8.86 6.71 15.81
N VAL A 17 -8.83 5.50 15.28
CA VAL A 17 -7.72 5.07 14.45
C VAL A 17 -7.33 6.20 13.50
N PRO A 18 -6.12 6.05 12.90
CA PRO A 18 -5.61 7.05 11.98
C PRO A 18 -6.32 6.95 10.63
N GLY A 19 -5.89 7.80 9.70
CA GLY A 19 -6.48 7.82 8.37
C GLY A 19 -5.54 7.20 7.34
N PRO A 20 -5.70 7.63 6.07
CA PRO A 20 -4.87 7.12 5.00
C PRO A 20 -3.47 7.73 5.05
N VAL A 21 -2.48 6.86 4.89
CA VAL A 21 -1.09 7.29 4.92
C VAL A 21 -0.87 8.38 3.87
N GLY A 22 0.30 8.98 3.92
CA GLY A 22 0.64 10.03 2.99
C GLY A 22 0.13 9.70 1.58
N HIS A 23 0.92 8.93 0.86
CA HIS A 23 0.56 8.54 -0.49
C HIS A 23 1.36 7.30 -0.91
N LEU A 24 0.67 6.36 -1.52
CA LEU A 24 1.31 5.12 -1.96
C LEU A 24 2.39 5.46 -2.99
N SER A 25 3.49 4.73 -2.91
CA SER A 25 4.60 4.94 -3.82
C SER A 25 5.24 3.60 -4.17
N PHE A 26 5.41 3.39 -5.47
CA PHE A 26 6.02 2.16 -5.96
C PHE A 26 7.26 2.45 -6.80
N SER A 27 8.34 1.74 -6.49
CA SER A 27 9.59 1.91 -7.21
C SER A 27 10.29 0.57 -7.36
N GLU A 28 11.41 0.59 -8.07
CA GLU A 28 12.18 -0.62 -8.31
C GLU A 28 11.24 -1.80 -8.59
N ILE A 29 10.25 -1.53 -9.42
CA ILE A 29 9.28 -2.56 -9.78
C ILE A 29 9.94 -3.53 -10.76
N LEU A 30 9.46 -4.77 -10.71
CA LEU A 30 9.99 -5.81 -11.58
C LEU A 30 8.83 -6.58 -12.21
N ASP A 31 9.00 -7.89 -12.29
CA ASP A 31 7.97 -8.74 -12.86
C ASP A 31 7.22 -9.46 -11.74
N THR A 32 7.90 -9.62 -10.63
CA THR A 32 7.30 -10.28 -9.47
C THR A 32 7.90 -9.74 -8.17
N SER A 33 8.31 -8.48 -8.24
CA SER A 33 8.91 -7.83 -7.08
C SER A 33 8.92 -6.31 -7.27
N LEU A 34 8.38 -5.62 -6.28
CA LEU A 34 8.32 -4.16 -6.34
C LEU A 34 8.39 -3.60 -4.92
N LYS A 35 8.91 -2.38 -4.83
CA LYS A 35 9.04 -1.72 -3.53
C LYS A 35 7.83 -0.80 -3.32
N VAL A 36 7.36 -0.78 -2.08
CA VAL A 36 6.22 0.05 -1.74
C VAL A 36 6.64 1.09 -0.68
N SER A 37 6.27 2.32 -0.94
CA SER A 37 6.61 3.42 -0.03
C SER A 37 5.38 4.28 0.23
N TRP A 38 5.41 4.98 1.35
CA TRP A 38 4.31 5.84 1.72
C TRP A 38 4.84 6.89 2.70
N GLN A 39 3.92 7.63 3.30
CA GLN A 39 4.28 8.66 4.26
C GLN A 39 3.37 8.61 5.48
N GLU A 40 3.62 9.51 6.42
CA GLU A 40 2.84 9.56 7.63
C GLU A 40 1.52 10.31 7.38
N PRO A 41 0.42 9.72 7.92
CA PRO A 41 -0.90 10.33 7.76
C PRO A 41 -1.06 11.54 8.66
N GLY A 42 -1.88 12.47 8.20
CA GLY A 42 -2.13 13.68 8.96
C GLY A 42 -3.14 13.44 10.09
N GLU A 43 -3.72 12.24 10.06
CA GLU A 43 -4.69 11.87 11.08
C GLU A 43 -4.08 10.84 12.04
N LYS A 44 -2.82 11.07 12.37
CA LYS A 44 -2.11 10.18 13.28
C LYS A 44 -3.05 9.76 14.41
N ASN A 45 -3.90 10.71 14.82
CA ASN A 45 -4.85 10.45 15.89
C ASN A 45 -4.17 9.62 16.97
N GLY A 46 -3.04 10.11 17.45
CA GLY A 46 -2.29 9.42 18.48
C GLY A 46 -0.85 9.18 18.05
N ILE A 47 -0.22 8.21 18.71
CA ILE A 47 1.15 7.88 18.40
C ILE A 47 1.19 6.56 17.61
N LEU A 48 1.33 6.70 16.29
CA LEU A 48 1.38 5.54 15.43
C LEU A 48 2.22 4.44 16.09
N THR A 49 1.71 3.23 16.02
CA THR A 49 2.41 2.09 16.61
C THR A 49 3.03 1.23 15.51
N GLY A 50 2.60 1.48 14.28
CA GLY A 50 3.11 0.74 13.15
C GLY A 50 2.21 0.93 11.92
N TYR A 51 2.52 0.18 10.88
CA TYR A 51 1.75 0.26 9.65
C TYR A 51 1.47 -1.14 9.08
N ARG A 52 0.22 -1.35 8.71
CA ARG A 52 -0.19 -2.62 8.15
C ARG A 52 -0.25 -2.55 6.63
N ILE A 53 0.61 -3.32 5.98
CA ILE A 53 0.65 -3.35 4.53
C ILE A 53 0.07 -4.68 4.03
N SER A 54 -0.56 -4.61 2.86
CA SER A 54 -1.16 -5.79 2.26
C SER A 54 -1.19 -5.65 0.75
N TRP A 55 -0.44 -6.52 0.08
CA TRP A 55 -0.37 -6.50 -1.37
C TRP A 55 -1.24 -7.65 -1.89
N GLU A 56 -1.84 -7.41 -3.05
CA GLU A 56 -2.69 -8.41 -3.67
C GLU A 56 -3.00 -8.02 -5.12
N GLU A 57 -3.22 -9.03 -5.95
CA GLU A 57 -3.54 -8.81 -7.34
C GLU A 57 -4.65 -7.77 -7.48
N TYR A 58 -5.02 -7.50 -8.73
CA TYR A 58 -6.06 -6.54 -9.01
C TYR A 58 -7.36 -6.91 -8.29
N ASN A 59 -7.88 -8.07 -8.63
CA ASN A 59 -9.12 -8.56 -8.02
C ASN A 59 -8.93 -10.01 -7.61
N ARG A 60 -7.88 -10.25 -6.84
CA ARG A 60 -7.58 -11.59 -6.36
C ARG A 60 -7.04 -11.54 -4.93
N THR A 61 -7.98 -11.49 -3.98
CA THR A 61 -7.60 -11.43 -2.58
C THR A 61 -6.85 -12.71 -2.18
N ASN A 62 -7.22 -13.81 -2.83
CA ASN A 62 -6.59 -15.09 -2.55
C ASN A 62 -5.07 -14.92 -2.57
N THR A 63 -4.63 -13.89 -3.27
CA THR A 63 -3.20 -13.61 -3.37
C THR A 63 -2.83 -12.40 -2.52
N ARG A 64 -3.52 -12.28 -1.39
CA ARG A 64 -3.28 -11.18 -0.47
C ARG A 64 -2.41 -11.64 0.70
N VAL A 65 -1.61 -10.71 1.20
CA VAL A 65 -0.73 -11.01 2.31
C VAL A 65 -0.94 -9.97 3.42
N THR A 66 -0.53 -10.33 4.62
CA THR A 66 -0.66 -9.44 5.77
C THR A 66 0.68 -9.27 6.48
N HIS A 67 1.28 -8.12 6.28
CA HIS A 67 2.56 -7.82 6.89
C HIS A 67 2.40 -6.67 7.89
N TYR A 68 3.36 -6.57 8.79
CA TYR A 68 3.34 -5.53 9.81
C TYR A 68 4.69 -4.82 9.90
N LEU A 69 4.63 -3.50 10.06
CA LEU A 69 5.83 -2.70 10.16
C LEU A 69 5.69 -1.72 11.32
N PRO A 70 6.85 -1.22 11.80
CA PRO A 70 6.87 -0.28 12.90
C PRO A 70 6.44 1.12 12.43
N ASN A 71 6.40 2.05 13.38
CA ASN A 71 6.00 3.41 13.07
C ASN A 71 7.23 4.20 12.61
N VAL A 72 8.26 3.47 12.21
CA VAL A 72 9.49 4.08 11.75
C VAL A 72 9.66 3.81 10.26
N THR A 73 9.08 2.70 9.82
CA THR A 73 9.17 2.32 8.42
C THR A 73 7.90 2.74 7.67
N LEU A 74 8.10 3.17 6.43
CA LEU A 74 6.99 3.60 5.60
C LEU A 74 7.14 3.01 4.20
N GLU A 75 8.09 2.09 4.08
CA GLU A 75 8.34 1.44 2.81
C GLU A 75 8.67 -0.04 3.02
N TYR A 76 8.32 -0.83 2.02
CA TYR A 76 8.57 -2.27 2.09
C TYR A 76 8.61 -2.88 0.69
N ARG A 77 9.50 -3.85 0.53
CA ARG A 77 9.66 -4.52 -0.75
C ARG A 77 8.69 -5.71 -0.84
N VAL A 78 7.94 -5.74 -1.92
CA VAL A 78 6.98 -6.82 -2.14
C VAL A 78 7.60 -7.86 -3.07
N THR A 79 7.18 -9.10 -2.87
CA THR A 79 7.68 -10.20 -3.68
C THR A 79 6.63 -11.32 -3.77
N GLY A 80 6.65 -12.01 -4.90
CA GLY A 80 5.72 -13.11 -5.11
C GLY A 80 4.53 -12.66 -5.96
N LEU A 81 4.79 -11.66 -6.80
CA LEU A 81 3.75 -11.13 -7.67
C LEU A 81 3.81 -11.84 -9.02
N THR A 82 3.27 -11.17 -10.03
CA THR A 82 3.25 -11.73 -11.37
C THR A 82 3.70 -10.68 -12.39
N ALA A 83 4.41 -11.15 -13.41
CA ALA A 83 4.91 -10.26 -14.45
C ALA A 83 3.73 -9.76 -15.28
N LEU A 84 3.83 -8.49 -15.66
CA LEU A 84 2.78 -7.87 -16.46
C LEU A 84 1.41 -8.24 -15.88
N THR A 85 1.22 -7.90 -14.62
CA THR A 85 -0.03 -8.20 -13.94
C THR A 85 -0.42 -7.03 -13.03
N THR A 86 -1.72 -6.77 -12.98
CA THR A 86 -2.25 -5.69 -12.16
C THR A 86 -2.33 -6.14 -10.70
N TYR A 87 -1.81 -5.28 -9.82
CA TYR A 87 -1.82 -5.56 -8.40
C TYR A 87 -2.23 -4.32 -7.59
N THR A 88 -2.67 -4.57 -6.37
CA THR A 88 -3.09 -3.49 -5.49
C THR A 88 -2.42 -3.62 -4.12
N ILE A 89 -1.68 -2.58 -3.76
CA ILE A 89 -0.98 -2.57 -2.50
C ILE A 89 -1.71 -1.63 -1.52
N GLU A 90 -2.13 -2.20 -0.40
CA GLU A 90 -2.84 -1.43 0.61
C GLU A 90 -1.93 -1.19 1.82
N VAL A 91 -1.73 0.08 2.12
CA VAL A 91 -0.90 0.46 3.24
C VAL A 91 -1.76 1.16 4.30
N ALA A 92 -1.85 0.53 5.46
CA ALA A 92 -2.63 1.07 6.56
C ALA A 92 -1.69 1.48 7.69
N ALA A 93 -2.26 2.22 8.64
CA ALA A 93 -1.49 2.66 9.79
C ALA A 93 -2.09 2.08 11.07
N MET A 94 -1.20 1.73 11.99
CA MET A 94 -1.63 1.16 13.26
C MET A 94 -1.25 2.06 14.42
N THR A 95 -2.19 2.24 15.34
CA THR A 95 -1.97 3.07 16.51
C THR A 95 -2.12 2.24 17.79
N SER A 96 -2.17 2.95 18.90
CA SER A 96 -2.31 2.30 20.20
C SER A 96 -3.75 1.83 20.40
N LYS A 97 -4.57 2.09 19.40
CA LYS A 97 -5.96 1.71 19.44
C LYS A 97 -6.21 0.58 18.44
N GLY A 98 -5.60 0.72 17.27
CA GLY A 98 -5.74 -0.27 16.22
C GLY A 98 -5.32 0.30 14.87
N GLN A 99 -5.87 -0.29 13.82
CA GLN A 99 -5.56 0.14 12.47
C GLN A 99 -6.67 1.06 11.94
N GLY A 100 -6.26 2.04 11.15
CA GLY A 100 -7.20 2.99 10.58
C GLY A 100 -7.34 2.77 9.07
N GLN A 101 -7.72 3.84 8.38
CA GLN A 101 -7.89 3.78 6.94
C GLN A 101 -6.71 3.05 6.30
N VAL A 102 -6.87 2.75 5.02
CA VAL A 102 -5.84 2.05 4.28
C VAL A 102 -5.74 2.65 2.86
N SER A 103 -4.51 2.83 2.42
CA SER A 103 -4.26 3.39 1.10
C SER A 103 -3.93 2.26 0.11
N ALA A 104 -4.90 1.98 -0.74
CA ALA A 104 -4.73 0.93 -1.74
C ALA A 104 -4.58 1.57 -3.11
N SER A 105 -3.42 1.32 -3.73
CA SER A 105 -3.15 1.87 -5.04
C SER A 105 -2.87 0.74 -6.03
N THR A 106 -3.49 0.84 -7.19
CA THR A 106 -3.33 -0.17 -8.23
C THR A 106 -1.98 0.02 -8.93
N ILE A 107 -1.28 -1.11 -9.10
CA ILE A 107 0.02 -1.08 -9.75
C ILE A 107 0.21 -2.39 -10.52
N SER A 108 0.61 -2.25 -11.78
CA SER A 108 0.84 -3.41 -12.63
C SER A 108 2.34 -3.70 -12.72
N SER A 109 2.69 -4.91 -12.31
CA SER A 109 4.08 -5.33 -12.35
C SER A 109 4.79 -4.72 -13.56
N GLY A 110 6.07 -4.43 -13.38
CA GLY A 110 6.86 -3.85 -14.45
C GLY A 110 6.95 -4.79 -15.65
N VAL A 111 8.04 -5.54 -15.69
CA VAL A 111 8.26 -6.48 -16.77
C VAL A 111 9.41 -7.41 -16.40
N PRO A 112 9.27 -8.71 -16.81
CA PRO A 112 10.29 -9.70 -16.52
C PRO A 112 11.49 -9.52 -17.45
N PRO A 113 12.69 -9.41 -16.81
CA PRO A 113 13.92 -9.23 -17.56
C PRO A 113 14.35 -10.55 -18.22
N SER A 114 13.90 -11.65 -17.63
CA SER A 114 14.23 -12.96 -18.15
C SER A 114 15.67 -12.99 -18.64
N GLY A 115 16.59 -13.07 -17.67
CA GLY A 115 18.01 -13.11 -17.99
C GLY A 115 18.56 -11.69 -18.19
N PRO A 116 19.91 -11.60 -18.15
CA PRO A 116 20.57 -10.32 -18.33
C PRO A 116 20.55 -9.89 -19.80
N SER A 117 20.09 -8.67 -20.02
CA SER A 117 20.02 -8.13 -21.38
C SER A 117 18.90 -8.84 -22.15
N SER A 118 19.10 -10.14 -22.35
CA SER A 118 18.13 -10.94 -23.07
C SER A 118 18.48 -12.42 -22.97
N GLY A 119 19.68 -12.74 -23.42
CA GLY A 119 20.15 -14.11 -23.37
C GLY A 119 19.09 -15.08 -23.91
N GLY A 1 3.31 17.45 10.12
CA GLY A 1 2.06 16.76 9.88
C GLY A 1 1.29 17.39 8.72
N SER A 2 1.48 16.79 7.55
CA SER A 2 0.82 17.28 6.34
C SER A 2 0.20 16.11 5.58
N SER A 3 -0.90 16.41 4.90
CA SER A 3 -1.60 15.40 4.12
C SER A 3 -2.07 16.00 2.79
N GLY A 4 -2.50 15.11 1.90
CA GLY A 4 -2.98 15.53 0.59
C GLY A 4 -4.51 15.48 0.53
N SER A 5 -5.03 15.96 -0.58
CA SER A 5 -6.47 15.99 -0.79
C SER A 5 -7.14 16.79 0.33
N SER A 6 -8.39 17.14 0.08
CA SER A 6 -9.15 17.92 1.05
C SER A 6 -10.36 17.11 1.54
N GLY A 7 -11.20 16.74 0.58
CA GLY A 7 -12.40 15.97 0.90
C GLY A 7 -13.61 16.88 1.09
N PRO A 8 -14.42 16.99 0.00
CA PRO A 8 -15.61 17.83 0.03
C PRO A 8 -16.73 17.15 0.82
N GLN A 9 -17.66 17.97 1.28
CA GLN A 9 -18.78 17.47 2.05
C GLN A 9 -18.28 16.62 3.23
N LEU A 10 -18.15 17.27 4.37
CA LEU A 10 -17.68 16.59 5.57
C LEU A 10 -18.68 16.83 6.70
N VAL A 11 -18.42 16.17 7.82
CA VAL A 11 -19.28 16.30 8.98
C VAL A 11 -18.53 15.83 10.23
N ARG A 12 -19.02 16.27 11.38
CA ARG A 12 -18.41 15.90 12.64
C ARG A 12 -17.95 14.45 12.62
N THR A 13 -16.88 14.18 13.34
CA THR A 13 -16.33 12.84 13.41
C THR A 13 -15.24 12.76 14.47
N HIS A 14 -14.87 11.53 14.82
CA HIS A 14 -13.85 11.30 15.81
C HIS A 14 -13.36 9.85 15.73
N GLU A 15 -12.41 9.63 14.84
CA GLU A 15 -11.85 8.30 14.64
C GLU A 15 -10.63 8.10 15.55
N ASP A 16 -10.69 7.03 16.34
CA ASP A 16 -9.60 6.72 17.25
C ASP A 16 -8.38 6.28 16.45
N VAL A 17 -8.64 5.61 15.34
CA VAL A 17 -7.57 5.13 14.48
C VAL A 17 -7.18 6.25 13.50
N PRO A 18 -5.99 6.06 12.87
CA PRO A 18 -5.49 7.03 11.91
C PRO A 18 -6.26 6.95 10.59
N GLY A 19 -5.85 7.79 9.66
CA GLY A 19 -6.49 7.82 8.34
C GLY A 19 -5.56 7.24 7.28
N PRO A 20 -5.79 7.69 6.01
CA PRO A 20 -4.99 7.23 4.89
C PRO A 20 -3.60 7.88 4.91
N VAL A 21 -2.59 7.03 4.73
CA VAL A 21 -1.22 7.51 4.72
C VAL A 21 -1.04 8.55 3.61
N GLY A 22 0.09 9.23 3.66
CA GLY A 22 0.38 10.25 2.67
C GLY A 22 -0.10 9.82 1.28
N HIS A 23 0.73 9.03 0.62
CA HIS A 23 0.40 8.54 -0.71
C HIS A 23 1.24 7.30 -1.03
N LEU A 24 0.64 6.40 -1.77
CA LEU A 24 1.31 5.17 -2.15
C LEU A 24 2.39 5.48 -3.18
N SER A 25 3.49 4.75 -3.09
CA SER A 25 4.60 4.94 -4.01
C SER A 25 5.23 3.59 -4.35
N PHE A 26 5.66 3.48 -5.61
CA PHE A 26 6.27 2.25 -6.08
C PHE A 26 7.51 2.55 -6.92
N SER A 27 8.62 1.94 -6.52
CA SER A 27 9.87 2.13 -7.22
C SER A 27 10.58 0.79 -7.40
N GLU A 28 11.65 0.82 -8.18
CA GLU A 28 12.43 -0.39 -8.44
C GLU A 28 11.50 -1.59 -8.61
N ILE A 29 10.49 -1.39 -9.46
CA ILE A 29 9.52 -2.44 -9.72
C ILE A 29 10.15 -3.48 -10.66
N LEU A 30 9.75 -4.73 -10.47
CA LEU A 30 10.27 -5.81 -11.29
C LEU A 30 9.11 -6.48 -12.03
N ASP A 31 9.20 -7.81 -12.13
CA ASP A 31 8.17 -8.58 -12.80
C ASP A 31 7.33 -9.31 -11.76
N THR A 32 7.92 -9.49 -10.59
CA THR A 32 7.23 -10.17 -9.51
C THR A 32 7.72 -9.65 -8.15
N SER A 33 8.18 -8.40 -8.17
CA SER A 33 8.69 -7.78 -6.96
C SER A 33 8.82 -6.27 -7.16
N LEU A 34 8.24 -5.52 -6.24
CA LEU A 34 8.28 -4.08 -6.31
C LEU A 34 8.41 -3.50 -4.90
N LYS A 35 9.00 -2.32 -4.82
CA LYS A 35 9.19 -1.65 -3.54
C LYS A 35 8.01 -0.70 -3.29
N VAL A 36 7.40 -0.85 -2.13
CA VAL A 36 6.28 -0.01 -1.76
C VAL A 36 6.75 1.07 -0.78
N SER A 37 6.19 2.26 -0.95
CA SER A 37 6.55 3.37 -0.08
C SER A 37 5.31 4.24 0.19
N TRP A 38 5.39 5.00 1.27
CA TRP A 38 4.29 5.86 1.66
C TRP A 38 4.83 6.91 2.63
N GLN A 39 3.91 7.68 3.20
CA GLN A 39 4.28 8.72 4.15
C GLN A 39 3.36 8.67 5.37
N GLU A 40 3.65 9.55 6.31
CA GLU A 40 2.87 9.62 7.53
C GLU A 40 1.59 10.43 7.29
N PRO A 41 0.46 9.87 7.79
CA PRO A 41 -0.84 10.52 7.64
C PRO A 41 -0.96 11.72 8.59
N GLY A 42 -1.78 12.67 8.17
CA GLY A 42 -1.99 13.87 8.98
C GLY A 42 -3.09 13.64 10.01
N GLU A 43 -3.69 12.46 9.94
CA GLU A 43 -4.75 12.10 10.86
C GLU A 43 -4.31 10.95 11.76
N LYS A 44 -3.04 10.99 12.14
CA LYS A 44 -2.48 9.97 13.00
C LYS A 44 -3.50 9.59 14.07
N ASN A 45 -4.31 10.57 14.43
CA ASN A 45 -5.33 10.36 15.45
C ASN A 45 -4.76 9.53 16.59
N GLY A 46 -3.47 9.73 16.83
CA GLY A 46 -2.78 9.01 17.89
C GLY A 46 -1.34 8.68 17.49
N ILE A 47 -0.62 8.07 18.41
CA ILE A 47 0.76 7.70 18.17
C ILE A 47 0.80 6.41 17.35
N LEU A 48 1.36 6.53 16.15
CA LEU A 48 1.48 5.38 15.26
C LEU A 48 2.37 4.32 15.91
N THR A 49 1.85 3.11 15.96
CA THR A 49 2.59 2.00 16.55
C THR A 49 3.19 1.11 15.46
N GLY A 50 2.75 1.36 14.23
CA GLY A 50 3.23 0.60 13.10
C GLY A 50 2.31 0.77 11.89
N TYR A 51 2.65 0.07 10.82
CA TYR A 51 1.87 0.13 9.60
C TYR A 51 1.58 -1.27 9.06
N ARG A 52 0.32 -1.47 8.68
CA ARG A 52 -0.10 -2.76 8.16
C ARG A 52 -0.23 -2.69 6.63
N ILE A 53 0.67 -3.39 5.96
CA ILE A 53 0.67 -3.41 4.51
C ILE A 53 0.06 -4.73 4.02
N SER A 54 -0.59 -4.65 2.88
CA SER A 54 -1.21 -5.84 2.29
C SER A 54 -1.26 -5.70 0.77
N TRP A 55 -0.55 -6.59 0.10
CA TRP A 55 -0.51 -6.59 -1.35
C TRP A 55 -1.42 -7.71 -1.85
N GLU A 56 -2.06 -7.44 -2.97
CA GLU A 56 -2.97 -8.42 -3.57
C GLU A 56 -3.26 -8.04 -5.02
N GLU A 57 -3.43 -9.08 -5.84
CA GLU A 57 -3.72 -8.87 -7.24
C GLU A 57 -4.85 -7.85 -7.42
N TYR A 58 -5.10 -7.50 -8.67
CA TYR A 58 -6.14 -6.53 -8.99
C TYR A 58 -7.46 -6.92 -8.32
N ASN A 59 -7.97 -8.07 -8.70
CA ASN A 59 -9.22 -8.57 -8.14
C ASN A 59 -9.07 -10.05 -7.79
N ARG A 60 -8.09 -10.33 -6.94
CA ARG A 60 -7.84 -11.69 -6.52
C ARG A 60 -7.18 -11.71 -5.14
N THR A 61 -8.04 -11.66 -4.12
CA THR A 61 -7.56 -11.67 -2.75
C THR A 61 -6.76 -12.94 -2.46
N ASN A 62 -7.03 -13.96 -3.27
CA ASN A 62 -6.35 -15.23 -3.11
C ASN A 62 -4.83 -14.98 -3.04
N THR A 63 -4.43 -13.86 -3.61
CA THR A 63 -3.02 -13.49 -3.61
C THR A 63 -2.76 -12.32 -2.67
N ARG A 64 -3.51 -12.32 -1.57
CA ARG A 64 -3.37 -11.25 -0.59
C ARG A 64 -2.44 -11.70 0.54
N VAL A 65 -1.87 -10.71 1.22
CA VAL A 65 -0.96 -10.99 2.32
C VAL A 65 -1.15 -9.93 3.41
N THR A 66 -0.71 -10.28 4.61
CA THR A 66 -0.83 -9.37 5.74
C THR A 66 0.52 -9.25 6.47
N HIS A 67 1.17 -8.12 6.25
CA HIS A 67 2.45 -7.86 6.88
C HIS A 67 2.33 -6.72 7.89
N TYR A 68 3.31 -6.62 8.76
CA TYR A 68 3.32 -5.57 9.77
C TYR A 68 4.68 -4.88 9.83
N LEU A 69 4.63 -3.57 9.98
CA LEU A 69 5.84 -2.77 10.05
C LEU A 69 5.74 -1.80 11.23
N PRO A 70 6.94 -1.31 11.68
CA PRO A 70 6.99 -0.38 12.79
C PRO A 70 6.55 1.02 12.35
N ASN A 71 6.53 1.93 13.32
CA ASN A 71 6.12 3.30 13.05
C ASN A 71 7.34 4.10 12.60
N VAL A 72 8.32 3.39 12.08
CA VAL A 72 9.55 4.02 11.60
C VAL A 72 9.70 3.78 10.10
N THR A 73 9.18 2.64 9.67
CA THR A 73 9.26 2.27 8.26
C THR A 73 7.97 2.68 7.54
N LEU A 74 8.13 3.08 6.28
CA LEU A 74 7.01 3.49 5.47
C LEU A 74 7.14 2.90 4.07
N GLU A 75 8.07 1.96 3.95
CA GLU A 75 8.31 1.31 2.67
C GLU A 75 8.68 -0.16 2.89
N TYR A 76 8.28 -0.99 1.94
CA TYR A 76 8.56 -2.40 2.01
C TYR A 76 8.58 -3.04 0.62
N ARG A 77 9.42 -4.05 0.46
CA ARG A 77 9.55 -4.74 -0.80
C ARG A 77 8.56 -5.90 -0.87
N VAL A 78 7.78 -5.91 -1.95
CA VAL A 78 6.80 -6.97 -2.14
C VAL A 78 7.38 -8.04 -3.07
N THR A 79 6.98 -9.27 -2.81
CA THR A 79 7.45 -10.39 -3.61
C THR A 79 6.35 -11.45 -3.74
N GLY A 80 6.41 -12.18 -4.84
CA GLY A 80 5.43 -13.22 -5.10
C GLY A 80 4.30 -12.71 -5.99
N LEU A 81 4.62 -11.72 -6.79
CA LEU A 81 3.64 -11.13 -7.69
C LEU A 81 3.71 -11.84 -9.06
N THR A 82 3.43 -11.07 -10.09
CA THR A 82 3.45 -11.61 -11.45
C THR A 82 3.82 -10.52 -12.45
N ALA A 83 4.48 -10.95 -13.51
CA ALA A 83 4.90 -10.01 -14.55
C ALA A 83 3.67 -9.34 -15.15
N LEU A 84 3.79 -8.04 -15.37
CA LEU A 84 2.70 -7.26 -15.94
C LEU A 84 1.37 -7.78 -15.37
N THR A 85 1.25 -7.68 -14.05
CA THR A 85 0.05 -8.13 -13.38
C THR A 85 -0.49 -7.03 -12.45
N THR A 86 -1.69 -6.57 -12.76
CA THR A 86 -2.32 -5.53 -11.97
C THR A 86 -2.47 -5.97 -10.52
N TYR A 87 -1.79 -5.24 -9.64
CA TYR A 87 -1.83 -5.55 -8.22
C TYR A 87 -2.27 -4.33 -7.41
N THR A 88 -2.75 -4.60 -6.20
CA THR A 88 -3.20 -3.54 -5.32
C THR A 88 -2.50 -3.64 -3.96
N ILE A 89 -1.71 -2.61 -3.65
CA ILE A 89 -0.99 -2.58 -2.39
C ILE A 89 -1.72 -1.66 -1.41
N GLU A 90 -2.19 -2.25 -0.33
CA GLU A 90 -2.89 -1.49 0.69
C GLU A 90 -1.98 -1.22 1.89
N VAL A 91 -1.76 0.06 2.14
CA VAL A 91 -0.92 0.47 3.25
C VAL A 91 -1.77 1.12 4.34
N ALA A 92 -1.81 0.48 5.49
CA ALA A 92 -2.58 0.98 6.61
C ALA A 92 -1.64 1.43 7.72
N ALA A 93 -2.20 2.17 8.67
CA ALA A 93 -1.41 2.67 9.78
C ALA A 93 -2.02 2.15 11.09
N MET A 94 -1.14 1.70 11.98
CA MET A 94 -1.58 1.17 13.26
C MET A 94 -1.15 2.10 14.40
N THR A 95 -2.05 2.28 15.35
CA THR A 95 -1.78 3.14 16.49
C THR A 95 -1.89 2.34 17.79
N SER A 96 -1.92 3.07 18.90
CA SER A 96 -2.02 2.44 20.20
C SER A 96 -3.46 1.96 20.45
N LYS A 97 -4.31 2.23 19.47
CA LYS A 97 -5.70 1.84 19.56
C LYS A 97 -5.97 0.68 18.58
N GLY A 98 -5.39 0.81 17.40
CA GLY A 98 -5.54 -0.21 16.37
C GLY A 98 -5.15 0.33 15.00
N GLN A 99 -5.81 -0.19 13.98
CA GLN A 99 -5.54 0.24 12.61
C GLN A 99 -6.65 1.16 12.11
N GLY A 100 -6.28 2.04 11.19
CA GLY A 100 -7.23 2.98 10.63
C GLY A 100 -7.39 2.74 9.12
N GLN A 101 -7.71 3.82 8.42
CA GLN A 101 -7.89 3.75 6.98
C GLN A 101 -6.73 3.00 6.33
N VAL A 102 -6.84 2.81 5.03
CA VAL A 102 -5.81 2.12 4.27
C VAL A 102 -5.72 2.72 2.87
N SER A 103 -4.49 2.88 2.41
CA SER A 103 -4.25 3.45 1.10
C SER A 103 -3.91 2.33 0.10
N ALA A 104 -4.89 1.99 -0.71
CA ALA A 104 -4.71 0.95 -1.70
C ALA A 104 -4.48 1.58 -3.07
N SER A 105 -3.31 1.32 -3.62
CA SER A 105 -2.97 1.87 -4.93
C SER A 105 -2.75 0.73 -5.93
N THR A 106 -3.38 0.87 -7.08
CA THR A 106 -3.28 -0.14 -8.13
C THR A 106 -1.94 -0.02 -8.85
N ILE A 107 -1.25 -1.15 -8.94
CA ILE A 107 0.05 -1.17 -9.60
C ILE A 107 0.24 -2.55 -10.26
N SER A 108 0.59 -2.50 -11.54
CA SER A 108 0.81 -3.73 -12.29
C SER A 108 2.31 -4.05 -12.34
N SER A 109 2.75 -4.83 -11.37
CA SER A 109 4.15 -5.21 -11.29
C SER A 109 5.00 -4.24 -12.11
N GLY A 110 5.87 -4.81 -12.94
CA GLY A 110 6.75 -4.00 -13.78
C GLY A 110 6.96 -4.67 -15.14
N VAL A 111 7.96 -5.53 -15.19
CA VAL A 111 8.27 -6.24 -16.42
C VAL A 111 9.45 -7.20 -16.17
N PRO A 112 9.35 -8.39 -16.79
CA PRO A 112 10.39 -9.39 -16.64
C PRO A 112 11.63 -9.02 -17.46
N PRO A 113 12.80 -9.04 -16.78
CA PRO A 113 14.06 -8.70 -17.43
C PRO A 113 14.53 -9.86 -18.32
N SER A 114 13.98 -11.04 -18.05
CA SER A 114 14.34 -12.21 -18.82
C SER A 114 13.50 -12.29 -20.09
N GLY A 115 13.99 -11.63 -21.13
CA GLY A 115 13.30 -11.62 -22.41
C GLY A 115 14.28 -11.87 -23.56
N PRO A 116 13.89 -11.34 -24.75
CA PRO A 116 14.71 -11.51 -25.94
C PRO A 116 15.95 -10.60 -25.89
N SER A 117 16.83 -10.78 -26.86
CA SER A 117 18.04 -9.99 -26.94
C SER A 117 18.36 -9.67 -28.40
N SER A 118 18.76 -8.42 -28.63
CA SER A 118 19.09 -7.97 -29.97
C SER A 118 17.86 -8.05 -30.87
N GLY A 119 17.72 -7.02 -31.70
CA GLY A 119 16.59 -6.96 -32.61
C GLY A 119 15.27 -6.81 -31.85
N GLY A 1 -0.57 5.68 -13.18
CA GLY A 1 -0.66 6.19 -11.82
C GLY A 1 -1.84 5.55 -11.08
N SER A 2 -2.39 6.31 -10.14
CA SER A 2 -3.52 5.83 -9.36
C SER A 2 -4.35 7.02 -8.86
N SER A 3 -5.65 6.91 -9.06
CA SER A 3 -6.57 7.97 -8.63
C SER A 3 -8.00 7.45 -8.63
N GLY A 4 -8.81 8.05 -7.77
CA GLY A 4 -10.21 7.65 -7.66
C GLY A 4 -11.07 8.82 -7.21
N SER A 5 -12.35 8.75 -7.55
CA SER A 5 -13.29 9.80 -7.18
C SER A 5 -14.70 9.22 -7.07
N SER A 6 -15.19 9.16 -5.84
CA SER A 6 -16.51 8.64 -5.58
C SER A 6 -17.22 9.49 -4.52
N GLY A 7 -18.53 9.31 -4.45
CA GLY A 7 -19.33 10.05 -3.49
C GLY A 7 -20.51 9.21 -2.99
N PRO A 8 -20.26 8.51 -1.84
CA PRO A 8 -21.28 7.67 -1.25
C PRO A 8 -22.34 8.51 -0.54
N GLN A 9 -23.31 7.82 0.06
CA GLN A 9 -24.38 8.49 0.78
C GLN A 9 -23.83 9.22 2.00
N LEU A 10 -24.29 10.44 2.18
CA LEU A 10 -23.85 11.26 3.31
C LEU A 10 -24.01 10.45 4.60
N VAL A 11 -22.98 10.50 5.42
CA VAL A 11 -22.99 9.79 6.69
C VAL A 11 -21.96 10.41 7.64
N ARG A 12 -22.35 10.51 8.90
CA ARG A 12 -21.48 11.08 9.91
C ARG A 12 -21.14 10.03 10.97
N THR A 13 -19.90 9.56 10.93
CA THR A 13 -19.45 8.56 11.88
C THR A 13 -18.10 8.95 12.46
N HIS A 14 -17.93 8.67 13.75
CA HIS A 14 -16.69 8.99 14.44
C HIS A 14 -15.65 7.91 14.15
N GLU A 15 -14.46 8.12 14.68
CA GLU A 15 -13.37 7.17 14.49
C GLU A 15 -12.17 7.58 15.34
N ASP A 16 -11.41 6.56 15.76
CA ASP A 16 -10.23 6.80 16.57
C ASP A 16 -8.98 6.55 15.73
N VAL A 17 -8.90 5.34 15.18
CA VAL A 17 -7.78 4.97 14.35
C VAL A 17 -7.43 6.13 13.40
N PRO A 18 -6.22 6.03 12.80
CA PRO A 18 -5.76 7.06 11.88
C PRO A 18 -6.47 6.93 10.53
N GLY A 19 -6.11 7.83 9.62
CA GLY A 19 -6.71 7.84 8.30
C GLY A 19 -5.76 7.22 7.27
N PRO A 20 -5.90 7.70 6.00
CA PRO A 20 -5.06 7.20 4.92
C PRO A 20 -3.65 7.78 5.02
N VAL A 21 -2.68 6.89 4.92
CA VAL A 21 -1.28 7.29 4.99
C VAL A 21 -1.00 8.34 3.92
N GLY A 22 0.27 8.69 3.79
CA GLY A 22 0.68 9.68 2.81
C GLY A 22 0.32 9.22 1.39
N HIS A 23 1.23 9.52 0.47
CA HIS A 23 1.02 9.15 -0.93
C HIS A 23 1.86 7.92 -1.26
N LEU A 24 1.17 6.79 -1.40
CA LEU A 24 1.85 5.54 -1.72
C LEU A 24 2.74 5.75 -2.94
N SER A 25 3.83 4.99 -2.97
CA SER A 25 4.77 5.08 -4.08
C SER A 25 5.33 3.69 -4.40
N PHE A 26 5.72 3.52 -5.65
CA PHE A 26 6.28 2.25 -6.10
C PHE A 26 7.54 2.47 -6.92
N SER A 27 8.61 1.82 -6.49
CA SER A 27 9.88 1.94 -7.19
C SER A 27 10.50 0.54 -7.37
N GLU A 28 11.63 0.52 -8.08
CA GLU A 28 12.32 -0.73 -8.34
C GLU A 28 11.32 -1.85 -8.63
N ILE A 29 10.48 -1.61 -9.62
CA ILE A 29 9.47 -2.58 -10.01
C ILE A 29 10.05 -3.52 -11.06
N LEU A 30 9.81 -4.81 -10.87
CA LEU A 30 10.30 -5.81 -11.79
C LEU A 30 9.12 -6.51 -12.47
N ASP A 31 9.06 -7.82 -12.30
CA ASP A 31 7.99 -8.60 -12.89
C ASP A 31 7.10 -9.16 -11.77
N THR A 32 7.72 -9.40 -10.63
CA THR A 32 7.00 -9.93 -9.48
C THR A 32 7.58 -9.36 -8.18
N SER A 33 8.32 -8.28 -8.33
CA SER A 33 8.94 -7.64 -7.18
C SER A 33 8.92 -6.11 -7.36
N LEU A 34 8.49 -5.43 -6.31
CA LEU A 34 8.42 -3.98 -6.34
C LEU A 34 8.50 -3.44 -4.91
N LYS A 35 9.05 -2.24 -4.79
CA LYS A 35 9.19 -1.61 -3.49
C LYS A 35 8.01 -0.67 -3.26
N VAL A 36 7.44 -0.78 -2.06
CA VAL A 36 6.30 0.04 -1.69
C VAL A 36 6.74 1.11 -0.70
N SER A 37 6.12 2.27 -0.79
CA SER A 37 6.44 3.37 0.10
C SER A 37 5.16 4.14 0.47
N TRP A 38 5.30 5.02 1.45
CA TRP A 38 4.18 5.82 1.90
C TRP A 38 4.68 6.79 2.98
N GLN A 39 3.86 7.79 3.25
CA GLN A 39 4.21 8.78 4.26
C GLN A 39 3.28 8.67 5.46
N GLU A 40 3.53 9.53 6.45
CA GLU A 40 2.72 9.53 7.65
C GLU A 40 1.43 10.32 7.42
N PRO A 41 0.31 9.73 7.91
CA PRO A 41 -0.99 10.37 7.76
C PRO A 41 -1.14 11.56 8.72
N GLY A 42 -1.94 12.52 8.30
CA GLY A 42 -2.18 13.71 9.10
C GLY A 42 -3.24 13.44 10.17
N GLU A 43 -3.85 12.26 10.08
CA GLU A 43 -4.88 11.88 11.02
C GLU A 43 -4.34 10.84 12.00
N LYS A 44 -3.07 10.99 12.34
CA LYS A 44 -2.43 10.08 13.27
C LYS A 44 -3.40 9.71 14.39
N ASN A 45 -4.22 10.69 14.75
CA ASN A 45 -5.19 10.50 15.81
C ASN A 45 -4.57 9.65 16.93
N GLY A 46 -3.34 9.99 17.26
CA GLY A 46 -2.62 9.27 18.29
C GLY A 46 -1.17 9.01 17.89
N ILE A 47 -0.56 8.06 18.58
CA ILE A 47 0.83 7.72 18.30
C ILE A 47 0.86 6.41 17.51
N LEU A 48 1.30 6.52 16.25
CA LEU A 48 1.38 5.37 15.38
C LEU A 48 2.34 4.35 16.00
N THR A 49 1.98 3.07 15.85
CA THR A 49 2.79 2.00 16.38
C THR A 49 3.39 1.18 15.24
N GLY A 50 2.80 1.33 14.07
CA GLY A 50 3.26 0.60 12.89
C GLY A 50 2.32 0.81 11.71
N TYR A 51 2.52 0.01 10.68
CA TYR A 51 1.70 0.10 9.48
C TYR A 51 1.43 -1.29 8.90
N ARG A 52 0.18 -1.49 8.50
CA ARG A 52 -0.22 -2.77 7.93
C ARG A 52 -0.29 -2.67 6.40
N ILE A 53 0.61 -3.41 5.76
CA ILE A 53 0.67 -3.41 4.30
C ILE A 53 0.09 -4.73 3.77
N SER A 54 -0.50 -4.65 2.59
CA SER A 54 -1.08 -5.82 1.97
C SER A 54 -1.12 -5.64 0.45
N TRP A 55 -0.44 -6.54 -0.24
CA TRP A 55 -0.39 -6.50 -1.68
C TRP A 55 -1.24 -7.65 -2.23
N GLU A 56 -2.21 -7.28 -3.06
CA GLU A 56 -3.10 -8.26 -3.66
C GLU A 56 -3.50 -7.83 -5.07
N GLU A 57 -3.58 -8.83 -5.94
CA GLU A 57 -3.95 -8.56 -7.33
C GLU A 57 -5.16 -7.63 -7.39
N TYR A 58 -5.49 -7.23 -8.61
CA TYR A 58 -6.62 -6.34 -8.82
C TYR A 58 -7.87 -6.84 -8.09
N ASN A 59 -8.30 -8.03 -8.50
CA ASN A 59 -9.47 -8.65 -7.89
C ASN A 59 -9.11 -10.04 -7.38
N ARG A 60 -8.32 -10.06 -6.32
CA ARG A 60 -7.89 -11.32 -5.73
C ARG A 60 -7.56 -11.13 -4.25
N THR A 61 -8.47 -11.58 -3.41
CA THR A 61 -8.29 -11.46 -1.97
C THR A 61 -7.51 -12.66 -1.43
N ASN A 62 -7.19 -13.58 -2.34
CA ASN A 62 -6.45 -14.77 -1.97
C ASN A 62 -4.95 -14.46 -2.01
N THR A 63 -4.58 -13.56 -2.90
CA THR A 63 -3.19 -13.17 -3.05
C THR A 63 -2.88 -11.97 -2.15
N ARG A 64 -3.63 -11.87 -1.07
CA ARG A 64 -3.45 -10.78 -0.12
C ARG A 64 -2.47 -11.20 0.98
N VAL A 65 -1.49 -10.35 1.22
CA VAL A 65 -0.49 -10.61 2.24
C VAL A 65 -0.72 -9.67 3.43
N THR A 66 -0.16 -10.06 4.56
CA THR A 66 -0.30 -9.26 5.78
C THR A 66 1.08 -9.03 6.41
N HIS A 67 1.46 -7.77 6.47
CA HIS A 67 2.74 -7.40 7.06
C HIS A 67 2.54 -6.26 8.05
N TYR A 68 3.29 -6.33 9.15
CA TYR A 68 3.21 -5.32 10.18
C TYR A 68 4.56 -4.64 10.41
N LEU A 69 4.69 -3.44 9.89
CA LEU A 69 5.93 -2.68 10.03
C LEU A 69 5.79 -1.70 11.19
N PRO A 70 6.97 -1.22 11.67
CA PRO A 70 7.00 -0.27 12.78
C PRO A 70 6.57 1.12 12.32
N ASN A 71 6.48 2.02 13.29
CA ASN A 71 6.10 3.40 12.99
C ASN A 71 7.33 4.18 12.53
N VAL A 72 8.36 3.44 12.16
CA VAL A 72 9.59 4.04 11.70
C VAL A 72 9.78 3.76 10.21
N THR A 73 9.07 2.74 9.75
CA THR A 73 9.15 2.34 8.35
C THR A 73 7.86 2.71 7.62
N LEU A 74 8.02 3.11 6.36
CA LEU A 74 6.88 3.50 5.55
C LEU A 74 7.04 2.92 4.15
N GLU A 75 8.01 2.02 4.02
CA GLU A 75 8.28 1.38 2.75
C GLU A 75 8.71 -0.07 2.96
N TYR A 76 8.25 -0.93 2.06
CA TYR A 76 8.59 -2.34 2.14
C TYR A 76 8.65 -2.97 0.75
N ARG A 77 9.59 -3.89 0.59
CA ARG A 77 9.76 -4.56 -0.68
C ARG A 77 8.76 -5.71 -0.81
N VAL A 78 8.05 -5.73 -1.93
CA VAL A 78 7.07 -6.76 -2.19
C VAL A 78 7.65 -7.78 -3.18
N THR A 79 7.24 -9.02 -2.99
CA THR A 79 7.71 -10.10 -3.85
C THR A 79 6.72 -11.26 -3.83
N GLY A 80 6.62 -11.93 -4.97
CA GLY A 80 5.72 -13.06 -5.10
C GLY A 80 4.47 -12.68 -5.90
N LEU A 81 4.60 -11.61 -6.67
CA LEU A 81 3.50 -11.13 -7.48
C LEU A 81 3.45 -11.93 -8.78
N THR A 82 3.15 -11.22 -9.86
CA THR A 82 3.06 -11.85 -11.17
C THR A 82 3.59 -10.92 -12.25
N ALA A 83 4.16 -11.50 -13.28
CA ALA A 83 4.71 -10.73 -14.39
C ALA A 83 3.55 -10.08 -15.16
N LEU A 84 3.79 -8.84 -15.55
CA LEU A 84 2.78 -8.09 -16.30
C LEU A 84 1.41 -8.37 -15.70
N THR A 85 1.27 -8.02 -14.43
CA THR A 85 0.00 -8.23 -13.73
C THR A 85 -0.33 -7.01 -12.87
N THR A 86 -1.62 -6.75 -12.73
CA THR A 86 -2.08 -5.63 -11.94
C THR A 86 -2.22 -6.03 -10.47
N TYR A 87 -1.62 -5.21 -9.61
CA TYR A 87 -1.66 -5.46 -8.19
C TYR A 87 -2.00 -4.20 -7.41
N THR A 88 -2.64 -4.39 -6.26
CA THR A 88 -3.02 -3.26 -5.42
C THR A 88 -2.43 -3.41 -4.03
N ILE A 89 -1.51 -2.50 -3.71
CA ILE A 89 -0.85 -2.53 -2.42
C ILE A 89 -1.62 -1.64 -1.44
N GLU A 90 -2.14 -2.27 -0.39
CA GLU A 90 -2.89 -1.55 0.62
C GLU A 90 -2.02 -1.26 1.84
N VAL A 91 -1.82 0.02 2.09
CA VAL A 91 -1.00 0.45 3.23
C VAL A 91 -1.91 1.09 4.28
N ALA A 92 -1.91 0.48 5.46
CA ALA A 92 -2.72 0.99 6.57
C ALA A 92 -1.80 1.35 7.73
N ALA A 93 -2.34 2.16 8.63
CA ALA A 93 -1.59 2.58 9.80
C ALA A 93 -2.08 1.81 11.02
N MET A 94 -1.24 1.80 12.05
CA MET A 94 -1.58 1.09 13.28
C MET A 94 -1.13 1.90 14.50
N THR A 95 -2.05 2.05 15.44
CA THR A 95 -1.77 2.79 16.66
C THR A 95 -1.98 1.89 17.88
N SER A 96 -2.09 2.54 19.03
CA SER A 96 -2.29 1.83 20.28
C SER A 96 -3.77 1.42 20.42
N LYS A 97 -4.53 1.72 19.39
CA LYS A 97 -5.95 1.39 19.37
C LYS A 97 -6.21 0.28 18.36
N GLY A 98 -5.56 0.41 17.21
CA GLY A 98 -5.71 -0.57 16.14
C GLY A 98 -5.26 0.01 14.80
N GLN A 99 -5.86 -0.51 13.74
CA GLN A 99 -5.53 -0.07 12.40
C GLN A 99 -6.62 0.88 11.87
N GLY A 100 -6.18 1.86 11.10
CA GLY A 100 -7.10 2.84 10.53
C GLY A 100 -7.28 2.60 9.03
N GLN A 101 -7.61 3.68 8.33
CA GLN A 101 -7.82 3.61 6.89
C GLN A 101 -6.66 2.86 6.22
N VAL A 102 -6.80 2.68 4.92
CA VAL A 102 -5.78 1.99 4.16
C VAL A 102 -5.65 2.62 2.77
N SER A 103 -4.42 2.75 2.32
CA SER A 103 -4.14 3.33 1.02
C SER A 103 -3.81 2.24 0.01
N ALA A 104 -4.80 1.92 -0.82
CA ALA A 104 -4.62 0.89 -1.83
C ALA A 104 -4.34 1.56 -3.19
N SER A 105 -3.16 1.27 -3.72
CA SER A 105 -2.75 1.83 -4.99
C SER A 105 -2.51 0.71 -6.01
N THR A 106 -3.16 0.84 -7.15
CA THR A 106 -3.04 -0.15 -8.21
C THR A 106 -1.71 0.03 -8.95
N ILE A 107 -1.01 -1.08 -9.15
CA ILE A 107 0.26 -1.05 -9.85
C ILE A 107 0.43 -2.34 -10.65
N SER A 108 0.84 -2.18 -11.89
CA SER A 108 1.05 -3.32 -12.77
C SER A 108 2.53 -3.67 -12.84
N SER A 109 2.86 -4.89 -12.43
CA SER A 109 4.23 -5.35 -12.44
C SER A 109 4.94 -4.84 -13.69
N GLY A 110 6.23 -4.56 -13.53
CA GLY A 110 7.02 -4.07 -14.64
C GLY A 110 7.06 -5.07 -15.79
N VAL A 111 8.07 -5.93 -15.77
CA VAL A 111 8.22 -6.94 -16.80
C VAL A 111 9.41 -7.83 -16.47
N PRO A 112 9.24 -9.15 -16.75
CA PRO A 112 10.30 -10.12 -16.49
C PRO A 112 11.42 -10.00 -17.52
N PRO A 113 12.67 -9.84 -17.00
CA PRO A 113 13.83 -9.72 -17.87
C PRO A 113 14.21 -11.07 -18.48
N SER A 114 13.80 -12.12 -17.79
CA SER A 114 14.10 -13.48 -18.24
C SER A 114 15.51 -13.54 -18.82
N GLY A 115 16.48 -13.51 -17.91
CA GLY A 115 17.88 -13.57 -18.32
C GLY A 115 18.31 -12.26 -18.98
N PRO A 116 18.83 -11.33 -18.14
CA PRO A 116 19.28 -10.04 -18.62
C PRO A 116 20.62 -10.18 -19.36
N SER A 117 20.64 -9.65 -20.57
CA SER A 117 21.85 -9.69 -21.39
C SER A 117 22.35 -8.28 -21.65
N SER A 118 21.43 -7.43 -22.10
CA SER A 118 21.77 -6.05 -22.41
C SER A 118 22.28 -5.36 -21.15
N GLY A 119 21.44 -5.34 -20.12
CA GLY A 119 21.81 -4.70 -18.88
C GLY A 119 20.63 -3.92 -18.29
N GLY A 1 2.57 9.94 -13.64
CA GLY A 1 1.67 10.87 -12.96
C GLY A 1 2.10 11.06 -11.50
N SER A 2 2.98 12.04 -11.31
CA SER A 2 3.48 12.35 -9.98
C SER A 2 2.79 13.60 -9.44
N SER A 3 2.94 14.69 -10.19
CA SER A 3 2.35 15.95 -9.80
C SER A 3 0.89 15.73 -9.36
N GLY A 4 0.10 15.20 -10.27
CA GLY A 4 -1.30 14.93 -9.98
C GLY A 4 -1.44 14.06 -8.73
N SER A 5 -2.23 14.56 -7.79
CA SER A 5 -2.47 13.83 -6.55
C SER A 5 -3.46 14.62 -5.68
N SER A 6 -4.06 13.90 -4.74
CA SER A 6 -5.02 14.50 -3.84
C SER A 6 -6.26 14.94 -4.61
N GLY A 7 -7.38 15.01 -3.90
CA GLY A 7 -8.64 15.42 -4.50
C GLY A 7 -9.46 16.29 -3.54
N PRO A 8 -10.42 17.03 -4.13
CA PRO A 8 -11.28 17.91 -3.33
C PRO A 8 -12.33 17.10 -2.57
N GLN A 9 -12.73 17.66 -1.43
CA GLN A 9 -13.72 17.01 -0.59
C GLN A 9 -14.00 17.84 0.65
N LEU A 10 -15.02 17.43 1.39
CA LEU A 10 -15.41 18.13 2.60
C LEU A 10 -16.47 17.33 3.35
N VAL A 11 -16.11 16.87 4.53
CA VAL A 11 -17.03 16.09 5.34
C VAL A 11 -16.39 15.83 6.71
N ARG A 12 -17.25 15.58 7.68
CA ARG A 12 -16.79 15.31 9.03
C ARG A 12 -17.00 13.84 9.38
N THR A 13 -15.89 13.19 9.72
CA THR A 13 -15.94 11.77 10.07
C THR A 13 -15.03 11.50 11.28
N HIS A 14 -15.67 11.09 12.37
CA HIS A 14 -14.94 10.79 13.59
C HIS A 14 -14.39 9.37 13.52
N GLU A 15 -13.30 9.15 14.26
CA GLU A 15 -12.67 7.85 14.29
C GLU A 15 -11.41 7.90 15.15
N ASP A 16 -11.28 6.92 16.03
CA ASP A 16 -10.13 6.84 16.91
C ASP A 16 -8.87 6.57 16.07
N VAL A 17 -8.85 5.39 15.46
CA VAL A 17 -7.73 5.01 14.63
C VAL A 17 -7.37 6.15 13.69
N PRO A 18 -6.14 6.06 13.11
CA PRO A 18 -5.65 7.08 12.20
C PRO A 18 -6.35 6.97 10.84
N GLY A 19 -5.98 7.88 9.95
CA GLY A 19 -6.56 7.90 8.62
C GLY A 19 -5.63 7.21 7.61
N PRO A 20 -5.80 7.61 6.32
CA PRO A 20 -4.99 7.04 5.26
C PRO A 20 -3.57 7.60 5.28
N VAL A 21 -2.60 6.70 5.21
CA VAL A 21 -1.20 7.09 5.22
C VAL A 21 -0.95 8.10 4.10
N GLY A 22 0.32 8.39 3.88
CA GLY A 22 0.72 9.33 2.85
C GLY A 22 0.23 8.87 1.48
N HIS A 23 1.03 9.17 0.47
CA HIS A 23 0.69 8.79 -0.89
C HIS A 23 1.45 7.51 -1.27
N LEU A 24 0.69 6.53 -1.75
CA LEU A 24 1.29 5.26 -2.14
C LEU A 24 2.30 5.51 -3.26
N SER A 25 3.43 4.83 -3.15
CA SER A 25 4.49 4.96 -4.13
C SER A 25 5.07 3.59 -4.47
N PHE A 26 5.59 3.48 -5.68
CA PHE A 26 6.17 2.23 -6.14
C PHE A 26 7.44 2.49 -6.98
N SER A 27 8.50 1.81 -6.58
CA SER A 27 9.78 1.96 -7.28
C SER A 27 10.46 0.60 -7.41
N GLU A 28 11.48 0.57 -8.24
CA GLU A 28 12.23 -0.66 -8.47
C GLU A 28 11.27 -1.83 -8.73
N ILE A 29 10.35 -1.59 -9.66
CA ILE A 29 9.37 -2.60 -10.02
C ILE A 29 9.97 -3.54 -11.06
N LEU A 30 9.76 -4.83 -10.85
CA LEU A 30 10.27 -5.83 -11.76
C LEU A 30 9.10 -6.53 -12.46
N ASP A 31 9.06 -7.85 -12.30
CA ASP A 31 8.00 -8.64 -12.90
C ASP A 31 7.10 -9.21 -11.80
N THR A 32 7.71 -9.48 -10.65
CA THR A 32 6.98 -10.01 -9.53
C THR A 32 7.54 -9.44 -8.21
N SER A 33 8.25 -8.34 -8.34
CA SER A 33 8.84 -7.69 -7.18
C SER A 33 8.85 -6.17 -7.38
N LEU A 34 8.36 -5.48 -6.36
CA LEU A 34 8.30 -4.03 -6.41
C LEU A 34 8.37 -3.47 -4.98
N LYS A 35 8.95 -2.28 -4.88
CA LYS A 35 9.09 -1.63 -3.58
C LYS A 35 7.89 -0.72 -3.35
N VAL A 36 7.38 -0.75 -2.12
CA VAL A 36 6.24 0.08 -1.76
C VAL A 36 6.67 1.11 -0.72
N SER A 37 6.31 2.35 -0.98
CA SER A 37 6.65 3.43 -0.08
C SER A 37 5.42 4.30 0.20
N TRP A 38 5.36 4.83 1.42
CA TRP A 38 4.24 5.67 1.81
C TRP A 38 4.77 6.71 2.81
N GLN A 39 3.85 7.52 3.31
CA GLN A 39 4.20 8.55 4.27
C GLN A 39 3.25 8.51 5.46
N GLU A 40 3.48 9.42 6.40
CA GLU A 40 2.65 9.50 7.59
C GLU A 40 1.33 10.23 7.27
N PRO A 41 0.24 9.74 7.91
CA PRO A 41 -1.07 10.33 7.71
C PRO A 41 -1.19 11.67 8.45
N GLY A 42 -2.12 12.49 7.98
CA GLY A 42 -2.35 13.78 8.59
C GLY A 42 -3.35 13.68 9.75
N GLU A 43 -3.98 12.53 9.83
CA GLU A 43 -4.97 12.29 10.89
C GLU A 43 -4.45 11.22 11.86
N LYS A 44 -3.16 11.31 12.14
CA LYS A 44 -2.54 10.36 13.05
C LYS A 44 -3.48 10.09 14.23
N ASN A 45 -4.28 11.09 14.55
CA ASN A 45 -5.23 10.97 15.64
C ASN A 45 -4.51 10.40 16.87
N GLY A 46 -3.21 10.60 16.89
CA GLY A 46 -2.41 10.11 18.00
C GLY A 46 -0.99 9.77 17.54
N ILE A 47 -0.56 8.57 17.90
CA ILE A 47 0.78 8.12 17.52
C ILE A 47 0.67 6.72 16.92
N LEU A 48 1.34 6.55 15.77
CA LEU A 48 1.33 5.28 15.08
C LEU A 48 2.34 4.34 15.74
N THR A 49 1.90 3.11 15.97
CA THR A 49 2.75 2.11 16.60
C THR A 49 3.22 1.09 15.56
N GLY A 50 2.86 1.35 14.31
CA GLY A 50 3.24 0.46 13.23
C GLY A 50 2.38 0.71 11.99
N TYR A 51 2.65 -0.07 10.95
CA TYR A 51 1.90 0.06 9.71
C TYR A 51 1.63 -1.32 9.10
N ARG A 52 0.37 -1.52 8.73
CA ARG A 52 -0.04 -2.79 8.14
C ARG A 52 -0.11 -2.66 6.61
N ILE A 53 0.66 -3.50 5.95
CA ILE A 53 0.71 -3.50 4.50
C ILE A 53 0.15 -4.82 3.97
N SER A 54 -0.58 -4.72 2.87
CA SER A 54 -1.16 -5.90 2.26
C SER A 54 -1.18 -5.74 0.73
N TRP A 55 -0.41 -6.60 0.08
CA TRP A 55 -0.33 -6.57 -1.38
C TRP A 55 -1.16 -7.72 -1.92
N GLU A 56 -1.75 -7.48 -3.08
CA GLU A 56 -2.58 -8.49 -3.72
C GLU A 56 -2.90 -8.08 -5.16
N GLU A 57 -3.33 -9.07 -5.94
CA GLU A 57 -3.67 -8.83 -7.33
C GLU A 57 -4.75 -7.74 -7.43
N TYR A 58 -5.07 -7.37 -8.67
CA TYR A 58 -6.07 -6.35 -8.91
C TYR A 58 -7.38 -6.71 -8.23
N ASN A 59 -7.95 -7.84 -8.63
CA ASN A 59 -9.20 -8.30 -8.05
C ASN A 59 -9.06 -9.76 -7.62
N ARG A 60 -8.12 -9.99 -6.70
CA ARG A 60 -7.88 -11.33 -6.21
C ARG A 60 -7.24 -11.27 -4.82
N THR A 61 -8.09 -11.37 -3.80
CA THR A 61 -7.61 -11.33 -2.43
C THR A 61 -6.82 -12.59 -2.10
N ASN A 62 -7.12 -13.65 -2.84
CA ASN A 62 -6.44 -14.92 -2.63
C ASN A 62 -4.94 -14.69 -2.57
N THR A 63 -4.47 -13.76 -3.39
CA THR A 63 -3.06 -13.44 -3.44
C THR A 63 -2.75 -12.25 -2.53
N ARG A 64 -3.45 -12.22 -1.41
CA ARG A 64 -3.27 -11.14 -0.44
C ARG A 64 -2.41 -11.62 0.73
N VAL A 65 -1.53 -10.73 1.18
CA VAL A 65 -0.65 -11.05 2.30
C VAL A 65 -0.85 -10.04 3.41
N THR A 66 -0.44 -10.42 4.60
CA THR A 66 -0.56 -9.55 5.76
C THR A 66 0.79 -9.39 6.47
N HIS A 67 1.36 -8.20 6.32
CA HIS A 67 2.64 -7.90 6.93
C HIS A 67 2.48 -6.78 7.95
N TYR A 68 3.43 -6.73 8.87
CA TYR A 68 3.40 -5.72 9.91
C TYR A 68 4.76 -5.02 10.04
N LEU A 69 4.72 -3.69 10.01
CA LEU A 69 5.93 -2.90 10.11
C LEU A 69 5.80 -1.93 11.29
N PRO A 70 6.97 -1.43 11.76
CA PRO A 70 7.00 -0.50 12.87
C PRO A 70 6.54 0.90 12.43
N ASN A 71 6.46 1.79 13.39
CA ASN A 71 6.04 3.15 13.12
C ASN A 71 7.25 3.98 12.68
N VAL A 72 8.29 3.27 12.26
CA VAL A 72 9.50 3.93 11.80
C VAL A 72 9.70 3.67 10.30
N THR A 73 9.07 2.60 9.83
CA THR A 73 9.16 2.23 8.44
C THR A 73 7.88 2.63 7.70
N LEU A 74 8.06 3.07 6.46
CA LEU A 74 6.94 3.49 5.64
C LEU A 74 7.10 2.93 4.23
N GLU A 75 8.07 2.04 4.10
CA GLU A 75 8.35 1.41 2.81
C GLU A 75 8.72 -0.06 3.00
N TYR A 76 8.39 -0.85 1.98
CA TYR A 76 8.67 -2.27 2.02
C TYR A 76 8.73 -2.86 0.61
N ARG A 77 9.48 -3.94 0.49
CA ARG A 77 9.63 -4.60 -0.80
C ARG A 77 8.66 -5.78 -0.91
N VAL A 78 7.87 -5.76 -1.97
CA VAL A 78 6.89 -6.83 -2.20
C VAL A 78 7.48 -7.86 -3.15
N THR A 79 7.08 -9.10 -2.93
CA THR A 79 7.56 -10.20 -3.76
C THR A 79 6.55 -11.34 -3.78
N GLY A 80 6.47 -12.01 -4.92
CA GLY A 80 5.55 -13.12 -5.09
C GLY A 80 4.33 -12.70 -5.92
N LEU A 81 4.53 -11.67 -6.73
CA LEU A 81 3.46 -11.17 -7.57
C LEU A 81 3.45 -11.94 -8.88
N THR A 82 3.18 -11.21 -9.97
CA THR A 82 3.14 -11.82 -11.28
C THR A 82 3.64 -10.83 -12.34
N ALA A 83 4.18 -11.39 -13.42
CA ALA A 83 4.69 -10.57 -14.50
C ALA A 83 3.53 -9.88 -15.21
N LEU A 84 3.74 -8.61 -15.53
CA LEU A 84 2.72 -7.83 -16.22
C LEU A 84 1.36 -8.14 -15.60
N THR A 85 1.25 -7.90 -14.31
CA THR A 85 0.01 -8.14 -13.59
C THR A 85 -0.35 -6.94 -12.73
N THR A 86 -1.64 -6.64 -12.69
CA THR A 86 -2.13 -5.52 -11.90
C THR A 86 -2.30 -5.92 -10.44
N TYR A 87 -1.60 -5.22 -9.58
CA TYR A 87 -1.66 -5.50 -8.15
C TYR A 87 -2.02 -4.24 -7.37
N THR A 88 -2.63 -4.46 -6.21
CA THR A 88 -3.03 -3.35 -5.35
C THR A 88 -2.36 -3.48 -3.98
N ILE A 89 -1.58 -2.46 -3.65
CA ILE A 89 -0.88 -2.44 -2.38
C ILE A 89 -1.63 -1.53 -1.40
N GLU A 90 -2.09 -2.13 -0.31
CA GLU A 90 -2.82 -1.38 0.70
C GLU A 90 -1.93 -1.12 1.91
N VAL A 91 -1.73 0.16 2.20
CA VAL A 91 -0.91 0.56 3.33
C VAL A 91 -1.78 1.24 4.38
N ALA A 92 -1.83 0.63 5.55
CA ALA A 92 -2.62 1.17 6.64
C ALA A 92 -1.70 1.48 7.83
N ALA A 93 -2.19 2.35 8.70
CA ALA A 93 -1.43 2.74 9.88
C ALA A 93 -1.92 1.96 11.08
N MET A 94 -1.16 2.03 12.16
CA MET A 94 -1.50 1.34 13.39
C MET A 94 -1.22 2.21 14.61
N THR A 95 -2.20 2.24 15.51
CA THR A 95 -2.07 3.03 16.73
C THR A 95 -2.18 2.12 17.96
N SER A 96 -2.35 2.76 19.10
CA SER A 96 -2.46 2.03 20.36
C SER A 96 -3.90 1.53 20.53
N LYS A 97 -4.71 1.73 19.50
CA LYS A 97 -6.08 1.30 19.53
C LYS A 97 -6.30 0.20 18.48
N GLY A 98 -5.66 0.38 17.34
CA GLY A 98 -5.77 -0.58 16.25
C GLY A 98 -5.31 0.03 14.93
N GLN A 99 -5.89 -0.47 13.85
CA GLN A 99 -5.55 0.01 12.53
C GLN A 99 -6.64 0.98 12.02
N GLY A 100 -6.19 1.98 11.28
CA GLY A 100 -7.11 2.97 10.74
C GLY A 100 -7.31 2.76 9.24
N GLN A 101 -7.55 3.87 8.55
CA GLN A 101 -7.77 3.81 7.11
C GLN A 101 -6.64 3.03 6.43
N VAL A 102 -6.75 2.90 5.12
CA VAL A 102 -5.76 2.18 4.35
C VAL A 102 -5.64 2.82 2.96
N SER A 103 -4.41 2.85 2.47
CA SER A 103 -4.15 3.43 1.16
C SER A 103 -3.84 2.31 0.15
N ALA A 104 -4.83 2.01 -0.67
CA ALA A 104 -4.68 0.98 -1.67
C ALA A 104 -4.48 1.62 -3.05
N SER A 105 -3.32 1.34 -3.63
CA SER A 105 -3.00 1.90 -4.93
C SER A 105 -2.70 0.76 -5.93
N THR A 106 -3.30 0.87 -7.09
CA THR A 106 -3.11 -0.13 -8.13
C THR A 106 -1.76 0.05 -8.81
N ILE A 107 -1.10 -1.07 -9.05
CA ILE A 107 0.20 -1.05 -9.70
C ILE A 107 0.39 -2.33 -10.51
N SER A 108 0.84 -2.15 -11.75
CA SER A 108 1.06 -3.28 -12.63
C SER A 108 2.57 -3.60 -12.70
N SER A 109 2.89 -4.83 -12.33
CA SER A 109 4.27 -5.27 -12.35
C SER A 109 4.98 -4.72 -13.58
N GLY A 110 6.26 -4.44 -13.40
CA GLY A 110 7.07 -3.90 -14.49
C GLY A 110 7.08 -4.86 -15.69
N VAL A 111 8.07 -5.73 -15.71
CA VAL A 111 8.21 -6.70 -16.78
C VAL A 111 9.39 -7.62 -16.48
N PRO A 112 9.21 -8.92 -16.83
CA PRO A 112 10.25 -9.91 -16.61
C PRO A 112 11.37 -9.76 -17.63
N PRO A 113 12.62 -9.64 -17.10
CA PRO A 113 13.79 -9.49 -17.96
C PRO A 113 14.16 -10.82 -18.61
N SER A 114 13.74 -11.90 -17.96
CA SER A 114 14.02 -13.23 -18.48
C SER A 114 15.44 -13.28 -19.06
N GLY A 115 16.41 -13.39 -18.16
CA GLY A 115 17.80 -13.45 -18.58
C GLY A 115 18.15 -12.27 -19.48
N PRO A 116 18.75 -11.22 -18.86
CA PRO A 116 19.14 -10.03 -19.59
C PRO A 116 20.39 -10.29 -20.43
N SER A 117 20.78 -9.28 -21.19
CA SER A 117 21.96 -9.39 -22.03
C SER A 117 22.90 -8.21 -21.77
N SER A 118 24.17 -8.41 -22.14
CA SER A 118 25.17 -7.38 -21.95
C SER A 118 25.52 -6.73 -23.29
N GLY A 119 26.11 -5.55 -23.20
CA GLY A 119 26.49 -4.82 -24.40
C GLY A 119 27.89 -5.25 -24.88
N GLY A 1 -9.37 3.31 -4.58
CA GLY A 1 -10.39 4.35 -4.60
C GLY A 1 -11.51 4.01 -5.58
N SER A 2 -12.52 3.32 -5.06
CA SER A 2 -13.65 2.93 -5.89
C SER A 2 -14.75 2.32 -5.01
N SER A 3 -15.72 3.15 -4.70
CA SER A 3 -16.84 2.72 -3.87
C SER A 3 -18.16 2.91 -4.62
N GLY A 4 -19.18 2.20 -4.16
CA GLY A 4 -20.49 2.28 -4.77
C GLY A 4 -20.81 1.00 -5.55
N SER A 5 -21.25 -0.01 -4.82
CA SER A 5 -21.59 -1.28 -5.42
C SER A 5 -22.92 -1.79 -4.85
N SER A 6 -22.94 -1.95 -3.54
CA SER A 6 -24.12 -2.43 -2.85
C SER A 6 -23.85 -2.60 -1.36
N GLY A 7 -24.74 -2.04 -0.56
CA GLY A 7 -24.60 -2.11 0.88
C GLY A 7 -25.38 -0.98 1.58
N PRO A 8 -25.52 -1.13 2.92
CA PRO A 8 -26.24 -0.13 3.70
C PRO A 8 -25.39 1.13 3.89
N GLN A 9 -25.94 2.05 4.65
CA GLN A 9 -25.25 3.31 4.92
C GLN A 9 -25.34 3.66 6.41
N LEU A 10 -24.19 3.65 7.06
CA LEU A 10 -24.12 3.96 8.48
C LEU A 10 -22.81 4.68 8.78
N VAL A 11 -22.87 5.60 9.73
CA VAL A 11 -21.70 6.36 10.11
C VAL A 11 -21.25 7.24 8.94
N ARG A 12 -20.56 8.32 9.28
CA ARG A 12 -20.07 9.24 8.27
C ARG A 12 -18.67 9.74 8.64
N THR A 13 -18.56 10.25 9.86
CA THR A 13 -17.29 10.76 10.34
C THR A 13 -17.13 10.46 11.83
N HIS A 14 -16.25 9.51 12.12
CA HIS A 14 -16.01 9.13 13.50
C HIS A 14 -15.08 7.90 13.55
N GLU A 15 -13.95 8.08 14.21
CA GLU A 15 -12.98 7.01 14.32
C GLU A 15 -11.74 7.49 15.07
N ASP A 16 -11.27 6.63 15.97
CA ASP A 16 -10.09 6.96 16.76
C ASP A 16 -8.83 6.71 15.93
N VAL A 17 -8.71 5.47 15.47
CA VAL A 17 -7.56 5.09 14.66
C VAL A 17 -7.27 6.18 13.65
N PRO A 18 -6.05 6.10 13.03
CA PRO A 18 -5.64 7.07 12.04
C PRO A 18 -6.36 6.84 10.70
N GLY A 19 -6.05 7.69 9.75
CA GLY A 19 -6.65 7.59 8.43
C GLY A 19 -5.67 6.98 7.42
N PRO A 20 -5.86 7.38 6.14
CA PRO A 20 -5.00 6.89 5.07
C PRO A 20 -3.63 7.57 5.11
N VAL A 21 -2.60 6.74 5.07
CA VAL A 21 -1.23 7.24 5.10
C VAL A 21 -1.04 8.26 3.98
N GLY A 22 0.20 8.68 3.80
CA GLY A 22 0.53 9.65 2.78
C GLY A 22 0.19 9.11 1.38
N HIS A 23 0.96 9.55 0.41
CA HIS A 23 0.75 9.12 -0.97
C HIS A 23 1.62 7.89 -1.26
N LEU A 24 0.94 6.78 -1.54
CA LEU A 24 1.64 5.55 -1.84
C LEU A 24 2.51 5.74 -3.09
N SER A 25 3.63 5.05 -3.10
CA SER A 25 4.56 5.13 -4.22
C SER A 25 5.19 3.76 -4.47
N PHE A 26 5.88 3.67 -5.60
CA PHE A 26 6.54 2.43 -5.98
C PHE A 26 7.83 2.70 -6.75
N SER A 27 8.76 1.77 -6.64
CA SER A 27 10.04 1.90 -7.31
C SER A 27 10.68 0.51 -7.49
N GLU A 28 11.75 0.50 -8.27
CA GLU A 28 12.47 -0.74 -8.53
C GLU A 28 11.48 -1.89 -8.75
N ILE A 29 10.58 -1.68 -9.70
CA ILE A 29 9.58 -2.68 -10.02
C ILE A 29 10.18 -3.71 -10.98
N LEU A 30 9.88 -4.97 -10.72
CA LEU A 30 10.38 -6.05 -11.56
C LEU A 30 9.20 -6.71 -12.28
N ASP A 31 9.09 -8.02 -12.09
CA ASP A 31 8.03 -8.77 -12.72
C ASP A 31 7.07 -9.30 -11.65
N THR A 32 7.65 -9.61 -10.49
CA THR A 32 6.87 -10.12 -9.38
C THR A 32 7.39 -9.54 -8.06
N SER A 33 8.09 -8.43 -8.18
CA SER A 33 8.65 -7.78 -7.00
C SER A 33 8.73 -6.27 -7.23
N LEU A 34 8.23 -5.52 -6.26
CA LEU A 34 8.25 -4.08 -6.34
C LEU A 34 8.33 -3.48 -4.93
N LYS A 35 8.91 -2.30 -4.85
CA LYS A 35 9.05 -1.63 -3.57
C LYS A 35 7.87 -0.67 -3.37
N VAL A 36 7.34 -0.68 -2.15
CA VAL A 36 6.22 0.17 -1.81
C VAL A 36 6.67 1.23 -0.81
N SER A 37 6.09 2.42 -0.94
CA SER A 37 6.42 3.51 -0.06
C SER A 37 5.17 4.34 0.25
N TRP A 38 5.27 5.16 1.29
CA TRP A 38 4.16 5.99 1.70
C TRP A 38 4.69 7.03 2.70
N GLN A 39 3.77 7.86 3.18
CA GLN A 39 4.13 8.88 4.14
C GLN A 39 3.23 8.80 5.37
N GLU A 40 3.50 9.69 6.32
CA GLU A 40 2.72 9.72 7.55
C GLU A 40 1.39 10.46 7.33
N PRO A 41 0.30 9.85 7.84
CA PRO A 41 -1.02 10.42 7.70
C PRO A 41 -1.21 11.61 8.65
N GLY A 42 -2.02 12.55 8.22
CA GLY A 42 -2.29 13.74 9.03
C GLY A 42 -3.30 13.43 10.13
N GLU A 43 -3.86 12.23 10.07
CA GLU A 43 -4.84 11.81 11.05
C GLU A 43 -4.22 10.83 12.03
N LYS A 44 -2.95 11.06 12.32
CA LYS A 44 -2.22 10.20 13.25
C LYS A 44 -3.15 9.81 14.40
N ASN A 45 -3.97 10.76 14.80
CA ASN A 45 -4.91 10.52 15.90
C ASN A 45 -4.23 9.67 16.96
N GLY A 46 -3.02 10.08 17.32
CA GLY A 46 -2.25 9.36 18.33
C GLY A 46 -0.82 9.12 17.86
N ILE A 47 -0.15 8.18 18.54
CA ILE A 47 1.21 7.84 18.20
C ILE A 47 1.23 6.53 17.40
N LEU A 48 1.50 6.66 16.12
CA LEU A 48 1.55 5.50 15.25
C LEU A 48 2.54 4.47 15.83
N THR A 49 2.02 3.26 16.03
CA THR A 49 2.84 2.18 16.57
C THR A 49 3.42 1.33 15.45
N GLY A 50 2.85 1.51 14.26
CA GLY A 50 3.32 0.77 13.10
C GLY A 50 2.35 0.94 11.92
N TYR A 51 2.60 0.18 10.87
CA TYR A 51 1.77 0.24 9.68
C TYR A 51 1.46 -1.17 9.17
N ARG A 52 0.23 -1.33 8.70
CA ARG A 52 -0.21 -2.61 8.18
C ARG A 52 -0.32 -2.55 6.66
N ILE A 53 0.63 -3.22 6.01
CA ILE A 53 0.67 -3.26 4.56
C ILE A 53 0.09 -4.58 4.07
N SER A 54 -0.56 -4.53 2.92
CA SER A 54 -1.16 -5.72 2.33
C SER A 54 -1.22 -5.58 0.81
N TRP A 55 -0.48 -6.45 0.14
CA TRP A 55 -0.43 -6.44 -1.30
C TRP A 55 -1.33 -7.57 -1.82
N GLU A 56 -1.91 -7.34 -2.99
CA GLU A 56 -2.78 -8.34 -3.59
C GLU A 56 -3.12 -7.94 -5.03
N GLU A 57 -3.39 -8.96 -5.85
CA GLU A 57 -3.72 -8.73 -7.24
C GLU A 57 -4.89 -7.74 -7.35
N TYR A 58 -5.18 -7.37 -8.59
CA TYR A 58 -6.27 -6.43 -8.84
C TYR A 58 -7.55 -6.90 -8.17
N ASN A 59 -8.01 -8.08 -8.58
CA ASN A 59 -9.24 -8.63 -8.03
C ASN A 59 -9.00 -10.10 -7.65
N ARG A 60 -7.81 -10.35 -7.12
CA ARG A 60 -7.43 -11.70 -6.72
C ARG A 60 -7.00 -11.72 -5.26
N THR A 61 -7.99 -11.79 -4.38
CA THR A 61 -7.72 -11.81 -2.96
C THR A 61 -6.89 -13.04 -2.59
N ASN A 62 -7.14 -14.12 -3.33
CA ASN A 62 -6.43 -15.37 -3.09
C ASN A 62 -4.93 -15.07 -2.95
N THR A 63 -4.52 -13.96 -3.55
CA THR A 63 -3.12 -13.56 -3.50
C THR A 63 -2.95 -12.35 -2.59
N ARG A 64 -3.52 -12.44 -1.40
CA ARG A 64 -3.44 -11.37 -0.44
C ARG A 64 -2.49 -11.74 0.70
N VAL A 65 -1.86 -10.72 1.25
CA VAL A 65 -0.91 -10.93 2.34
C VAL A 65 -1.10 -9.82 3.39
N THR A 66 -0.62 -10.10 4.59
CA THR A 66 -0.72 -9.16 5.68
C THR A 66 0.60 -9.07 6.45
N HIS A 67 1.30 -7.96 6.24
CA HIS A 67 2.57 -7.75 6.91
C HIS A 67 2.43 -6.60 7.92
N TYR A 68 3.44 -6.50 8.78
CA TYR A 68 3.45 -5.46 9.80
C TYR A 68 4.79 -4.74 9.83
N LEU A 69 4.73 -3.43 9.99
CA LEU A 69 5.93 -2.62 10.04
C LEU A 69 5.82 -1.63 11.20
N PRO A 70 7.01 -1.11 11.64
CA PRO A 70 7.05 -0.16 12.73
C PRO A 70 6.59 1.21 12.27
N ASN A 71 6.56 2.15 13.22
CA ASN A 71 6.14 3.50 12.93
C ASN A 71 7.35 4.32 12.45
N VAL A 72 8.38 3.59 12.04
CA VAL A 72 9.61 4.22 11.56
C VAL A 72 9.76 3.94 10.06
N THR A 73 9.11 2.86 9.62
CA THR A 73 9.17 2.48 8.22
C THR A 73 7.90 2.87 7.51
N LEU A 74 8.05 3.26 6.25
CA LEU A 74 6.91 3.66 5.44
C LEU A 74 7.05 3.06 4.04
N GLU A 75 7.99 2.15 3.92
CA GLU A 75 8.24 1.50 2.64
C GLU A 75 8.61 0.02 2.86
N TYR A 76 8.28 -0.79 1.86
CA TYR A 76 8.57 -2.21 1.94
C TYR A 76 8.61 -2.83 0.54
N ARG A 77 9.36 -3.92 0.43
CA ARG A 77 9.49 -4.61 -0.84
C ARG A 77 8.51 -5.79 -0.90
N VAL A 78 7.70 -5.79 -1.95
CA VAL A 78 6.73 -6.85 -2.14
C VAL A 78 7.31 -7.93 -3.06
N THR A 79 6.84 -9.15 -2.86
CA THR A 79 7.31 -10.26 -3.67
C THR A 79 6.24 -11.35 -3.74
N GLY A 80 6.30 -12.13 -4.81
CA GLY A 80 5.34 -13.21 -5.01
C GLY A 80 4.13 -12.73 -5.81
N LEU A 81 4.39 -11.79 -6.71
CA LEU A 81 3.33 -11.25 -7.54
C LEU A 81 3.32 -11.98 -8.88
N THR A 82 2.95 -11.23 -9.92
CA THR A 82 2.90 -11.79 -11.26
C THR A 82 3.45 -10.79 -12.28
N ALA A 83 4.07 -11.33 -13.31
CA ALA A 83 4.65 -10.50 -14.36
C ALA A 83 3.53 -9.83 -15.15
N LEU A 84 3.77 -8.58 -15.53
CA LEU A 84 2.79 -7.83 -16.30
C LEU A 84 1.39 -8.10 -15.73
N THR A 85 1.27 -7.90 -14.43
CA THR A 85 -0.01 -8.12 -13.76
C THR A 85 -0.34 -6.93 -12.86
N THR A 86 -1.63 -6.62 -12.79
CA THR A 86 -2.09 -5.53 -11.95
C THR A 86 -2.25 -5.98 -10.50
N TYR A 87 -1.75 -5.14 -9.60
CA TYR A 87 -1.83 -5.43 -8.18
C TYR A 87 -2.20 -4.19 -7.38
N THR A 88 -2.73 -4.42 -6.19
CA THR A 88 -3.13 -3.34 -5.32
C THR A 88 -2.43 -3.45 -3.97
N ILE A 89 -1.67 -2.42 -3.63
CA ILE A 89 -0.95 -2.40 -2.37
C ILE A 89 -1.69 -1.50 -1.37
N GLU A 90 -2.16 -2.12 -0.30
CA GLU A 90 -2.88 -1.38 0.73
C GLU A 90 -1.97 -1.11 1.92
N VAL A 91 -1.84 0.18 2.22
CA VAL A 91 -0.99 0.60 3.33
C VAL A 91 -1.87 1.21 4.43
N ALA A 92 -1.85 0.58 5.59
CA ALA A 92 -2.62 1.05 6.72
C ALA A 92 -1.69 1.40 7.88
N ALA A 93 -2.22 2.16 8.81
CA ALA A 93 -1.44 2.57 9.98
C ALA A 93 -1.91 1.79 11.20
N MET A 94 -1.08 1.79 12.22
CA MET A 94 -1.39 1.07 13.45
C MET A 94 -1.10 1.95 14.67
N THR A 95 -2.13 2.11 15.50
CA THR A 95 -2.00 2.92 16.70
C THR A 95 -2.32 2.08 17.94
N SER A 96 -2.53 2.78 19.05
CA SER A 96 -2.84 2.11 20.30
C SER A 96 -4.26 1.54 20.26
N LYS A 97 -5.01 2.00 19.27
CA LYS A 97 -6.38 1.55 19.10
C LYS A 97 -6.40 0.30 18.22
N GLY A 98 -5.74 0.41 17.07
CA GLY A 98 -5.67 -0.71 16.14
C GLY A 98 -5.18 -0.24 14.76
N GLN A 99 -5.94 -0.61 13.75
CA GLN A 99 -5.59 -0.24 12.38
C GLN A 99 -6.62 0.75 11.83
N GLY A 100 -6.11 1.82 11.22
CA GLY A 100 -6.96 2.84 10.65
C GLY A 100 -7.13 2.63 9.14
N GLN A 101 -7.59 3.68 8.48
CA GLN A 101 -7.80 3.63 7.03
C GLN A 101 -6.61 2.96 6.36
N VAL A 102 -6.79 2.65 5.09
CA VAL A 102 -5.74 2.01 4.31
C VAL A 102 -5.68 2.65 2.93
N SER A 103 -4.45 2.81 2.44
CA SER A 103 -4.24 3.40 1.13
C SER A 103 -3.91 2.31 0.11
N ALA A 104 -4.91 1.96 -0.68
CA ALA A 104 -4.73 0.94 -1.70
C ALA A 104 -4.50 1.61 -3.06
N SER A 105 -3.31 1.35 -3.60
CA SER A 105 -2.95 1.92 -4.89
C SER A 105 -2.69 0.80 -5.90
N THR A 106 -3.31 0.96 -7.07
CA THR A 106 -3.16 -0.02 -8.13
C THR A 106 -1.80 0.12 -8.81
N ILE A 107 -1.05 -0.97 -8.79
CA ILE A 107 0.27 -0.98 -9.39
C ILE A 107 0.50 -2.33 -10.09
N SER A 108 0.90 -2.24 -11.35
CA SER A 108 1.16 -3.45 -12.12
C SER A 108 2.66 -3.70 -12.22
N SER A 109 3.03 -4.96 -12.06
CA SER A 109 4.43 -5.34 -12.13
C SER A 109 5.09 -4.69 -13.36
N GLY A 110 6.42 -4.66 -13.32
CA GLY A 110 7.17 -4.08 -14.42
C GLY A 110 7.20 -5.01 -15.62
N VAL A 111 8.19 -5.90 -15.62
CA VAL A 111 8.33 -6.87 -16.70
C VAL A 111 9.49 -7.81 -16.38
N PRO A 112 9.29 -9.10 -16.76
CA PRO A 112 10.31 -10.11 -16.52
C PRO A 112 11.47 -9.97 -17.50
N PRO A 113 12.70 -9.89 -16.93
CA PRO A 113 13.90 -9.75 -17.74
C PRO A 113 14.26 -11.07 -18.41
N SER A 114 15.23 -10.99 -19.32
CA SER A 114 15.67 -12.16 -20.04
C SER A 114 16.81 -11.79 -21.00
N GLY A 115 17.97 -12.38 -20.75
CA GLY A 115 19.14 -12.12 -21.57
C GLY A 115 19.55 -10.65 -21.49
N PRO A 116 20.21 -10.18 -22.58
CA PRO A 116 20.65 -8.80 -22.66
C PRO A 116 19.47 -7.85 -22.91
N SER A 117 19.68 -6.59 -22.57
CA SER A 117 18.65 -5.58 -22.74
C SER A 117 19.02 -4.66 -23.90
N SER A 118 18.00 -4.04 -24.48
CA SER A 118 18.20 -3.14 -25.60
C SER A 118 16.97 -2.27 -25.80
N GLY A 119 16.99 -1.09 -25.19
CA GLY A 119 15.88 -0.16 -25.30
C GLY A 119 15.17 -0.02 -23.96
N GLY A 1 4.43 9.63 -10.63
CA GLY A 1 3.35 10.60 -10.44
C GLY A 1 2.31 10.49 -11.55
N SER A 2 1.11 10.13 -11.16
CA SER A 2 0.01 9.99 -12.11
C SER A 2 -1.12 10.93 -11.75
N SER A 3 -1.99 11.18 -12.72
CA SER A 3 -3.13 12.06 -12.52
C SER A 3 -3.81 11.73 -11.18
N GLY A 4 -4.29 10.49 -11.09
CA GLY A 4 -4.97 10.05 -9.89
C GLY A 4 -6.23 9.26 -10.24
N SER A 5 -7.29 9.56 -9.49
CA SER A 5 -8.57 8.90 -9.70
C SER A 5 -9.70 9.76 -9.16
N SER A 6 -10.43 10.38 -10.07
CA SER A 6 -11.54 11.23 -9.69
C SER A 6 -12.59 10.43 -8.93
N GLY A 7 -12.93 10.90 -7.75
CA GLY A 7 -13.92 10.23 -6.92
C GLY A 7 -13.55 10.32 -5.45
N PRO A 8 -14.02 11.42 -4.79
CA PRO A 8 -13.75 11.64 -3.38
C PRO A 8 -14.60 10.71 -2.51
N GLN A 9 -14.34 10.77 -1.22
CA GLN A 9 -15.07 9.94 -0.27
C GLN A 9 -15.81 10.83 0.75
N LEU A 10 -15.03 11.53 1.55
CA LEU A 10 -15.60 12.40 2.56
C LEU A 10 -16.27 11.56 3.64
N VAL A 11 -15.75 11.67 4.86
CA VAL A 11 -16.30 10.93 5.98
C VAL A 11 -15.59 11.36 7.26
N ARG A 12 -16.39 11.68 8.26
CA ARG A 12 -15.87 12.10 9.54
C ARG A 12 -16.95 12.04 10.62
N THR A 13 -16.72 11.16 11.59
CA THR A 13 -17.67 10.99 12.68
C THR A 13 -16.98 10.35 13.89
N HIS A 14 -15.92 11.01 14.35
CA HIS A 14 -15.17 10.52 15.49
C HIS A 14 -14.45 9.23 15.11
N GLU A 15 -13.15 9.23 15.34
CA GLU A 15 -12.33 8.06 15.03
C GLU A 15 -11.22 7.91 16.07
N ASP A 16 -10.80 6.66 16.26
CA ASP A 16 -9.75 6.37 17.21
C ASP A 16 -8.48 5.94 16.46
N VAL A 17 -8.69 5.50 15.23
CA VAL A 17 -7.57 5.07 14.39
C VAL A 17 -7.21 6.19 13.42
N PRO A 18 -6.01 6.05 12.81
CA PRO A 18 -5.52 7.04 11.86
C PRO A 18 -6.26 6.92 10.52
N GLY A 19 -5.88 7.78 9.60
CA GLY A 19 -6.49 7.79 8.28
C GLY A 19 -5.53 7.21 7.24
N PRO A 20 -5.73 7.63 5.96
CA PRO A 20 -4.90 7.17 4.87
C PRO A 20 -3.52 7.82 4.91
N VAL A 21 -2.50 6.98 4.78
CA VAL A 21 -1.13 7.46 4.80
C VAL A 21 -0.94 8.50 3.70
N GLY A 22 0.21 9.15 3.73
CA GLY A 22 0.53 10.17 2.73
C GLY A 22 0.00 9.76 1.35
N HIS A 23 0.87 9.11 0.60
CA HIS A 23 0.51 8.67 -0.74
C HIS A 23 1.30 7.41 -1.09
N LEU A 24 0.61 6.46 -1.70
CA LEU A 24 1.23 5.21 -2.09
C LEU A 24 2.27 5.48 -3.18
N SER A 25 3.38 4.78 -3.07
CA SER A 25 4.46 4.94 -4.04
C SER A 25 5.12 3.59 -4.31
N PHE A 26 5.56 3.41 -5.54
CA PHE A 26 6.21 2.18 -5.95
C PHE A 26 7.46 2.46 -6.78
N SER A 27 8.53 1.76 -6.42
CA SER A 27 9.80 1.93 -7.13
C SER A 27 10.45 0.57 -7.34
N GLU A 28 11.53 0.57 -8.13
CA GLU A 28 12.25 -0.64 -8.41
C GLU A 28 11.28 -1.81 -8.63
N ILE A 29 10.36 -1.61 -9.55
CA ILE A 29 9.37 -2.63 -9.86
C ILE A 29 9.98 -3.66 -10.80
N LEU A 30 9.51 -4.89 -10.67
CA LEU A 30 10.00 -5.97 -11.51
C LEU A 30 8.81 -6.69 -12.17
N ASP A 31 8.90 -8.01 -12.18
CA ASP A 31 7.84 -8.82 -12.77
C ASP A 31 7.03 -9.48 -11.66
N THR A 32 7.67 -9.63 -10.51
CA THR A 32 7.03 -10.25 -9.36
C THR A 32 7.62 -9.71 -8.06
N SER A 33 8.15 -8.50 -8.14
CA SER A 33 8.75 -7.87 -6.98
C SER A 33 8.83 -6.35 -7.19
N LEU A 34 8.31 -5.63 -6.20
CA LEU A 34 8.31 -4.18 -6.26
C LEU A 34 8.38 -3.62 -4.84
N LYS A 35 8.96 -2.43 -4.74
CA LYS A 35 9.09 -1.77 -3.45
C LYS A 35 7.91 -0.82 -3.24
N VAL A 36 7.39 -0.84 -2.03
CA VAL A 36 6.26 0.00 -1.68
C VAL A 36 6.70 1.06 -0.68
N SER A 37 6.21 2.28 -0.89
CA SER A 37 6.56 3.39 -0.02
C SER A 37 5.33 4.28 0.21
N TRP A 38 5.33 4.95 1.35
CA TRP A 38 4.23 5.84 1.69
C TRP A 38 4.76 6.90 2.65
N GLN A 39 3.83 7.62 3.26
CA GLN A 39 4.19 8.67 4.20
C GLN A 39 3.25 8.66 5.40
N GLU A 40 3.51 9.56 6.33
CA GLU A 40 2.70 9.66 7.53
C GLU A 40 1.41 10.45 7.24
N PRO A 41 0.29 9.93 7.78
CA PRO A 41 -1.01 10.58 7.57
C PRO A 41 -1.13 11.83 8.44
N GLY A 42 -1.88 12.79 7.92
CA GLY A 42 -2.09 14.04 8.63
C GLY A 42 -2.98 13.83 9.85
N GLU A 43 -3.47 12.61 10.00
CA GLU A 43 -4.32 12.26 11.12
C GLU A 43 -3.49 11.71 12.27
N LYS A 44 -3.29 10.40 12.24
CA LYS A 44 -2.52 9.73 13.27
C LYS A 44 -3.45 9.32 14.41
N ASN A 45 -4.43 10.19 14.67
CA ASN A 45 -5.39 9.93 15.73
C ASN A 45 -4.66 9.32 16.94
N GLY A 46 -3.40 9.70 17.09
CA GLY A 46 -2.59 9.21 18.19
C GLY A 46 -1.19 8.85 17.71
N ILE A 47 -0.36 8.43 18.66
CA ILE A 47 1.01 8.07 18.35
C ILE A 47 1.01 6.72 17.61
N LEU A 48 1.36 6.79 16.33
CA LEU A 48 1.41 5.60 15.51
C LEU A 48 2.23 4.52 16.22
N THR A 49 1.82 3.27 16.00
CA THR A 49 2.51 2.15 16.62
C THR A 49 3.14 1.27 15.55
N GLY A 50 2.66 1.44 14.32
CA GLY A 50 3.17 0.66 13.20
C GLY A 50 2.28 0.83 11.97
N TYR A 51 2.53 -0.03 10.98
CA TYR A 51 1.75 0.01 9.75
C TYR A 51 1.46 -1.40 9.24
N ARG A 52 0.26 -1.56 8.71
CA ARG A 52 -0.16 -2.85 8.20
C ARG A 52 -0.28 -2.78 6.67
N ILE A 53 0.70 -3.37 6.00
CA ILE A 53 0.71 -3.40 4.55
C ILE A 53 0.10 -4.71 4.05
N SER A 54 -0.56 -4.63 2.90
CA SER A 54 -1.19 -5.79 2.31
C SER A 54 -1.24 -5.65 0.79
N TRP A 55 -0.46 -6.48 0.12
CA TRP A 55 -0.40 -6.46 -1.33
C TRP A 55 -1.27 -7.61 -1.85
N GLU A 56 -1.86 -7.39 -3.01
CA GLU A 56 -2.71 -8.40 -3.63
C GLU A 56 -2.99 -8.04 -5.09
N GLU A 57 -3.28 -9.06 -5.88
CA GLU A 57 -3.57 -8.86 -7.29
C GLU A 57 -4.73 -7.88 -7.45
N TYR A 58 -4.94 -7.46 -8.70
CA TYR A 58 -6.01 -6.53 -9.01
C TYR A 58 -7.30 -6.91 -8.27
N ASN A 59 -7.80 -8.09 -8.59
CA ASN A 59 -9.02 -8.59 -7.97
C ASN A 59 -8.83 -10.05 -7.59
N ARG A 60 -7.75 -10.32 -6.88
CA ARG A 60 -7.45 -11.68 -6.45
C ARG A 60 -6.94 -11.67 -5.00
N THR A 61 -7.90 -11.71 -4.08
CA THR A 61 -7.57 -11.70 -2.67
C THR A 61 -6.72 -12.92 -2.31
N ASN A 62 -6.79 -13.92 -3.19
CA ASN A 62 -6.03 -15.14 -2.99
C ASN A 62 -4.54 -14.82 -2.93
N THR A 63 -4.22 -13.62 -3.39
CA THR A 63 -2.83 -13.17 -3.41
C THR A 63 -2.62 -12.04 -2.38
N ARG A 64 -3.47 -12.05 -1.36
CA ARG A 64 -3.39 -11.04 -0.32
C ARG A 64 -2.49 -11.52 0.82
N VAL A 65 -1.62 -10.62 1.26
CA VAL A 65 -0.70 -10.94 2.34
C VAL A 65 -0.89 -9.94 3.47
N THR A 66 -0.44 -10.34 4.66
CA THR A 66 -0.55 -9.50 5.83
C THR A 66 0.81 -9.30 6.49
N HIS A 67 1.31 -8.08 6.40
CA HIS A 67 2.59 -7.76 6.98
C HIS A 67 2.43 -6.62 8.00
N TYR A 68 3.37 -6.56 8.92
CA TYR A 68 3.35 -5.54 9.96
C TYR A 68 4.70 -4.84 10.08
N LEU A 69 4.65 -3.51 10.07
CA LEU A 69 5.86 -2.72 10.16
C LEU A 69 5.72 -1.73 11.32
N PRO A 70 6.89 -1.24 11.80
CA PRO A 70 6.92 -0.29 12.91
C PRO A 70 6.47 1.10 12.44
N ASN A 71 6.42 2.01 13.39
CA ASN A 71 6.01 3.38 13.10
C ASN A 71 7.24 4.19 12.64
N VAL A 72 8.27 3.46 12.25
CA VAL A 72 9.50 4.07 11.79
C VAL A 72 9.68 3.79 10.29
N THR A 73 9.02 2.74 9.84
CA THR A 73 9.11 2.34 8.44
C THR A 73 7.83 2.74 7.70
N LEU A 74 8.01 3.14 6.45
CA LEU A 74 6.88 3.54 5.63
C LEU A 74 7.04 2.95 4.23
N GLU A 75 7.98 2.02 4.12
CA GLU A 75 8.25 1.38 2.84
C GLU A 75 8.61 -0.09 3.05
N TYR A 76 8.31 -0.90 2.06
CA TYR A 76 8.60 -2.32 2.12
C TYR A 76 8.68 -2.93 0.72
N ARG A 77 9.43 -4.01 0.63
CA ARG A 77 9.60 -4.71 -0.65
C ARG A 77 8.58 -5.83 -0.78
N VAL A 78 7.82 -5.78 -1.87
CA VAL A 78 6.81 -6.79 -2.13
C VAL A 78 7.38 -7.85 -3.06
N THR A 79 6.92 -9.08 -2.86
CA THR A 79 7.38 -10.19 -3.68
C THR A 79 6.30 -11.29 -3.74
N GLY A 80 6.27 -11.98 -4.87
CA GLY A 80 5.31 -13.05 -5.06
C GLY A 80 4.12 -12.57 -5.91
N LEU A 81 4.40 -11.57 -6.74
CA LEU A 81 3.37 -11.03 -7.61
C LEU A 81 3.38 -11.78 -8.94
N THR A 82 2.93 -11.09 -9.98
CA THR A 82 2.88 -11.70 -11.30
C THR A 82 3.38 -10.70 -12.36
N ALA A 83 4.11 -11.22 -13.33
CA ALA A 83 4.66 -10.40 -14.39
C ALA A 83 3.51 -9.76 -15.17
N LEU A 84 3.73 -8.52 -15.58
CA LEU A 84 2.73 -7.78 -16.32
C LEU A 84 1.34 -8.11 -15.77
N THR A 85 1.16 -7.77 -14.51
CA THR A 85 -0.11 -8.02 -13.84
C THR A 85 -0.46 -6.87 -12.90
N THR A 86 -1.74 -6.53 -12.86
CA THR A 86 -2.21 -5.46 -12.01
C THR A 86 -2.33 -5.93 -10.56
N TYR A 87 -1.83 -5.10 -9.66
CA TYR A 87 -1.88 -5.43 -8.24
C TYR A 87 -2.29 -4.21 -7.41
N THR A 88 -2.68 -4.48 -6.18
CA THR A 88 -3.10 -3.41 -5.28
C THR A 88 -2.38 -3.55 -3.93
N ILE A 89 -1.71 -2.45 -3.55
CA ILE A 89 -0.98 -2.43 -2.30
C ILE A 89 -1.71 -1.53 -1.30
N GLU A 90 -2.18 -2.14 -0.23
CA GLU A 90 -2.89 -1.41 0.80
C GLU A 90 -1.96 -1.09 1.97
N VAL A 91 -1.81 0.19 2.25
CA VAL A 91 -0.95 0.64 3.34
C VAL A 91 -1.80 1.34 4.39
N ALA A 92 -1.81 0.76 5.58
CA ALA A 92 -2.58 1.31 6.69
C ALA A 92 -1.64 1.61 7.85
N ALA A 93 -2.05 2.57 8.67
CA ALA A 93 -1.26 2.96 9.83
C ALA A 93 -1.91 2.41 11.09
N MET A 94 -1.08 1.78 11.93
CA MET A 94 -1.56 1.20 13.16
C MET A 94 -1.19 2.09 14.35
N THR A 95 -2.14 2.20 15.27
CA THR A 95 -1.93 3.02 16.46
C THR A 95 -2.06 2.16 17.72
N SER A 96 -2.16 2.85 18.85
CA SER A 96 -2.28 2.16 20.13
C SER A 96 -3.71 1.62 20.30
N LYS A 97 -4.54 1.92 19.31
CA LYS A 97 -5.92 1.48 19.33
C LYS A 97 -6.09 0.31 18.36
N GLY A 98 -5.52 0.47 17.18
CA GLY A 98 -5.60 -0.56 16.16
C GLY A 98 -5.11 -0.04 14.81
N GLN A 99 -5.84 -0.39 13.77
CA GLN A 99 -5.49 0.03 12.42
C GLN A 99 -6.53 1.01 11.88
N GLY A 100 -6.06 1.96 11.10
CA GLY A 100 -6.94 2.96 10.52
C GLY A 100 -7.15 2.70 9.02
N GLN A 101 -7.50 3.77 8.31
CA GLN A 101 -7.74 3.67 6.89
C GLN A 101 -6.55 3.00 6.20
N VAL A 102 -6.72 2.72 4.92
CA VAL A 102 -5.68 2.08 4.14
C VAL A 102 -5.66 2.68 2.73
N SER A 103 -4.47 2.94 2.24
CA SER A 103 -4.30 3.51 0.92
C SER A 103 -3.94 2.41 -0.09
N ALA A 104 -4.94 2.01 -0.86
CA ALA A 104 -4.74 0.97 -1.86
C ALA A 104 -4.50 1.61 -3.22
N SER A 105 -3.31 1.36 -3.76
CA SER A 105 -2.94 1.92 -5.05
C SER A 105 -2.69 0.79 -6.04
N THR A 106 -3.34 0.89 -7.19
CA THR A 106 -3.19 -0.11 -8.24
C THR A 106 -1.86 0.06 -8.97
N ILE A 107 -1.14 -1.04 -9.07
CA ILE A 107 0.16 -1.03 -9.74
C ILE A 107 0.33 -2.32 -10.53
N SER A 108 0.76 -2.17 -11.77
CA SER A 108 0.97 -3.31 -12.64
C SER A 108 2.46 -3.64 -12.73
N SER A 109 2.79 -4.87 -12.34
CA SER A 109 4.17 -5.32 -12.36
C SER A 109 4.89 -4.72 -13.58
N GLY A 110 6.18 -4.45 -13.38
CA GLY A 110 6.98 -3.89 -14.45
C GLY A 110 7.07 -4.84 -15.64
N VAL A 111 8.07 -5.71 -15.58
CA VAL A 111 8.28 -6.68 -16.64
C VAL A 111 9.45 -7.59 -16.28
N PRO A 112 9.31 -8.89 -16.65
CA PRO A 112 10.34 -9.87 -16.36
C PRO A 112 11.54 -9.69 -17.31
N PRO A 113 12.74 -9.56 -16.69
CA PRO A 113 13.96 -9.38 -17.46
C PRO A 113 14.40 -10.70 -18.11
N SER A 114 13.48 -11.29 -18.85
CA SER A 114 13.76 -12.55 -19.53
C SER A 114 14.42 -12.28 -20.88
N GLY A 115 13.67 -11.59 -21.74
CA GLY A 115 14.18 -11.27 -23.06
C GLY A 115 13.18 -10.39 -23.82
N PRO A 116 13.01 -9.14 -23.31
CA PRO A 116 12.09 -8.19 -23.93
C PRO A 116 12.69 -7.62 -25.22
N SER A 117 11.91 -6.75 -25.85
CA SER A 117 12.34 -6.13 -27.08
C SER A 117 11.47 -4.91 -27.40
N SER A 118 12.10 -3.76 -27.46
CA SER A 118 11.40 -2.52 -27.75
C SER A 118 11.03 -2.46 -29.23
N GLY A 119 10.22 -1.47 -29.57
CA GLY A 119 9.78 -1.29 -30.94
C GLY A 119 9.24 -2.60 -31.52
N GLY A 1 8.05 14.97 -11.48
CA GLY A 1 7.22 13.89 -12.00
C GLY A 1 6.12 13.52 -11.01
N SER A 2 4.98 13.14 -11.55
CA SER A 2 3.85 12.75 -10.72
C SER A 2 2.73 12.18 -11.60
N SER A 3 2.08 11.16 -11.08
CA SER A 3 0.99 10.51 -11.80
C SER A 3 -0.28 10.52 -10.95
N GLY A 4 -1.34 11.07 -11.51
CA GLY A 4 -2.62 11.14 -10.83
C GLY A 4 -3.63 10.19 -11.46
N SER A 5 -4.89 10.37 -11.05
CA SER A 5 -5.97 9.54 -11.58
C SER A 5 -7.32 10.22 -11.31
N SER A 6 -8.13 10.28 -12.37
CA SER A 6 -9.44 10.90 -12.26
C SER A 6 -10.37 9.99 -11.45
N GLY A 7 -10.65 10.43 -10.24
CA GLY A 7 -11.53 9.68 -9.35
C GLY A 7 -11.70 10.39 -8.01
N PRO A 8 -11.93 9.57 -6.96
CA PRO A 8 -12.11 10.10 -5.62
C PRO A 8 -10.78 10.56 -5.02
N GLN A 9 -10.85 11.09 -3.81
CA GLN A 9 -9.66 11.56 -3.12
C GLN A 9 -9.59 10.96 -1.71
N LEU A 10 -10.46 11.45 -0.85
CA LEU A 10 -10.51 10.97 0.53
C LEU A 10 -11.86 11.33 1.14
N VAL A 11 -12.17 10.66 2.24
CA VAL A 11 -13.42 10.90 2.93
C VAL A 11 -13.13 11.17 4.41
N ARG A 12 -13.72 12.25 4.91
CA ARG A 12 -13.53 12.63 6.30
C ARG A 12 -14.50 11.84 7.20
N THR A 13 -13.93 10.86 7.89
CA THR A 13 -14.72 10.02 8.78
C THR A 13 -14.09 9.98 10.17
N HIS A 14 -14.89 10.39 11.15
CA HIS A 14 -14.42 10.42 12.52
C HIS A 14 -14.14 8.99 13.00
N GLU A 15 -12.96 8.80 13.57
CA GLU A 15 -12.56 7.50 14.07
C GLU A 15 -11.27 7.60 14.87
N ASP A 16 -11.19 6.82 15.93
CA ASP A 16 -10.02 6.81 16.79
C ASP A 16 -8.78 6.56 15.93
N VAL A 17 -8.73 5.37 15.35
CA VAL A 17 -7.61 4.99 14.51
C VAL A 17 -7.28 6.14 13.55
N PRO A 18 -6.07 6.06 12.95
CA PRO A 18 -5.63 7.08 12.01
C PRO A 18 -6.35 6.94 10.67
N GLY A 19 -6.01 7.84 9.75
CA GLY A 19 -6.62 7.83 8.44
C GLY A 19 -5.69 7.15 7.42
N PRO A 20 -5.87 7.55 6.12
CA PRO A 20 -5.07 6.99 5.05
C PRO A 20 -3.65 7.56 5.06
N VAL A 21 -2.68 6.68 5.01
CA VAL A 21 -1.28 7.09 5.02
C VAL A 21 -1.06 8.12 3.91
N GLY A 22 0.20 8.51 3.75
CA GLY A 22 0.56 9.48 2.74
C GLY A 22 0.28 8.95 1.33
N HIS A 23 0.96 9.54 0.36
CA HIS A 23 0.79 9.13 -1.02
C HIS A 23 1.69 7.93 -1.32
N LEU A 24 1.05 6.78 -1.47
CA LEU A 24 1.78 5.55 -1.75
C LEU A 24 2.70 5.77 -2.95
N SER A 25 3.80 5.04 -2.96
CA SER A 25 4.76 5.15 -4.05
C SER A 25 5.36 3.78 -4.35
N PHE A 26 5.67 3.57 -5.62
CA PHE A 26 6.25 2.32 -6.06
C PHE A 26 7.51 2.55 -6.89
N SER A 27 8.55 1.78 -6.58
CA SER A 27 9.80 1.90 -7.29
C SER A 27 10.45 0.51 -7.43
N GLU A 28 11.50 0.47 -8.23
CA GLU A 28 12.22 -0.78 -8.46
C GLU A 28 11.23 -1.92 -8.71
N ILE A 29 10.37 -1.71 -9.68
CA ILE A 29 9.37 -2.71 -10.03
C ILE A 29 9.95 -3.66 -11.08
N LEU A 30 9.74 -4.95 -10.85
CA LEU A 30 10.24 -5.96 -11.76
C LEU A 30 9.05 -6.72 -12.37
N ASP A 31 9.09 -8.03 -12.22
CA ASP A 31 8.04 -8.87 -12.76
C ASP A 31 7.17 -9.39 -11.60
N THR A 32 7.82 -9.54 -10.44
CA THR A 32 7.13 -10.02 -9.25
C THR A 32 7.76 -9.43 -8.00
N SER A 33 8.40 -8.28 -8.18
CA SER A 33 9.05 -7.61 -7.06
C SER A 33 8.99 -6.09 -7.26
N LEU A 34 8.54 -5.41 -6.22
CA LEU A 34 8.43 -3.96 -6.27
C LEU A 34 8.49 -3.40 -4.85
N LYS A 35 9.03 -2.19 -4.75
CA LYS A 35 9.16 -1.54 -3.46
C LYS A 35 7.97 -0.61 -3.23
N VAL A 36 7.38 -0.72 -2.04
CA VAL A 36 6.23 0.09 -1.70
C VAL A 36 6.65 1.15 -0.68
N SER A 37 6.16 2.36 -0.89
CA SER A 37 6.47 3.47 0.01
C SER A 37 5.20 4.25 0.34
N TRP A 38 5.26 4.95 1.46
CA TRP A 38 4.11 5.73 1.90
C TRP A 38 4.62 6.74 2.95
N GLN A 39 3.70 7.62 3.37
CA GLN A 39 4.04 8.62 4.36
C GLN A 39 3.09 8.53 5.55
N GLU A 40 3.30 9.42 6.50
CA GLU A 40 2.47 9.45 7.70
C GLU A 40 1.13 10.13 7.40
N PRO A 41 0.04 9.56 8.00
CA PRO A 41 -1.29 10.10 7.81
C PRO A 41 -1.47 11.39 8.60
N GLY A 42 -2.35 12.24 8.09
CA GLY A 42 -2.64 13.51 8.73
C GLY A 42 -3.49 13.30 9.98
N GLU A 43 -4.35 12.30 9.92
CA GLU A 43 -5.23 11.98 11.04
C GLU A 43 -4.52 11.06 12.03
N LYS A 44 -3.27 11.39 12.31
CA LYS A 44 -2.47 10.59 13.23
C LYS A 44 -3.34 10.18 14.41
N ASN A 45 -4.27 11.06 14.77
CA ASN A 45 -5.16 10.80 15.88
C ASN A 45 -4.37 10.20 17.04
N GLY A 46 -3.09 10.55 17.08
CA GLY A 46 -2.21 10.05 18.13
C GLY A 46 -0.83 9.69 17.57
N ILE A 47 -0.40 8.48 17.89
CA ILE A 47 0.90 8.01 17.43
C ILE A 47 0.73 6.62 16.82
N LEU A 48 1.46 6.39 15.74
CA LEU A 48 1.42 5.10 15.05
C LEU A 48 2.47 4.18 15.66
N THR A 49 2.08 2.90 15.78
CA THR A 49 2.99 1.91 16.33
C THR A 49 3.44 0.94 15.24
N GLY A 50 2.97 1.19 14.03
CA GLY A 50 3.32 0.36 12.89
C GLY A 50 2.39 0.61 11.71
N TYR A 51 2.63 -0.12 10.63
CA TYR A 51 1.82 0.02 9.43
C TYR A 51 1.56 -1.34 8.79
N ARG A 52 0.28 -1.62 8.56
CA ARG A 52 -0.12 -2.87 7.94
C ARG A 52 -0.12 -2.74 6.42
N ILE A 53 0.58 -3.66 5.78
CA ILE A 53 0.66 -3.66 4.33
C ILE A 53 0.02 -4.94 3.78
N SER A 54 -0.58 -4.81 2.61
CA SER A 54 -1.24 -5.94 1.98
C SER A 54 -1.25 -5.75 0.45
N TRP A 55 -0.51 -6.63 -0.21
CA TRP A 55 -0.43 -6.57 -1.67
C TRP A 55 -1.29 -7.69 -2.23
N GLU A 56 -2.29 -7.28 -3.00
CA GLU A 56 -3.21 -8.23 -3.62
C GLU A 56 -3.45 -7.88 -5.08
N GLU A 57 -3.57 -8.91 -5.90
CA GLU A 57 -3.81 -8.71 -7.32
C GLU A 57 -4.94 -7.71 -7.54
N TYR A 58 -5.18 -7.42 -8.81
CA TYR A 58 -6.22 -6.47 -9.17
C TYR A 58 -7.54 -6.81 -8.48
N ASN A 59 -8.06 -7.98 -8.83
CA ASN A 59 -9.31 -8.44 -8.24
C ASN A 59 -9.12 -9.85 -7.68
N ARG A 60 -8.29 -9.94 -6.65
CA ARG A 60 -8.01 -11.21 -6.02
C ARG A 60 -7.50 -10.99 -4.60
N THR A 61 -8.37 -11.26 -3.63
CA THR A 61 -8.02 -11.09 -2.24
C THR A 61 -7.20 -12.29 -1.75
N ASN A 62 -7.39 -13.41 -2.43
CA ASN A 62 -6.66 -14.62 -2.08
C ASN A 62 -5.16 -14.40 -2.28
N THR A 63 -4.86 -13.37 -3.05
CA THR A 63 -3.47 -13.04 -3.32
C THR A 63 -3.01 -11.87 -2.44
N ARG A 64 -3.70 -11.71 -1.32
CA ARG A 64 -3.38 -10.64 -0.39
C ARG A 64 -2.43 -11.16 0.70
N VAL A 65 -1.55 -10.27 1.15
CA VAL A 65 -0.60 -10.62 2.18
C VAL A 65 -0.82 -9.72 3.40
N THR A 66 -0.33 -10.19 4.54
CA THR A 66 -0.47 -9.44 5.77
C THR A 66 0.89 -9.30 6.47
N HIS A 67 1.43 -8.09 6.40
CA HIS A 67 2.72 -7.81 7.01
C HIS A 67 2.56 -6.71 8.06
N TYR A 68 3.53 -6.66 8.96
CA TYR A 68 3.51 -5.65 10.01
C TYR A 68 4.87 -4.95 10.13
N LEU A 69 4.81 -3.62 10.08
CA LEU A 69 6.02 -2.82 10.17
C LEU A 69 5.90 -1.85 11.34
N PRO A 70 7.07 -1.34 11.79
CA PRO A 70 7.11 -0.40 12.90
C PRO A 70 6.63 0.98 12.47
N ASN A 71 6.53 1.88 13.45
CA ASN A 71 6.09 3.23 13.18
C ASN A 71 7.29 4.07 12.72
N VAL A 72 8.32 3.38 12.29
CA VAL A 72 9.53 4.05 11.82
C VAL A 72 9.70 3.79 10.32
N THR A 73 9.06 2.72 9.86
CA THR A 73 9.14 2.36 8.46
C THR A 73 7.85 2.74 7.74
N LEU A 74 8.00 3.15 6.49
CA LEU A 74 6.86 3.55 5.68
C LEU A 74 7.02 2.99 4.27
N GLU A 75 7.99 2.09 4.12
CA GLU A 75 8.26 1.48 2.83
C GLU A 75 8.72 0.03 3.03
N TYR A 76 8.30 -0.82 2.10
CA TYR A 76 8.65 -2.22 2.15
C TYR A 76 8.75 -2.83 0.74
N ARG A 77 9.58 -3.84 0.62
CA ARG A 77 9.76 -4.51 -0.66
C ARG A 77 8.80 -5.70 -0.78
N VAL A 78 8.01 -5.66 -1.85
CA VAL A 78 7.04 -6.73 -2.09
C VAL A 78 7.64 -7.73 -3.08
N THR A 79 7.30 -8.99 -2.87
CA THR A 79 7.79 -10.04 -3.74
C THR A 79 6.81 -11.23 -3.75
N GLY A 80 6.72 -11.86 -4.91
CA GLY A 80 5.82 -13.01 -5.06
C GLY A 80 4.57 -12.61 -5.86
N LEU A 81 4.69 -11.51 -6.57
CA LEU A 81 3.58 -11.02 -7.38
C LEU A 81 3.54 -11.80 -8.70
N THR A 82 3.23 -11.08 -9.76
CA THR A 82 3.14 -11.68 -11.08
C THR A 82 3.63 -10.70 -12.15
N ALA A 83 4.26 -11.26 -13.18
CA ALA A 83 4.78 -10.45 -14.26
C ALA A 83 3.61 -9.91 -15.10
N LEU A 84 3.73 -8.64 -15.46
CA LEU A 84 2.70 -8.00 -16.27
C LEU A 84 1.33 -8.29 -15.64
N THR A 85 1.20 -7.92 -14.38
CA THR A 85 -0.05 -8.14 -13.66
C THR A 85 -0.39 -6.93 -12.81
N THR A 86 -1.68 -6.63 -12.72
CA THR A 86 -2.15 -5.50 -11.94
C THR A 86 -2.33 -5.91 -10.48
N TYR A 87 -1.56 -5.27 -9.61
CA TYR A 87 -1.63 -5.55 -8.19
C TYR A 87 -1.99 -4.30 -7.40
N THR A 88 -2.64 -4.51 -6.27
CA THR A 88 -3.06 -3.41 -5.42
C THR A 88 -2.43 -3.55 -4.02
N ILE A 89 -1.55 -2.61 -3.71
CA ILE A 89 -0.88 -2.63 -2.42
C ILE A 89 -1.64 -1.72 -1.44
N GLU A 90 -2.11 -2.32 -0.37
CA GLU A 90 -2.85 -1.60 0.64
C GLU A 90 -1.97 -1.32 1.85
N VAL A 91 -1.76 -0.04 2.12
CA VAL A 91 -0.92 0.36 3.25
C VAL A 91 -1.81 1.07 4.29
N ALA A 92 -1.83 0.51 5.49
CA ALA A 92 -2.61 1.07 6.57
C ALA A 92 -1.70 1.38 7.75
N ALA A 93 -2.17 2.28 8.61
CA ALA A 93 -1.40 2.67 9.78
C ALA A 93 -1.89 1.88 10.99
N MET A 94 -1.11 1.94 12.06
CA MET A 94 -1.44 1.24 13.28
C MET A 94 -1.14 2.09 14.52
N THR A 95 -2.09 2.14 15.42
CA THR A 95 -1.94 2.91 16.64
C THR A 95 -2.06 2.01 17.86
N SER A 96 -2.22 2.64 19.02
CA SER A 96 -2.35 1.90 20.26
C SER A 96 -3.79 1.44 20.46
N LYS A 97 -4.60 1.67 19.42
CA LYS A 97 -5.99 1.28 19.46
C LYS A 97 -6.25 0.20 18.41
N GLY A 98 -5.62 0.38 17.25
CA GLY A 98 -5.76 -0.57 16.17
C GLY A 98 -5.29 0.04 14.84
N GLN A 99 -5.83 -0.49 13.76
CA GLN A 99 -5.49 -0.01 12.44
C GLN A 99 -6.57 0.94 11.90
N GLY A 100 -6.12 1.96 11.19
CA GLY A 100 -7.03 2.93 10.63
C GLY A 100 -7.22 2.71 9.13
N GLN A 101 -7.52 3.79 8.43
CA GLN A 101 -7.73 3.73 6.99
C GLN A 101 -6.57 2.96 6.33
N VAL A 102 -6.78 2.66 5.06
CA VAL A 102 -5.77 1.93 4.29
C VAL A 102 -5.63 2.56 2.91
N SER A 103 -4.38 2.68 2.48
CA SER A 103 -4.09 3.25 1.17
C SER A 103 -3.80 2.14 0.16
N ALA A 104 -4.80 1.88 -0.68
CA ALA A 104 -4.66 0.84 -1.69
C ALA A 104 -4.46 1.50 -3.06
N SER A 105 -3.31 1.23 -3.65
CA SER A 105 -2.98 1.78 -4.95
C SER A 105 -2.68 0.67 -5.95
N THR A 106 -3.32 0.75 -7.10
CA THR A 106 -3.12 -0.24 -8.14
C THR A 106 -1.78 -0.03 -8.85
N ILE A 107 -1.09 -1.13 -9.10
CA ILE A 107 0.19 -1.07 -9.77
C ILE A 107 0.39 -2.34 -10.59
N SER A 108 0.78 -2.15 -11.84
CA SER A 108 1.01 -3.26 -12.74
C SER A 108 2.51 -3.60 -12.80
N SER A 109 2.83 -4.81 -12.36
CA SER A 109 4.20 -5.27 -12.35
C SER A 109 4.93 -4.74 -13.59
N GLY A 110 6.25 -4.59 -13.45
CA GLY A 110 7.06 -4.09 -14.54
C GLY A 110 7.07 -5.08 -15.71
N VAL A 111 8.08 -5.94 -15.72
CA VAL A 111 8.21 -6.92 -16.77
C VAL A 111 9.39 -7.84 -16.47
N PRO A 112 9.21 -9.15 -16.79
CA PRO A 112 10.25 -10.14 -16.55
C PRO A 112 11.37 -10.01 -17.58
N PRO A 113 12.63 -9.87 -17.05
CA PRO A 113 13.79 -9.73 -17.91
C PRO A 113 14.16 -11.07 -18.54
N SER A 114 13.68 -12.13 -17.92
CA SER A 114 13.96 -13.47 -18.41
C SER A 114 13.83 -13.52 -19.93
N GLY A 115 14.90 -13.93 -20.58
CA GLY A 115 14.93 -14.02 -22.02
C GLY A 115 15.54 -12.76 -22.64
N PRO A 116 15.96 -12.90 -23.94
CA PRO A 116 16.56 -11.78 -24.65
C PRO A 116 15.49 -10.76 -25.06
N SER A 117 15.05 -9.99 -24.08
CA SER A 117 14.04 -8.98 -24.32
C SER A 117 14.67 -7.59 -24.27
N SER A 118 14.75 -6.96 -25.44
CA SER A 118 15.32 -5.64 -25.55
C SER A 118 14.32 -4.68 -26.19
N GLY A 119 13.89 -5.03 -27.39
CA GLY A 119 12.94 -4.22 -28.12
C GLY A 119 13.60 -2.94 -28.64
N GLY A 1 7.85 36.61 -2.03
CA GLY A 1 6.40 36.63 -2.10
C GLY A 1 5.82 35.24 -1.85
N SER A 2 4.53 35.21 -1.59
CA SER A 2 3.84 33.96 -1.32
C SER A 2 2.35 34.21 -1.10
N SER A 3 1.57 33.15 -1.24
CA SER A 3 0.13 33.25 -1.04
C SER A 3 -0.51 31.86 -1.14
N GLY A 4 -1.70 31.75 -0.59
CA GLY A 4 -2.43 30.49 -0.61
C GLY A 4 -3.03 30.18 0.77
N SER A 5 -4.21 29.57 0.73
CA SER A 5 -4.90 29.22 1.96
C SER A 5 -6.29 28.65 1.63
N SER A 6 -6.45 27.37 1.91
CA SER A 6 -7.71 26.70 1.65
C SER A 6 -7.72 25.33 2.33
N GLY A 7 -8.91 24.76 2.43
CA GLY A 7 -9.07 23.46 3.06
C GLY A 7 -10.50 23.28 3.59
N PRO A 8 -10.95 22.00 3.61
CA PRO A 8 -12.28 21.68 4.08
C PRO A 8 -12.34 21.76 5.61
N GLN A 9 -13.57 21.71 6.13
CA GLN A 9 -13.77 21.78 7.56
C GLN A 9 -14.99 20.93 7.96
N LEU A 10 -14.71 19.72 8.42
CA LEU A 10 -15.76 18.82 8.83
C LEU A 10 -15.43 18.25 10.22
N VAL A 11 -15.87 18.98 11.24
CA VAL A 11 -15.64 18.56 12.61
C VAL A 11 -16.57 17.41 12.96
N ARG A 12 -15.98 16.24 13.14
CA ARG A 12 -16.74 15.05 13.48
C ARG A 12 -15.79 13.89 13.79
N THR A 13 -16.25 13.03 14.70
CA THR A 13 -15.45 11.88 15.09
C THR A 13 -15.19 10.97 13.89
N HIS A 14 -13.97 11.02 13.39
CA HIS A 14 -13.59 10.21 12.25
C HIS A 14 -12.81 8.99 12.73
N GLU A 15 -13.43 8.25 13.64
CA GLU A 15 -12.81 7.05 14.18
C GLU A 15 -11.51 7.41 14.91
N ASP A 16 -11.24 6.67 15.97
CA ASP A 16 -10.04 6.90 16.76
C ASP A 16 -8.81 6.63 15.89
N VAL A 17 -8.76 5.42 15.35
CA VAL A 17 -7.66 5.02 14.50
C VAL A 17 -7.30 6.16 13.54
N PRO A 18 -6.10 6.06 12.93
CA PRO A 18 -5.63 7.08 12.01
C PRO A 18 -6.36 6.96 10.67
N GLY A 19 -6.00 7.86 9.76
CA GLY A 19 -6.60 7.87 8.44
C GLY A 19 -5.69 7.20 7.42
N PRO A 20 -5.83 7.64 6.14
CA PRO A 20 -5.03 7.10 5.06
C PRO A 20 -3.59 7.62 5.12
N VAL A 21 -2.66 6.67 5.10
CA VAL A 21 -1.25 7.02 5.15
C VAL A 21 -0.93 8.01 4.04
N GLY A 22 0.36 8.24 3.85
CA GLY A 22 0.81 9.16 2.82
C GLY A 22 0.30 8.74 1.43
N HIS A 23 1.04 9.16 0.42
CA HIS A 23 0.67 8.84 -0.95
C HIS A 23 1.42 7.58 -1.39
N LEU A 24 0.65 6.54 -1.69
CA LEU A 24 1.21 5.28 -2.12
C LEU A 24 2.18 5.53 -3.28
N SER A 25 3.34 4.89 -3.21
CA SER A 25 4.34 5.03 -4.25
C SER A 25 5.05 3.70 -4.48
N PHE A 26 5.50 3.51 -5.70
CA PHE A 26 6.20 2.29 -6.07
C PHE A 26 7.45 2.60 -6.90
N SER A 27 8.54 1.94 -6.53
CA SER A 27 9.80 2.14 -7.24
C SER A 27 10.49 0.78 -7.45
N GLU A 28 11.53 0.81 -8.27
CA GLU A 28 12.29 -0.40 -8.56
C GLU A 28 11.34 -1.59 -8.71
N ILE A 29 10.37 -1.41 -9.61
CA ILE A 29 9.39 -2.46 -9.86
C ILE A 29 9.99 -3.48 -10.84
N LEU A 30 9.57 -4.72 -10.68
CA LEU A 30 10.05 -5.79 -11.54
C LEU A 30 8.85 -6.50 -12.18
N ASP A 31 8.94 -7.83 -12.20
CA ASP A 31 7.89 -8.64 -12.77
C ASP A 31 7.10 -9.31 -11.64
N THR A 32 7.77 -9.48 -10.51
CA THR A 32 7.15 -10.09 -9.35
C THR A 32 7.78 -9.57 -8.06
N SER A 33 8.28 -8.35 -8.14
CA SER A 33 8.91 -7.72 -6.99
C SER A 33 8.97 -6.20 -7.19
N LEU A 34 8.47 -5.49 -6.18
CA LEU A 34 8.46 -4.04 -6.23
C LEU A 34 8.51 -3.49 -4.81
N LYS A 35 9.10 -2.31 -4.69
CA LYS A 35 9.23 -1.66 -3.40
C LYS A 35 8.03 -0.73 -3.18
N VAL A 36 7.50 -0.77 -1.96
CA VAL A 36 6.37 0.05 -1.61
C VAL A 36 6.81 1.10 -0.58
N SER A 37 6.32 2.32 -0.78
CA SER A 37 6.65 3.41 0.12
C SER A 37 5.41 4.26 0.38
N TRP A 38 5.39 4.87 1.56
CA TRP A 38 4.27 5.71 1.95
C TRP A 38 4.78 6.73 2.97
N GLN A 39 3.84 7.54 3.46
CA GLN A 39 4.18 8.55 4.44
C GLN A 39 3.22 8.50 5.63
N GLU A 40 3.44 9.40 6.57
CA GLU A 40 2.60 9.45 7.76
C GLU A 40 1.27 10.14 7.45
N PRO A 41 0.18 9.58 8.03
CA PRO A 41 -1.15 10.14 7.82
C PRO A 41 -1.34 11.43 8.61
N GLY A 42 -2.20 12.28 8.09
CA GLY A 42 -2.49 13.56 8.74
C GLY A 42 -3.36 13.36 9.98
N GLU A 43 -4.23 12.36 9.90
CA GLU A 43 -5.12 12.05 11.01
C GLU A 43 -4.43 11.12 12.00
N LYS A 44 -3.18 11.45 12.30
CA LYS A 44 -2.40 10.65 13.23
C LYS A 44 -3.29 10.26 14.42
N ASN A 45 -4.21 11.14 14.75
CA ASN A 45 -5.12 10.89 15.85
C ASN A 45 -4.34 10.29 17.03
N GLY A 46 -3.07 10.62 17.09
CA GLY A 46 -2.20 10.12 18.14
C GLY A 46 -0.82 9.76 17.60
N ILE A 47 -0.40 8.54 17.91
CA ILE A 47 0.89 8.06 17.47
C ILE A 47 0.74 6.66 16.87
N LEU A 48 1.46 6.43 15.78
CA LEU A 48 1.41 5.14 15.11
C LEU A 48 2.44 4.20 15.73
N THR A 49 2.05 2.95 15.86
CA THR A 49 2.92 1.94 16.44
C THR A 49 3.40 0.96 15.36
N GLY A 50 2.95 1.21 14.14
CA GLY A 50 3.33 0.36 13.03
C GLY A 50 2.42 0.63 11.82
N TYR A 51 2.67 -0.13 10.76
CA TYR A 51 1.90 0.02 9.54
C TYR A 51 1.61 -1.34 8.90
N ARG A 52 0.34 -1.56 8.59
CA ARG A 52 -0.07 -2.81 7.97
C ARG A 52 -0.10 -2.68 6.46
N ILE A 53 0.64 -3.56 5.81
CA ILE A 53 0.72 -3.56 4.35
C ILE A 53 0.09 -4.84 3.81
N SER A 54 -0.53 -4.71 2.64
CA SER A 54 -1.17 -5.85 2.00
C SER A 54 -1.19 -5.65 0.48
N TRP A 55 -0.53 -6.57 -0.21
CA TRP A 55 -0.46 -6.51 -1.66
C TRP A 55 -1.33 -7.64 -2.22
N GLU A 56 -2.33 -7.25 -2.99
CA GLU A 56 -3.24 -8.21 -3.59
C GLU A 56 -3.55 -7.82 -5.04
N GLU A 57 -3.66 -8.83 -5.88
CA GLU A 57 -3.96 -8.61 -7.29
C GLU A 57 -5.14 -7.64 -7.43
N TYR A 58 -5.45 -7.33 -8.68
CA TYR A 58 -6.55 -6.42 -8.97
C TYR A 58 -7.85 -6.91 -8.33
N ASN A 59 -8.27 -8.09 -8.76
CA ASN A 59 -9.50 -8.68 -8.25
C ASN A 59 -9.21 -10.12 -7.79
N ARG A 60 -8.38 -10.23 -6.76
CA ARG A 60 -8.03 -11.53 -6.23
C ARG A 60 -7.63 -11.40 -4.76
N THR A 61 -8.50 -11.92 -3.90
CA THR A 61 -8.25 -11.87 -2.47
C THR A 61 -7.40 -13.07 -2.03
N ASN A 62 -7.13 -13.94 -2.99
CA ASN A 62 -6.34 -15.13 -2.72
C ASN A 62 -4.87 -14.74 -2.57
N THR A 63 -4.46 -13.79 -3.40
CA THR A 63 -3.09 -13.31 -3.37
C THR A 63 -2.95 -12.15 -2.40
N ARG A 64 -3.62 -12.28 -1.26
CA ARG A 64 -3.59 -11.25 -0.24
C ARG A 64 -2.47 -11.54 0.77
N VAL A 65 -1.83 -10.48 1.22
CA VAL A 65 -0.74 -10.60 2.18
C VAL A 65 -1.03 -9.71 3.39
N THR A 66 -0.36 -10.02 4.49
CA THR A 66 -0.53 -9.26 5.72
C THR A 66 0.81 -9.13 6.45
N HIS A 67 1.44 -7.98 6.27
CA HIS A 67 2.72 -7.73 6.91
C HIS A 67 2.55 -6.64 7.98
N TYR A 68 3.50 -6.60 8.89
CA TYR A 68 3.48 -5.62 9.96
C TYR A 68 4.83 -4.93 10.12
N LEU A 69 4.81 -3.61 10.00
CA LEU A 69 6.02 -2.82 10.12
C LEU A 69 5.89 -1.87 11.31
N PRO A 70 7.07 -1.37 11.78
CA PRO A 70 7.09 -0.46 12.91
C PRO A 70 6.63 0.94 12.50
N ASN A 71 6.52 1.82 13.49
CA ASN A 71 6.08 3.17 13.24
C ASN A 71 7.29 4.02 12.81
N VAL A 72 8.33 3.32 12.40
CA VAL A 72 9.55 3.99 11.96
C VAL A 72 9.75 3.75 10.46
N THR A 73 9.10 2.71 9.97
CA THR A 73 9.20 2.36 8.56
C THR A 73 7.90 2.72 7.83
N LEU A 74 8.05 3.13 6.58
CA LEU A 74 6.90 3.50 5.76
C LEU A 74 7.08 2.93 4.37
N GLU A 75 8.05 2.04 4.23
CA GLU A 75 8.32 1.41 2.95
C GLU A 75 8.72 -0.05 3.15
N TYR A 76 8.41 -0.86 2.14
CA TYR A 76 8.73 -2.27 2.19
C TYR A 76 8.82 -2.86 0.79
N ARG A 77 9.59 -3.94 0.67
CA ARG A 77 9.78 -4.60 -0.60
C ARG A 77 8.76 -5.74 -0.76
N VAL A 78 8.00 -5.67 -1.84
CA VAL A 78 6.99 -6.68 -2.11
C VAL A 78 7.57 -7.71 -3.08
N THR A 79 7.22 -8.98 -2.82
CA THR A 79 7.69 -10.06 -3.66
C THR A 79 6.69 -11.21 -3.66
N GLY A 80 6.59 -11.87 -4.81
CA GLY A 80 5.66 -12.97 -4.96
C GLY A 80 4.46 -12.58 -5.82
N LEU A 81 4.65 -11.54 -6.61
CA LEU A 81 3.59 -11.05 -7.48
C LEU A 81 3.62 -11.83 -8.80
N THR A 82 3.12 -11.20 -9.84
CA THR A 82 3.07 -11.82 -11.15
C THR A 82 3.58 -10.85 -12.22
N ALA A 83 4.23 -11.41 -13.22
CA ALA A 83 4.77 -10.62 -14.31
C ALA A 83 3.61 -9.99 -15.09
N LEU A 84 3.83 -8.74 -15.50
CA LEU A 84 2.82 -8.01 -16.25
C LEU A 84 1.44 -8.32 -15.66
N THR A 85 1.27 -7.94 -14.40
CA THR A 85 0.01 -8.16 -13.71
C THR A 85 -0.33 -6.95 -12.84
N THR A 86 -1.64 -6.72 -12.70
CA THR A 86 -2.11 -5.61 -11.89
C THR A 86 -2.18 -6.01 -10.42
N TYR A 87 -1.56 -5.19 -9.58
CA TYR A 87 -1.55 -5.45 -8.15
C TYR A 87 -1.88 -4.18 -7.36
N THR A 88 -2.63 -4.37 -6.29
CA THR A 88 -3.03 -3.25 -5.44
C THR A 88 -2.43 -3.40 -4.05
N ILE A 89 -1.50 -2.51 -3.74
CA ILE A 89 -0.83 -2.53 -2.44
C ILE A 89 -1.59 -1.63 -1.48
N GLU A 90 -2.06 -2.22 -0.40
CA GLU A 90 -2.80 -1.48 0.61
C GLU A 90 -1.93 -1.23 1.84
N VAL A 91 -1.70 0.05 2.10
CA VAL A 91 -0.87 0.44 3.23
C VAL A 91 -1.76 1.13 4.29
N ALA A 92 -1.79 0.53 5.46
CA ALA A 92 -2.58 1.07 6.56
C ALA A 92 -1.67 1.39 7.75
N ALA A 93 -2.13 2.29 8.58
CA ALA A 93 -1.37 2.69 9.76
C ALA A 93 -1.88 1.92 10.98
N MET A 94 -1.11 2.00 12.05
CA MET A 94 -1.46 1.30 13.28
C MET A 94 -1.14 2.17 14.51
N THR A 95 -2.10 2.25 15.40
CA THR A 95 -1.93 3.03 16.62
C THR A 95 -2.06 2.14 17.85
N SER A 96 -2.19 2.78 19.00
CA SER A 96 -2.32 2.07 20.26
C SER A 96 -3.76 1.59 20.44
N LYS A 97 -4.56 1.81 19.41
CA LYS A 97 -5.95 1.41 19.44
C LYS A 97 -6.19 0.31 18.40
N GLY A 98 -5.55 0.48 17.26
CA GLY A 98 -5.67 -0.50 16.18
C GLY A 98 -5.25 0.12 14.85
N GLN A 99 -5.81 -0.42 13.78
CA GLN A 99 -5.49 0.05 12.44
C GLN A 99 -6.60 0.98 11.94
N GLY A 100 -6.18 1.98 11.17
CA GLY A 100 -7.11 2.95 10.62
C GLY A 100 -7.32 2.73 9.11
N GLN A 101 -7.59 3.83 8.43
CA GLN A 101 -7.80 3.76 6.99
C GLN A 101 -6.66 2.99 6.31
N VAL A 102 -6.78 2.86 5.01
CA VAL A 102 -5.77 2.14 4.23
C VAL A 102 -5.66 2.77 2.84
N SER A 103 -4.42 2.84 2.36
CA SER A 103 -4.16 3.41 1.05
C SER A 103 -3.81 2.30 0.06
N ALA A 104 -4.79 1.97 -0.78
CA ALA A 104 -4.61 0.93 -1.78
C ALA A 104 -4.41 1.59 -3.15
N SER A 105 -3.25 1.34 -3.72
CA SER A 105 -2.91 1.89 -5.03
C SER A 105 -2.64 0.76 -6.02
N THR A 106 -3.28 0.87 -7.17
CA THR A 106 -3.12 -0.13 -8.21
C THR A 106 -1.78 0.05 -8.94
N ILE A 107 -1.08 -1.05 -9.12
CA ILE A 107 0.21 -1.02 -9.78
C ILE A 107 0.39 -2.30 -10.59
N SER A 108 0.78 -2.13 -11.84
CA SER A 108 0.99 -3.27 -12.72
C SER A 108 2.49 -3.59 -12.82
N SER A 109 2.83 -4.80 -12.41
CA SER A 109 4.22 -5.23 -12.44
C SER A 109 4.90 -4.70 -13.70
N GLY A 110 6.19 -4.38 -13.55
CA GLY A 110 6.96 -3.84 -14.66
C GLY A 110 7.05 -4.86 -15.79
N VAL A 111 8.07 -5.71 -15.71
CA VAL A 111 8.29 -6.74 -16.71
C VAL A 111 9.49 -7.60 -16.31
N PRO A 112 9.37 -8.93 -16.61
CA PRO A 112 10.42 -9.86 -16.28
C PRO A 112 11.60 -9.71 -17.25
N PRO A 113 12.81 -9.51 -16.66
CA PRO A 113 14.02 -9.35 -17.46
C PRO A 113 14.49 -10.69 -18.03
N SER A 114 15.47 -10.61 -18.90
CA SER A 114 16.02 -11.81 -19.51
C SER A 114 17.30 -11.47 -20.28
N GLY A 115 18.41 -12.03 -19.81
CA GLY A 115 19.69 -11.80 -20.42
C GLY A 115 20.00 -10.30 -20.52
N PRO A 116 21.22 -9.99 -21.02
CA PRO A 116 21.65 -8.61 -21.16
C PRO A 116 20.96 -7.95 -22.36
N SER A 117 19.75 -7.46 -22.11
CA SER A 117 18.99 -6.80 -23.16
C SER A 117 19.40 -5.33 -23.27
N SER A 118 18.98 -4.72 -24.36
CA SER A 118 19.30 -3.32 -24.59
C SER A 118 18.02 -2.47 -24.49
N GLY A 119 17.66 -2.17 -23.26
CA GLY A 119 16.47 -1.37 -23.00
C GLY A 119 16.84 0.00 -22.43
N GLY A 1 -3.44 17.11 13.13
CA GLY A 1 -4.67 17.79 13.46
C GLY A 1 -4.90 19.00 12.53
N SER A 2 -4.75 20.18 13.11
CA SER A 2 -4.93 21.41 12.35
C SER A 2 -3.68 21.68 11.50
N SER A 3 -3.92 21.86 10.21
CA SER A 3 -2.84 22.14 9.28
C SER A 3 -3.40 22.73 7.99
N GLY A 4 -3.40 24.05 7.94
CA GLY A 4 -3.90 24.76 6.77
C GLY A 4 -5.38 24.43 6.52
N SER A 5 -5.70 24.15 5.26
CA SER A 5 -7.06 23.84 4.88
C SER A 5 -7.08 23.23 3.48
N SER A 6 -7.83 22.15 3.33
CA SER A 6 -7.95 21.47 2.05
C SER A 6 -8.87 20.26 2.18
N GLY A 7 -9.49 19.91 1.06
CA GLY A 7 -10.39 18.77 1.03
C GLY A 7 -11.83 19.23 0.76
N PRO A 8 -12.64 18.26 0.26
CA PRO A 8 -14.04 18.54 -0.04
C PRO A 8 -14.88 18.64 1.23
N GLN A 9 -14.81 17.60 2.03
CA GLN A 9 -15.55 17.55 3.29
C GLN A 9 -15.36 18.87 4.05
N LEU A 10 -16.34 19.16 4.90
CA LEU A 10 -16.28 20.37 5.70
C LEU A 10 -16.41 20.00 7.18
N VAL A 11 -15.26 19.79 7.80
CA VAL A 11 -15.22 19.43 9.21
C VAL A 11 -15.91 18.09 9.41
N ARG A 12 -15.10 17.04 9.48
CA ARG A 12 -15.62 15.70 9.67
C ARG A 12 -14.56 14.80 10.31
N THR A 13 -14.88 14.34 11.52
CA THR A 13 -13.96 13.48 12.25
C THR A 13 -14.71 12.27 12.81
N HIS A 14 -13.97 11.19 13.00
CA HIS A 14 -14.54 9.97 13.54
C HIS A 14 -13.44 8.90 13.67
N GLU A 15 -13.78 7.85 14.41
CA GLU A 15 -12.84 6.76 14.61
C GLU A 15 -11.61 7.26 15.38
N ASP A 16 -11.07 6.39 16.22
CA ASP A 16 -9.90 6.72 17.00
C ASP A 16 -8.65 6.50 16.17
N VAL A 17 -8.61 5.36 15.49
CA VAL A 17 -7.48 5.02 14.65
C VAL A 17 -7.19 6.17 13.70
N PRO A 18 -5.97 6.13 13.09
CA PRO A 18 -5.57 7.17 12.15
C PRO A 18 -6.27 7.00 10.81
N GLY A 19 -5.96 7.91 9.89
CA GLY A 19 -6.57 7.88 8.57
C GLY A 19 -5.66 7.13 7.58
N PRO A 20 -5.85 7.47 6.28
CA PRO A 20 -5.06 6.86 5.22
C PRO A 20 -3.64 7.42 5.20
N VAL A 21 -2.68 6.52 5.20
CA VAL A 21 -1.28 6.91 5.18
C VAL A 21 -1.04 7.86 4.01
N GLY A 22 0.23 8.22 3.82
CA GLY A 22 0.60 9.12 2.74
C GLY A 22 0.17 8.56 1.39
N HIS A 23 0.73 9.14 0.34
CA HIS A 23 0.41 8.71 -1.01
C HIS A 23 1.22 7.46 -1.35
N LEU A 24 0.52 6.44 -1.82
CA LEU A 24 1.15 5.19 -2.18
C LEU A 24 2.20 5.45 -3.26
N SER A 25 3.33 4.77 -3.11
CA SER A 25 4.42 4.92 -4.06
C SER A 25 5.05 3.56 -4.36
N PHE A 26 5.54 3.41 -5.58
CA PHE A 26 6.16 2.18 -5.99
C PHE A 26 7.44 2.44 -6.81
N SER A 27 8.51 1.80 -6.40
CA SER A 27 9.79 1.97 -7.08
C SER A 27 10.46 0.61 -7.28
N GLU A 28 11.55 0.62 -8.02
CA GLU A 28 12.29 -0.61 -8.30
C GLU A 28 11.32 -1.76 -8.56
N ILE A 29 10.42 -1.52 -9.51
CA ILE A 29 9.43 -2.53 -9.87
C ILE A 29 10.04 -3.47 -10.91
N LEU A 30 9.84 -4.76 -10.70
CA LEU A 30 10.35 -5.77 -11.61
C LEU A 30 9.18 -6.45 -12.32
N ASP A 31 9.12 -7.76 -12.18
CA ASP A 31 8.06 -8.54 -12.80
C ASP A 31 7.15 -9.11 -11.72
N THR A 32 7.74 -9.36 -10.56
CA THR A 32 7.00 -9.91 -9.43
C THR A 32 7.54 -9.36 -8.11
N SER A 33 8.29 -8.27 -8.23
CA SER A 33 8.87 -7.63 -7.06
C SER A 33 8.89 -6.12 -7.24
N LEU A 34 8.41 -5.42 -6.23
CA LEU A 34 8.37 -3.97 -6.27
C LEU A 34 8.48 -3.43 -4.84
N LYS A 35 9.02 -2.23 -4.73
CA LYS A 35 9.19 -1.59 -3.43
C LYS A 35 8.02 -0.65 -3.19
N VAL A 36 7.38 -0.83 -2.05
CA VAL A 36 6.24 -0.01 -1.67
C VAL A 36 6.70 1.08 -0.71
N SER A 37 6.19 2.28 -0.94
CA SER A 37 6.54 3.42 -0.10
C SER A 37 5.29 4.25 0.20
N TRP A 38 5.24 4.76 1.41
CA TRP A 38 4.11 5.59 1.84
C TRP A 38 4.62 6.61 2.84
N GLN A 39 3.71 7.48 3.26
CA GLN A 39 4.06 8.52 4.22
C GLN A 39 3.11 8.46 5.43
N GLU A 40 3.33 9.39 6.35
CA GLU A 40 2.51 9.45 7.54
C GLU A 40 1.17 10.13 7.24
N PRO A 41 0.10 9.62 7.90
CA PRO A 41 -1.23 10.16 7.71
C PRO A 41 -1.39 11.51 8.42
N GLY A 42 -2.28 12.33 7.88
CA GLY A 42 -2.53 13.64 8.44
C GLY A 42 -3.47 13.55 9.65
N GLU A 43 -4.20 12.45 9.71
CA GLU A 43 -5.13 12.23 10.81
C GLU A 43 -4.58 11.17 11.77
N LYS A 44 -3.30 11.31 12.08
CA LYS A 44 -2.64 10.38 12.98
C LYS A 44 -3.59 10.05 14.13
N ASN A 45 -4.29 11.07 14.60
CA ASN A 45 -5.24 10.89 15.69
C ASN A 45 -4.51 10.28 16.89
N GLY A 46 -3.19 10.38 16.86
CA GLY A 46 -2.36 9.85 17.93
C GLY A 46 -0.95 9.51 17.43
N ILE A 47 -0.43 8.41 17.94
CA ILE A 47 0.91 7.98 17.56
C ILE A 47 0.82 6.59 16.93
N LEU A 48 1.43 6.46 15.76
CA LEU A 48 1.44 5.19 15.05
C LEU A 48 2.49 4.26 15.66
N THR A 49 2.09 3.03 15.88
CA THR A 49 2.99 2.04 16.45
C THR A 49 3.46 1.06 15.38
N GLY A 50 2.99 1.29 14.16
CA GLY A 50 3.35 0.43 13.04
C GLY A 50 2.43 0.68 11.85
N TYR A 51 2.67 -0.09 10.79
CA TYR A 51 1.87 0.03 9.58
C TYR A 51 1.56 -1.35 9.00
N ARG A 52 0.29 -1.57 8.72
CA ARG A 52 -0.15 -2.83 8.15
C ARG A 52 -0.17 -2.76 6.62
N ILE A 53 0.71 -3.53 6.01
CA ILE A 53 0.79 -3.56 4.55
C ILE A 53 0.13 -4.83 4.03
N SER A 54 -0.47 -4.71 2.86
CA SER A 54 -1.14 -5.83 2.24
C SER A 54 -1.15 -5.67 0.72
N TRP A 55 -0.37 -6.52 0.07
CA TRP A 55 -0.26 -6.49 -1.39
C TRP A 55 -1.12 -7.62 -1.95
N GLU A 56 -1.74 -7.34 -3.09
CA GLU A 56 -2.59 -8.33 -3.74
C GLU A 56 -2.84 -7.93 -5.19
N GLU A 57 -3.23 -8.92 -5.99
CA GLU A 57 -3.52 -8.69 -7.39
C GLU A 57 -4.55 -7.57 -7.54
N TYR A 58 -5.03 -7.41 -8.77
CA TYR A 58 -6.03 -6.40 -9.06
C TYR A 58 -7.37 -6.74 -8.41
N ASN A 59 -7.93 -7.87 -8.82
CA ASN A 59 -9.19 -8.33 -8.28
C ASN A 59 -9.03 -9.73 -7.70
N ARG A 60 -8.29 -9.81 -6.60
CA ARG A 60 -8.05 -11.08 -5.95
C ARG A 60 -7.69 -10.86 -4.48
N THR A 61 -8.58 -11.32 -3.61
CA THR A 61 -8.36 -11.17 -2.19
C THR A 61 -7.60 -12.38 -1.64
N ASN A 62 -7.69 -13.48 -2.36
CA ASN A 62 -7.01 -14.70 -1.97
C ASN A 62 -5.50 -14.50 -2.08
N THR A 63 -5.13 -13.46 -2.82
CA THR A 63 -3.72 -13.15 -3.02
C THR A 63 -3.32 -11.94 -2.18
N ARG A 64 -3.86 -11.88 -0.96
CA ARG A 64 -3.57 -10.78 -0.06
C ARG A 64 -2.55 -11.22 0.99
N VAL A 65 -1.65 -10.31 1.31
CA VAL A 65 -0.61 -10.58 2.29
C VAL A 65 -0.85 -9.71 3.53
N THR A 66 -0.25 -10.13 4.63
CA THR A 66 -0.39 -9.40 5.88
C THR A 66 0.97 -9.28 6.58
N HIS A 67 1.57 -8.10 6.44
CA HIS A 67 2.87 -7.85 7.04
C HIS A 67 2.73 -6.72 8.07
N TYR A 68 3.66 -6.73 9.02
CA TYR A 68 3.65 -5.72 10.06
C TYR A 68 5.00 -4.98 10.13
N LEU A 69 4.91 -3.66 10.16
CA LEU A 69 6.11 -2.83 10.22
C LEU A 69 5.99 -1.85 11.39
N PRO A 70 7.16 -1.33 11.81
CA PRO A 70 7.20 -0.37 12.92
C PRO A 70 6.70 1.01 12.47
N ASN A 71 6.62 1.91 13.44
CA ASN A 71 6.16 3.26 13.15
C ASN A 71 7.34 4.11 12.68
N VAL A 72 8.37 3.42 12.20
CA VAL A 72 9.56 4.09 11.71
C VAL A 72 9.72 3.82 10.21
N THR A 73 9.10 2.73 9.77
CA THR A 73 9.16 2.35 8.38
C THR A 73 7.85 2.72 7.66
N LEU A 74 8.00 3.12 6.41
CA LEU A 74 6.84 3.50 5.62
C LEU A 74 6.99 2.93 4.21
N GLU A 75 7.95 2.03 4.06
CA GLU A 75 8.21 1.40 2.78
C GLU A 75 8.65 -0.05 2.98
N TYR A 76 8.25 -0.89 2.03
CA TYR A 76 8.60 -2.30 2.09
C TYR A 76 8.67 -2.90 0.68
N ARG A 77 9.47 -3.96 0.57
CA ARG A 77 9.64 -4.63 -0.71
C ARG A 77 8.63 -5.77 -0.83
N VAL A 78 7.82 -5.69 -1.88
CA VAL A 78 6.82 -6.71 -2.14
C VAL A 78 7.39 -7.76 -3.08
N THR A 79 6.97 -9.00 -2.86
CA THR A 79 7.43 -10.11 -3.68
C THR A 79 6.38 -11.23 -3.70
N GLY A 80 6.32 -11.91 -4.84
CA GLY A 80 5.37 -13.00 -5.01
C GLY A 80 4.18 -12.56 -5.86
N LEU A 81 4.42 -11.54 -6.67
CA LEU A 81 3.38 -11.02 -7.55
C LEU A 81 3.38 -11.80 -8.85
N THR A 82 3.11 -11.10 -9.94
CA THR A 82 3.07 -11.72 -11.25
C THR A 82 3.63 -10.76 -12.31
N ALA A 83 4.19 -11.35 -13.35
CA ALA A 83 4.76 -10.57 -14.43
C ALA A 83 3.64 -9.90 -15.23
N LEU A 84 3.87 -8.65 -15.57
CA LEU A 84 2.89 -7.88 -16.33
C LEU A 84 1.50 -8.16 -15.76
N THR A 85 1.34 -7.88 -14.48
CA THR A 85 0.06 -8.08 -13.81
C THR A 85 -0.27 -6.90 -12.90
N THR A 86 -1.55 -6.59 -12.85
CA THR A 86 -2.02 -5.48 -12.02
C THR A 86 -2.15 -5.93 -10.57
N TYR A 87 -1.55 -5.15 -9.68
CA TYR A 87 -1.60 -5.44 -8.26
C TYR A 87 -1.94 -4.19 -7.45
N THR A 88 -2.64 -4.41 -6.35
CA THR A 88 -3.04 -3.31 -5.48
C THR A 88 -2.36 -3.45 -4.12
N ILE A 89 -1.56 -2.44 -3.79
CA ILE A 89 -0.85 -2.43 -2.52
C ILE A 89 -1.59 -1.53 -1.54
N GLU A 90 -2.03 -2.14 -0.45
CA GLU A 90 -2.76 -1.42 0.58
C GLU A 90 -1.86 -1.17 1.79
N VAL A 91 -1.80 0.08 2.20
CA VAL A 91 -0.98 0.47 3.33
C VAL A 91 -1.87 1.16 4.38
N ALA A 92 -1.82 0.62 5.59
CA ALA A 92 -2.61 1.17 6.68
C ALA A 92 -1.69 1.48 7.86
N ALA A 93 -2.17 2.36 8.73
CA ALA A 93 -1.40 2.75 9.90
C ALA A 93 -1.85 1.90 11.11
N MET A 94 -1.06 2.01 12.17
CA MET A 94 -1.36 1.25 13.38
C MET A 94 -1.09 2.11 14.62
N THR A 95 -2.10 2.19 15.48
CA THR A 95 -1.99 2.96 16.70
C THR A 95 -2.24 2.06 17.91
N SER A 96 -2.42 2.72 19.06
CA SER A 96 -2.66 2.00 20.29
C SER A 96 -4.04 1.34 20.26
N LYS A 97 -4.84 1.76 19.28
CA LYS A 97 -6.18 1.22 19.12
C LYS A 97 -6.11 -0.04 18.25
N GLY A 98 -5.51 0.12 17.08
CA GLY A 98 -5.38 -1.00 16.16
C GLY A 98 -4.88 -0.52 14.79
N GLN A 99 -5.78 -0.51 13.83
CA GLN A 99 -5.44 -0.07 12.48
C GLN A 99 -6.45 0.96 11.99
N GLY A 100 -5.96 1.88 11.18
CA GLY A 100 -6.80 2.92 10.63
C GLY A 100 -7.03 2.71 9.13
N GLN A 101 -7.43 3.79 8.47
CA GLN A 101 -7.69 3.73 7.04
C GLN A 101 -6.55 3.00 6.33
N VAL A 102 -6.75 2.77 5.03
CA VAL A 102 -5.76 2.10 4.22
C VAL A 102 -5.71 2.72 2.83
N SER A 103 -4.51 2.74 2.27
CA SER A 103 -4.31 3.31 0.94
C SER A 103 -3.93 2.22 -0.05
N ALA A 104 -4.89 1.87 -0.90
CA ALA A 104 -4.67 0.85 -1.90
C ALA A 104 -4.42 1.51 -3.26
N SER A 105 -3.24 1.27 -3.79
CA SER A 105 -2.87 1.83 -5.08
C SER A 105 -2.57 0.70 -6.08
N THR A 106 -3.18 0.82 -7.25
CA THR A 106 -3.01 -0.18 -8.29
C THR A 106 -1.64 0.01 -8.98
N ILE A 107 -0.96 -1.10 -9.19
CA ILE A 107 0.33 -1.07 -9.83
C ILE A 107 0.52 -2.34 -10.65
N SER A 108 0.97 -2.15 -11.88
CA SER A 108 1.18 -3.28 -12.79
C SER A 108 2.68 -3.63 -12.83
N SER A 109 2.97 -4.85 -12.44
CA SER A 109 4.35 -5.33 -12.42
C SER A 109 5.08 -4.81 -13.66
N GLY A 110 6.34 -4.44 -13.44
CA GLY A 110 7.16 -3.93 -14.53
C GLY A 110 7.20 -4.90 -15.70
N VAL A 111 8.19 -5.79 -15.65
CA VAL A 111 8.35 -6.79 -16.70
C VAL A 111 9.54 -7.69 -16.36
N PRO A 112 9.37 -9.00 -16.68
CA PRO A 112 10.41 -9.98 -16.41
C PRO A 112 11.55 -9.85 -17.41
N PRO A 113 12.79 -9.70 -16.86
CA PRO A 113 13.97 -9.56 -17.70
C PRO A 113 14.37 -10.91 -18.31
N SER A 114 13.68 -11.95 -17.86
CA SER A 114 13.95 -13.28 -18.35
C SER A 114 13.05 -13.59 -19.56
N GLY A 115 13.54 -13.21 -20.74
CA GLY A 115 12.80 -13.43 -21.96
C GLY A 115 12.77 -12.18 -22.83
N PRO A 116 11.73 -11.34 -22.61
CA PRO A 116 11.58 -10.11 -23.37
C PRO A 116 12.57 -9.05 -22.88
N SER A 117 13.15 -8.35 -23.84
CA SER A 117 14.11 -7.30 -23.52
C SER A 117 13.57 -5.93 -23.97
N SER A 118 13.01 -5.93 -25.16
CA SER A 118 12.46 -4.70 -25.72
C SER A 118 11.22 -5.02 -26.55
N GLY A 119 10.28 -4.09 -26.52
CA GLY A 119 9.04 -4.25 -27.26
C GLY A 119 7.82 -4.10 -26.35
N GLY A 1 2.93 2.32 -14.20
CA GLY A 1 1.75 3.01 -14.70
C GLY A 1 0.96 3.66 -13.57
N SER A 2 -0.34 3.49 -13.62
CA SER A 2 -1.22 4.04 -12.61
C SER A 2 -1.00 5.56 -12.51
N SER A 3 -1.91 6.29 -13.13
CA SER A 3 -1.84 7.75 -13.12
C SER A 3 -3.24 8.34 -13.01
N GLY A 4 -3.75 8.35 -11.79
CA GLY A 4 -5.07 8.90 -11.53
C GLY A 4 -5.81 8.06 -10.49
N SER A 5 -6.44 8.75 -9.55
CA SER A 5 -7.19 8.08 -8.51
C SER A 5 -8.15 9.08 -7.84
N SER A 6 -9.42 8.97 -8.23
CA SER A 6 -10.44 9.84 -7.69
C SER A 6 -10.90 9.32 -6.32
N GLY A 7 -11.69 10.15 -5.64
CA GLY A 7 -12.19 9.79 -4.33
C GLY A 7 -11.17 10.08 -3.24
N PRO A 8 -11.22 11.33 -2.72
CA PRO A 8 -10.31 11.76 -1.67
C PRO A 8 -10.69 11.15 -0.32
N GLN A 9 -11.91 11.45 0.10
CA GLN A 9 -12.40 10.94 1.36
C GLN A 9 -13.90 11.22 1.50
N LEU A 10 -14.59 10.27 2.12
CA LEU A 10 -16.03 10.40 2.32
C LEU A 10 -16.33 10.40 3.82
N VAL A 11 -15.98 11.51 4.46
CA VAL A 11 -16.22 11.65 5.89
C VAL A 11 -17.67 11.31 6.20
N ARG A 12 -17.90 10.90 7.44
CA ARG A 12 -19.23 10.54 7.87
C ARG A 12 -19.27 10.37 9.40
N THR A 13 -18.37 9.52 9.89
CA THR A 13 -18.29 9.27 11.32
C THR A 13 -16.88 9.59 11.83
N HIS A 14 -16.73 9.48 13.15
CA HIS A 14 -15.45 9.75 13.77
C HIS A 14 -14.81 8.44 14.22
N GLU A 15 -13.58 8.24 13.78
CA GLU A 15 -12.83 7.03 14.13
C GLU A 15 -11.56 7.39 14.87
N ASP A 16 -11.27 6.60 15.91
CA ASP A 16 -10.09 6.82 16.71
C ASP A 16 -8.84 6.56 15.86
N VAL A 17 -8.78 5.35 15.31
CA VAL A 17 -7.66 4.95 14.47
C VAL A 17 -7.30 6.11 13.54
N PRO A 18 -6.09 6.00 12.93
CA PRO A 18 -5.62 7.03 12.01
C PRO A 18 -6.33 6.92 10.66
N GLY A 19 -5.96 7.82 9.76
CA GLY A 19 -6.55 7.83 8.44
C GLY A 19 -5.60 7.26 7.40
N PRO A 20 -5.74 7.76 6.14
CA PRO A 20 -4.89 7.30 5.05
C PRO A 20 -3.48 7.89 5.16
N VAL A 21 -2.50 7.03 4.96
CA VAL A 21 -1.11 7.46 5.04
C VAL A 21 -0.88 8.61 4.07
N GLY A 22 0.38 9.04 3.99
CA GLY A 22 0.74 10.13 3.11
C GLY A 22 0.23 9.89 1.68
N HIS A 23 1.01 9.10 0.94
CA HIS A 23 0.64 8.78 -0.43
C HIS A 23 1.39 7.52 -0.87
N LEU A 24 0.64 6.58 -1.44
CA LEU A 24 1.21 5.33 -1.90
C LEU A 24 2.26 5.63 -2.98
N SER A 25 3.35 4.87 -2.93
CA SER A 25 4.42 5.04 -3.89
C SER A 25 5.02 3.68 -4.25
N PHE A 26 5.45 3.57 -5.50
CA PHE A 26 6.04 2.34 -5.98
C PHE A 26 7.30 2.62 -6.80
N SER A 27 8.38 1.94 -6.42
CA SER A 27 9.65 2.11 -7.11
C SER A 27 10.33 0.75 -7.27
N GLU A 28 11.40 0.76 -8.05
CA GLU A 28 12.15 -0.46 -8.30
C GLU A 28 11.20 -1.65 -8.45
N ILE A 29 10.29 -1.51 -9.40
CA ILE A 29 9.32 -2.56 -9.67
C ILE A 29 9.92 -3.58 -10.63
N LEU A 30 9.71 -4.85 -10.32
CA LEU A 30 10.22 -5.93 -11.15
C LEU A 30 9.06 -6.59 -11.88
N ASP A 31 9.00 -7.91 -11.75
CA ASP A 31 7.96 -8.68 -12.40
C ASP A 31 7.02 -9.25 -11.34
N THR A 32 7.60 -9.57 -10.20
CA THR A 32 6.82 -10.12 -9.09
C THR A 32 7.29 -9.53 -7.77
N SER A 33 7.80 -8.31 -7.85
CA SER A 33 8.28 -7.61 -6.67
C SER A 33 8.42 -6.12 -6.96
N LEU A 34 8.07 -5.31 -5.97
CA LEU A 34 8.14 -3.87 -6.10
C LEU A 34 8.34 -3.24 -4.71
N LYS A 35 8.92 -2.06 -4.72
CA LYS A 35 9.17 -1.35 -3.48
C LYS A 35 8.01 -0.39 -3.21
N VAL A 36 7.39 -0.58 -2.05
CA VAL A 36 6.27 0.25 -1.65
C VAL A 36 6.75 1.34 -0.69
N SER A 37 6.18 2.52 -0.86
CA SER A 37 6.55 3.65 -0.01
C SER A 37 5.32 4.50 0.29
N TRP A 38 5.41 5.27 1.36
CA TRP A 38 4.31 6.14 1.76
C TRP A 38 4.86 7.15 2.77
N GLN A 39 3.96 7.97 3.29
CA GLN A 39 4.33 8.99 4.25
C GLN A 39 3.44 8.88 5.50
N GLU A 40 3.71 9.77 6.45
CA GLU A 40 2.94 9.78 7.69
C GLU A 40 1.61 10.50 7.47
N PRO A 41 0.53 9.87 8.01
CA PRO A 41 -0.81 10.44 7.88
C PRO A 41 -0.99 11.63 8.84
N GLY A 42 -1.85 12.55 8.43
CA GLY A 42 -2.11 13.73 9.23
C GLY A 42 -3.11 13.42 10.35
N GLU A 43 -3.78 12.29 10.20
CA GLU A 43 -4.76 11.86 11.19
C GLU A 43 -4.15 10.82 12.12
N LYS A 44 -2.88 11.03 12.44
CA LYS A 44 -2.17 10.12 13.33
C LYS A 44 -3.11 9.70 14.46
N ASN A 45 -3.95 10.64 14.89
CA ASN A 45 -4.89 10.37 15.96
C ASN A 45 -4.21 9.53 17.04
N GLY A 46 -3.06 10.00 17.48
CA GLY A 46 -2.30 9.31 18.51
C GLY A 46 -0.87 9.03 18.04
N ILE A 47 -0.27 8.01 18.63
CA ILE A 47 1.09 7.64 18.28
C ILE A 47 1.06 6.35 17.46
N LEU A 48 1.45 6.48 16.20
CA LEU A 48 1.49 5.34 15.29
C LEU A 48 2.36 4.24 15.89
N THR A 49 1.82 3.03 15.87
CA THR A 49 2.55 1.88 16.41
C THR A 49 3.18 1.07 15.28
N GLY A 50 2.69 1.32 14.07
CA GLY A 50 3.21 0.62 12.90
C GLY A 50 2.24 0.75 11.72
N TYR A 51 2.65 0.18 10.60
CA TYR A 51 1.83 0.22 9.40
C TYR A 51 1.58 -1.19 8.85
N ARG A 52 0.41 -1.37 8.27
CA ARG A 52 0.04 -2.65 7.70
C ARG A 52 0.01 -2.57 6.17
N ILE A 53 0.78 -3.45 5.55
CA ILE A 53 0.84 -3.49 4.10
C ILE A 53 0.22 -4.80 3.60
N SER A 54 -0.47 -4.70 2.47
CA SER A 54 -1.11 -5.85 1.88
C SER A 54 -1.21 -5.67 0.36
N TRP A 55 -0.48 -6.53 -0.34
CA TRP A 55 -0.48 -6.47 -1.80
C TRP A 55 -1.36 -7.61 -2.31
N GLU A 56 -2.41 -7.23 -3.03
CA GLU A 56 -3.33 -8.21 -3.58
C GLU A 56 -3.66 -7.86 -5.04
N GLU A 57 -3.67 -8.90 -5.86
CA GLU A 57 -3.96 -8.72 -7.28
C GLU A 57 -5.14 -7.77 -7.46
N TYR A 58 -5.34 -7.34 -8.70
CA TYR A 58 -6.42 -6.43 -9.02
C TYR A 58 -7.72 -6.84 -8.32
N ASN A 59 -8.17 -8.04 -8.66
CA ASN A 59 -9.39 -8.56 -8.07
C ASN A 59 -9.18 -10.04 -7.72
N ARG A 60 -8.09 -10.31 -7.02
CA ARG A 60 -7.77 -11.67 -6.61
C ARG A 60 -7.28 -11.68 -5.16
N THR A 61 -8.17 -12.10 -4.28
CA THR A 61 -7.86 -12.18 -2.86
C THR A 61 -6.99 -13.41 -2.57
N ASN A 62 -6.92 -14.28 -3.57
CA ASN A 62 -6.13 -15.50 -3.44
C ASN A 62 -4.64 -15.14 -3.38
N THR A 63 -4.35 -13.92 -3.80
CA THR A 63 -2.98 -13.44 -3.81
C THR A 63 -2.82 -12.26 -2.85
N ARG A 64 -3.40 -12.42 -1.68
CA ARG A 64 -3.33 -11.36 -0.66
C ARG A 64 -2.33 -11.75 0.42
N VAL A 65 -1.70 -10.72 0.99
CA VAL A 65 -0.73 -10.94 2.04
C VAL A 65 -0.95 -9.92 3.16
N THR A 66 -0.58 -10.32 4.37
CA THR A 66 -0.74 -9.45 5.52
C THR A 66 0.58 -9.34 6.29
N HIS A 67 1.18 -8.17 6.20
CA HIS A 67 2.44 -7.91 6.87
C HIS A 67 2.29 -6.71 7.81
N TYR A 68 3.26 -6.57 8.70
CA TYR A 68 3.25 -5.47 9.65
C TYR A 68 4.60 -4.76 9.70
N LEU A 69 4.55 -3.46 9.85
CA LEU A 69 5.77 -2.66 9.92
C LEU A 69 5.68 -1.69 11.10
N PRO A 70 6.88 -1.22 11.54
CA PRO A 70 6.94 -0.30 12.66
C PRO A 70 6.50 1.11 12.25
N ASN A 71 6.49 2.00 13.23
CA ASN A 71 6.09 3.38 12.97
C ASN A 71 7.31 4.19 12.54
N VAL A 72 8.32 3.48 12.06
CA VAL A 72 9.54 4.12 11.61
C VAL A 72 9.73 3.86 10.10
N THR A 73 9.11 2.78 9.65
CA THR A 73 9.19 2.42 8.25
C THR A 73 7.93 2.84 7.50
N LEU A 74 8.13 3.32 6.29
CA LEU A 74 7.02 3.76 5.46
C LEU A 74 7.16 3.16 4.07
N GLU A 75 8.12 2.26 3.93
CA GLU A 75 8.36 1.61 2.65
C GLU A 75 8.70 0.14 2.87
N TYR A 76 8.33 -0.67 1.89
CA TYR A 76 8.58 -2.11 1.96
C TYR A 76 8.60 -2.73 0.56
N ARG A 77 9.41 -3.76 0.42
CA ARG A 77 9.52 -4.46 -0.85
C ARG A 77 8.63 -5.70 -0.86
N VAL A 78 7.90 -5.86 -1.95
CA VAL A 78 7.00 -6.99 -2.10
C VAL A 78 7.63 -8.01 -3.05
N THR A 79 7.33 -9.28 -2.78
CA THR A 79 7.85 -10.36 -3.60
C THR A 79 6.84 -11.49 -3.71
N GLY A 80 6.81 -12.12 -4.88
CA GLY A 80 5.89 -13.21 -5.12
C GLY A 80 4.78 -12.80 -6.09
N LEU A 81 4.75 -11.51 -6.38
CA LEU A 81 3.74 -10.98 -7.29
C LEU A 81 3.77 -11.76 -8.60
N THR A 82 3.01 -11.28 -9.56
CA THR A 82 2.94 -11.93 -10.86
C THR A 82 3.49 -11.00 -11.96
N ALA A 83 4.20 -11.61 -12.89
CA ALA A 83 4.79 -10.86 -13.99
C ALA A 83 3.67 -10.23 -14.83
N LEU A 84 3.91 -9.00 -15.24
CA LEU A 84 2.93 -8.27 -16.03
C LEU A 84 1.53 -8.55 -15.49
N THR A 85 1.33 -8.16 -14.25
CA THR A 85 0.04 -8.35 -13.60
C THR A 85 -0.35 -7.11 -12.80
N THR A 86 -1.65 -6.90 -12.68
CA THR A 86 -2.16 -5.76 -11.94
C THR A 86 -2.37 -6.13 -10.46
N TYR A 87 -1.84 -5.29 -9.60
CA TYR A 87 -1.97 -5.51 -8.17
C TYR A 87 -2.29 -4.22 -7.43
N THR A 88 -2.82 -4.37 -6.23
CA THR A 88 -3.17 -3.22 -5.41
C THR A 88 -2.56 -3.34 -4.02
N ILE A 89 -1.56 -2.50 -3.77
CA ILE A 89 -0.88 -2.51 -2.48
C ILE A 89 -1.64 -1.60 -1.51
N GLU A 90 -2.08 -2.21 -0.41
CA GLU A 90 -2.82 -1.47 0.60
C GLU A 90 -1.92 -1.19 1.81
N VAL A 91 -1.73 0.09 2.07
CA VAL A 91 -0.89 0.51 3.19
C VAL A 91 -1.76 1.22 4.22
N ALA A 92 -1.89 0.59 5.37
CA ALA A 92 -2.68 1.15 6.45
C ALA A 92 -1.77 1.52 7.63
N ALA A 93 -2.29 2.37 8.50
CA ALA A 93 -1.53 2.81 9.66
C ALA A 93 -2.12 2.18 10.92
N MET A 94 -1.25 1.93 11.89
CA MET A 94 -1.66 1.33 13.14
C MET A 94 -1.22 2.19 14.33
N THR A 95 -2.13 2.32 15.29
CA THR A 95 -1.85 3.11 16.47
C THR A 95 -1.96 2.24 17.73
N SER A 96 -2.03 2.91 18.87
CA SER A 96 -2.13 2.21 20.13
C SER A 96 -3.56 1.71 20.35
N LYS A 97 -4.40 1.97 19.35
CA LYS A 97 -5.79 1.56 19.41
C LYS A 97 -6.02 0.42 18.40
N GLY A 98 -5.44 0.60 17.23
CA GLY A 98 -5.57 -0.39 16.17
C GLY A 98 -5.18 0.19 14.81
N GLN A 99 -5.71 -0.42 13.77
CA GLN A 99 -5.43 0.04 12.42
C GLN A 99 -6.55 0.96 11.92
N GLY A 100 -6.14 1.96 11.14
CA GLY A 100 -7.09 2.92 10.60
C GLY A 100 -7.28 2.70 9.10
N GLN A 101 -7.63 3.78 8.42
CA GLN A 101 -7.85 3.73 6.98
C GLN A 101 -6.69 3.00 6.30
N VAL A 102 -6.85 2.80 5.00
CA VAL A 102 -5.82 2.11 4.22
C VAL A 102 -5.74 2.75 2.84
N SER A 103 -4.51 2.85 2.34
CA SER A 103 -4.27 3.44 1.03
C SER A 103 -3.92 2.35 0.02
N ALA A 104 -4.91 1.98 -0.78
CA ALA A 104 -4.71 0.95 -1.79
C ALA A 104 -4.49 1.61 -3.15
N SER A 105 -3.32 1.34 -3.71
CA SER A 105 -2.96 1.90 -5.01
C SER A 105 -2.70 0.78 -6.01
N THR A 106 -3.35 0.90 -7.17
CA THR A 106 -3.20 -0.10 -8.21
C THR A 106 -1.86 0.08 -8.93
N ILE A 107 -1.15 -1.03 -9.08
CA ILE A 107 0.14 -1.00 -9.75
C ILE A 107 0.35 -2.31 -10.49
N SER A 108 0.72 -2.20 -11.77
CA SER A 108 0.96 -3.37 -12.59
C SER A 108 2.45 -3.71 -12.59
N SER A 109 2.74 -4.91 -12.14
CA SER A 109 4.12 -5.38 -12.08
C SER A 109 4.90 -4.87 -13.30
N GLY A 110 6.20 -4.72 -13.11
CA GLY A 110 7.06 -4.23 -14.17
C GLY A 110 7.15 -5.24 -15.31
N VAL A 111 8.16 -6.09 -15.24
CA VAL A 111 8.37 -7.12 -16.25
C VAL A 111 9.54 -8.00 -15.85
N PRO A 112 9.40 -9.32 -16.14
CA PRO A 112 10.45 -10.27 -15.82
C PRO A 112 11.63 -10.15 -16.79
N PRO A 113 12.83 -9.97 -16.20
CA PRO A 113 14.04 -9.84 -17.00
C PRO A 113 14.48 -11.19 -17.57
N SER A 114 13.84 -12.25 -17.07
CA SER A 114 14.15 -13.59 -17.52
C SER A 114 13.93 -13.71 -19.02
N GLY A 115 12.67 -13.69 -19.42
CA GLY A 115 12.32 -13.80 -20.82
C GLY A 115 11.50 -12.58 -21.27
N PRO A 116 12.17 -11.70 -22.07
CA PRO A 116 11.53 -10.50 -22.56
C PRO A 116 10.55 -10.84 -23.70
N SER A 117 9.77 -9.83 -24.09
CA SER A 117 8.81 -10.01 -25.15
C SER A 117 8.55 -8.67 -25.85
N SER A 118 8.66 -8.69 -27.17
CA SER A 118 8.44 -7.50 -27.96
C SER A 118 8.15 -7.87 -29.41
N GLY A 119 7.56 -6.92 -30.13
CA GLY A 119 7.22 -7.14 -31.52
C GLY A 119 6.52 -5.92 -32.12
N GLY A 1 -2.27 18.99 -7.38
CA GLY A 1 -1.59 17.77 -6.99
C GLY A 1 -1.29 16.89 -8.20
N SER A 2 -0.39 15.93 -7.99
CA SER A 2 -0.01 15.02 -9.05
C SER A 2 -0.51 13.61 -8.74
N SER A 3 -1.78 13.38 -9.01
CA SER A 3 -2.38 12.08 -8.77
C SER A 3 -3.77 12.02 -9.42
N GLY A 4 -4.14 10.80 -9.80
CA GLY A 4 -5.44 10.59 -10.43
C GLY A 4 -6.40 9.89 -9.47
N SER A 5 -6.98 10.69 -8.58
CA SER A 5 -7.92 10.17 -7.61
C SER A 5 -9.30 10.02 -8.25
N SER A 6 -9.87 8.83 -8.09
CA SER A 6 -11.17 8.54 -8.64
C SER A 6 -12.25 9.33 -7.89
N GLY A 7 -12.34 9.07 -6.60
CA GLY A 7 -13.31 9.74 -5.76
C GLY A 7 -14.02 8.75 -4.83
N PRO A 8 -13.76 8.93 -3.50
CA PRO A 8 -14.35 8.07 -2.49
C PRO A 8 -15.83 8.41 -2.29
N GLN A 9 -16.51 7.55 -1.52
CA GLN A 9 -17.92 7.75 -1.25
C GLN A 9 -18.09 8.74 -0.10
N LEU A 10 -19.27 9.34 -0.05
CA LEU A 10 -19.59 10.31 0.99
C LEU A 10 -19.79 9.57 2.31
N VAL A 11 -18.82 9.73 3.20
CA VAL A 11 -18.88 9.10 4.51
C VAL A 11 -17.71 9.59 5.36
N ARG A 12 -17.98 9.73 6.65
CA ARG A 12 -16.96 10.18 7.58
C ARG A 12 -17.12 9.47 8.93
N THR A 13 -18.29 9.64 9.52
CA THR A 13 -18.58 9.03 10.81
C THR A 13 -17.45 9.31 11.79
N HIS A 14 -17.60 8.74 12.99
CA HIS A 14 -16.59 8.92 14.03
C HIS A 14 -15.57 7.80 13.95
N GLU A 15 -14.46 8.00 14.64
CA GLU A 15 -13.40 7.01 14.66
C GLU A 15 -12.20 7.53 15.47
N ASP A 16 -11.36 6.60 15.90
CA ASP A 16 -10.19 6.95 16.67
C ASP A 16 -8.93 6.66 15.86
N VAL A 17 -8.89 5.45 15.31
CA VAL A 17 -7.75 5.04 14.49
C VAL A 17 -7.37 6.18 13.55
N PRO A 18 -6.14 6.05 12.97
CA PRO A 18 -5.65 7.06 12.04
C PRO A 18 -6.34 6.94 10.68
N GLY A 19 -5.97 7.84 9.79
CA GLY A 19 -6.54 7.86 8.46
C GLY A 19 -5.61 7.17 7.45
N PRO A 20 -5.77 7.57 6.16
CA PRO A 20 -4.96 7.01 5.09
C PRO A 20 -3.53 7.56 5.14
N VAL A 21 -2.57 6.64 5.12
CA VAL A 21 -1.17 7.03 5.16
C VAL A 21 -0.89 8.02 4.02
N GLY A 22 0.38 8.32 3.84
CA GLY A 22 0.80 9.25 2.81
C GLY A 22 0.34 8.76 1.42
N HIS A 23 1.02 9.24 0.40
CA HIS A 23 0.70 8.87 -0.96
C HIS A 23 1.48 7.61 -1.35
N LEU A 24 0.74 6.60 -1.78
CA LEU A 24 1.36 5.35 -2.19
C LEU A 24 2.40 5.62 -3.26
N SER A 25 3.53 4.92 -3.14
CA SER A 25 4.61 5.09 -4.10
C SER A 25 5.26 3.73 -4.39
N PHE A 26 5.68 3.56 -5.63
CA PHE A 26 6.31 2.33 -6.06
C PHE A 26 7.57 2.60 -6.89
N SER A 27 8.65 1.96 -6.49
CA SER A 27 9.93 2.13 -7.18
C SER A 27 10.60 0.76 -7.37
N GLU A 28 11.63 0.76 -8.20
CA GLU A 28 12.37 -0.46 -8.48
C GLU A 28 11.40 -1.62 -8.67
N ILE A 29 10.43 -1.41 -9.54
CA ILE A 29 9.43 -2.43 -9.82
C ILE A 29 10.03 -3.46 -10.79
N LEU A 30 9.55 -4.69 -10.67
CA LEU A 30 10.02 -5.77 -11.52
C LEU A 30 8.83 -6.46 -12.17
N ASP A 31 8.87 -7.79 -12.15
CA ASP A 31 7.80 -8.57 -12.72
C ASP A 31 7.02 -9.27 -11.60
N THR A 32 7.70 -9.46 -10.48
CA THR A 32 7.09 -10.10 -9.33
C THR A 32 7.69 -9.56 -8.03
N SER A 33 8.26 -8.37 -8.13
CA SER A 33 8.87 -7.73 -6.98
C SER A 33 8.93 -6.21 -7.19
N LEU A 34 8.45 -5.48 -6.19
CA LEU A 34 8.45 -4.04 -6.26
C LEU A 34 8.50 -3.47 -4.84
N LYS A 35 8.94 -2.22 -4.75
CA LYS A 35 9.05 -1.55 -3.46
C LYS A 35 7.83 -0.66 -3.26
N VAL A 36 7.35 -0.64 -2.03
CA VAL A 36 6.19 0.18 -1.69
C VAL A 36 6.58 1.20 -0.62
N SER A 37 6.29 2.45 -0.91
CA SER A 37 6.60 3.52 0.02
C SER A 37 5.34 4.32 0.35
N TRP A 38 5.37 4.99 1.50
CA TRP A 38 4.24 5.79 1.93
C TRP A 38 4.75 6.78 2.98
N GLN A 39 3.84 7.66 3.39
CA GLN A 39 4.17 8.66 4.40
C GLN A 39 3.21 8.56 5.58
N GLU A 40 3.43 9.45 6.55
CA GLU A 40 2.58 9.48 7.73
C GLU A 40 1.25 10.17 7.43
N PRO A 41 0.17 9.60 8.02
CA PRO A 41 -1.17 10.15 7.82
C PRO A 41 -1.35 11.44 8.62
N GLY A 42 -2.21 12.31 8.08
CA GLY A 42 -2.49 13.57 8.74
C GLY A 42 -3.34 13.37 9.99
N GLU A 43 -4.19 12.36 9.92
CA GLU A 43 -5.07 12.05 11.04
C GLU A 43 -4.37 11.13 12.04
N LYS A 44 -3.11 11.47 12.32
CA LYS A 44 -2.33 10.68 13.26
C LYS A 44 -3.20 10.27 14.44
N ASN A 45 -4.12 11.15 14.79
CA ASN A 45 -5.03 10.88 15.89
C ASN A 45 -4.24 10.28 17.06
N GLY A 46 -2.96 10.62 17.11
CA GLY A 46 -2.09 10.12 18.16
C GLY A 46 -0.72 9.74 17.60
N ILE A 47 -0.29 8.54 17.93
CA ILE A 47 1.00 8.05 17.46
C ILE A 47 0.83 6.65 16.88
N LEU A 48 1.53 6.42 15.78
CA LEU A 48 1.47 5.12 15.11
C LEU A 48 2.50 4.19 15.73
N THR A 49 2.09 2.94 15.89
CA THR A 49 2.96 1.93 16.47
C THR A 49 3.44 0.95 15.40
N GLY A 50 3.00 1.21 14.17
CA GLY A 50 3.38 0.37 13.05
C GLY A 50 2.46 0.61 11.85
N TYR A 51 2.70 -0.15 10.79
CA TYR A 51 1.91 -0.03 9.58
C TYR A 51 1.58 -1.41 9.00
N ARG A 52 0.32 -1.58 8.64
CA ARG A 52 -0.14 -2.84 8.07
C ARG A 52 -0.24 -2.73 6.56
N ILE A 53 0.66 -3.44 5.88
CA ILE A 53 0.70 -3.44 4.43
C ILE A 53 0.10 -4.74 3.91
N SER A 54 -0.55 -4.65 2.76
CA SER A 54 -1.15 -5.81 2.14
C SER A 54 -1.23 -5.62 0.62
N TRP A 55 -0.52 -6.51 -0.08
CA TRP A 55 -0.48 -6.46 -1.53
C TRP A 55 -1.39 -7.56 -2.06
N GLU A 56 -2.35 -7.16 -2.88
CA GLU A 56 -3.28 -8.11 -3.46
C GLU A 56 -3.55 -7.76 -4.93
N GLU A 57 -3.61 -8.80 -5.75
CA GLU A 57 -3.86 -8.61 -7.16
C GLU A 57 -5.03 -7.67 -7.39
N TYR A 58 -5.28 -7.35 -8.65
CA TYR A 58 -6.37 -6.46 -9.01
C TYR A 58 -7.69 -6.95 -8.42
N ASN A 59 -8.10 -8.13 -8.85
CA ASN A 59 -9.33 -8.72 -8.37
C ASN A 59 -9.08 -10.17 -7.96
N ARG A 60 -8.21 -10.33 -6.97
CA ARG A 60 -7.88 -11.66 -6.48
C ARG A 60 -7.35 -11.56 -5.04
N THR A 61 -8.19 -11.96 -4.11
CA THR A 61 -7.82 -11.93 -2.71
C THR A 61 -6.91 -13.11 -2.37
N ASN A 62 -7.01 -14.15 -3.17
CA ASN A 62 -6.20 -15.34 -2.98
C ASN A 62 -4.72 -14.95 -2.97
N THR A 63 -4.44 -13.78 -3.55
CA THR A 63 -3.08 -13.28 -3.61
C THR A 63 -2.90 -12.12 -2.64
N ARG A 64 -3.52 -12.25 -1.47
CA ARG A 64 -3.42 -11.22 -0.45
C ARG A 64 -2.40 -11.62 0.62
N VAL A 65 -1.75 -10.62 1.16
CA VAL A 65 -0.75 -10.84 2.20
C VAL A 65 -0.96 -9.85 3.34
N THR A 66 -0.53 -10.25 4.52
CA THR A 66 -0.66 -9.41 5.70
C THR A 66 0.68 -9.31 6.44
N HIS A 67 1.31 -8.15 6.30
CA HIS A 67 2.59 -7.92 6.94
C HIS A 67 2.46 -6.76 7.94
N TYR A 68 3.44 -6.66 8.81
CA TYR A 68 3.46 -5.62 9.82
C TYR A 68 4.81 -4.91 9.86
N LEU A 69 4.76 -3.60 10.06
CA LEU A 69 5.97 -2.80 10.13
C LEU A 69 5.88 -1.84 11.31
N PRO A 70 7.07 -1.36 11.75
CA PRO A 70 7.14 -0.44 12.88
C PRO A 70 6.67 0.96 12.47
N ASN A 71 6.57 1.82 13.47
CA ASN A 71 6.14 3.19 13.23
C ASN A 71 7.35 4.03 12.81
N VAL A 72 8.37 3.34 12.31
CA VAL A 72 9.57 4.01 11.87
C VAL A 72 9.76 3.78 10.37
N THR A 73 9.15 2.71 9.88
CA THR A 73 9.24 2.37 8.47
C THR A 73 7.94 2.75 7.75
N LEU A 74 8.09 3.20 6.51
CA LEU A 74 6.95 3.59 5.71
C LEU A 74 7.10 3.02 4.29
N GLU A 75 8.08 2.14 4.15
CA GLU A 75 8.34 1.52 2.86
C GLU A 75 8.71 0.04 3.06
N TYR A 76 8.38 -0.75 2.04
CA TYR A 76 8.67 -2.18 2.09
C TYR A 76 8.71 -2.77 0.68
N ARG A 77 9.48 -3.85 0.55
CA ARG A 77 9.62 -4.51 -0.73
C ARG A 77 8.63 -5.67 -0.83
N VAL A 78 7.85 -5.65 -1.91
CA VAL A 78 6.86 -6.68 -2.13
C VAL A 78 7.43 -7.73 -3.10
N THR A 79 7.08 -8.98 -2.84
CA THR A 79 7.55 -10.07 -3.68
C THR A 79 6.52 -11.22 -3.68
N GLY A 80 6.46 -11.90 -4.81
CA GLY A 80 5.53 -13.02 -4.96
C GLY A 80 4.32 -12.62 -5.80
N LEU A 81 4.51 -11.57 -6.60
CA LEU A 81 3.44 -11.08 -7.45
C LEU A 81 3.42 -11.91 -8.75
N THR A 82 3.10 -11.22 -9.83
CA THR A 82 3.04 -11.85 -11.14
C THR A 82 3.51 -10.90 -12.23
N ALA A 83 4.23 -11.47 -13.20
CA ALA A 83 4.75 -10.68 -14.30
C ALA A 83 3.58 -10.03 -15.06
N LEU A 84 3.79 -8.79 -15.43
CA LEU A 84 2.77 -8.04 -16.15
C LEU A 84 1.39 -8.36 -15.55
N THR A 85 1.25 -8.02 -14.28
CA THR A 85 0.00 -8.26 -13.58
C THR A 85 -0.36 -7.06 -12.70
N THR A 86 -1.64 -6.75 -12.68
CA THR A 86 -2.13 -5.63 -11.88
C THR A 86 -2.28 -6.04 -10.42
N TYR A 87 -1.73 -5.20 -9.55
CA TYR A 87 -1.79 -5.46 -8.11
C TYR A 87 -2.10 -4.19 -7.34
N THR A 88 -2.71 -4.37 -6.18
CA THR A 88 -3.07 -3.25 -5.34
C THR A 88 -2.46 -3.40 -3.94
N ILE A 89 -1.58 -2.46 -3.61
CA ILE A 89 -0.92 -2.49 -2.32
C ILE A 89 -1.66 -1.56 -1.35
N GLU A 90 -2.17 -2.15 -0.28
CA GLU A 90 -2.90 -1.40 0.73
C GLU A 90 -2.01 -1.14 1.95
N VAL A 91 -1.72 0.14 2.17
CA VAL A 91 -0.89 0.53 3.30
C VAL A 91 -1.76 1.18 4.37
N ALA A 92 -1.80 0.55 5.53
CA ALA A 92 -2.59 1.05 6.64
C ALA A 92 -1.66 1.39 7.80
N ALA A 93 -2.16 2.24 8.69
CA ALA A 93 -1.39 2.65 9.85
C ALA A 93 -1.87 1.87 11.08
N MET A 94 -1.08 1.96 12.14
CA MET A 94 -1.42 1.26 13.37
C MET A 94 -1.09 2.14 14.59
N THR A 95 -2.08 2.24 15.47
CA THR A 95 -1.93 3.03 16.68
C THR A 95 -2.08 2.15 17.92
N SER A 96 -2.24 2.81 19.06
CA SER A 96 -2.40 2.11 20.32
C SER A 96 -3.85 1.65 20.48
N LYS A 97 -4.63 1.88 19.43
CA LYS A 97 -6.03 1.49 19.44
C LYS A 97 -6.25 0.36 18.44
N GLY A 98 -5.62 0.51 17.28
CA GLY A 98 -5.75 -0.49 16.23
C GLY A 98 -5.29 0.08 14.89
N GLN A 99 -5.92 -0.42 13.83
CA GLN A 99 -5.60 0.03 12.49
C GLN A 99 -6.67 0.98 11.97
N GLY A 100 -6.22 1.95 11.19
CA GLY A 100 -7.14 2.93 10.62
C GLY A 100 -7.34 2.69 9.14
N GLN A 101 -7.63 3.77 8.42
CA GLN A 101 -7.86 3.70 6.99
C GLN A 101 -6.69 2.97 6.31
N VAL A 102 -6.77 2.90 4.99
CA VAL A 102 -5.73 2.25 4.21
C VAL A 102 -5.65 2.89 2.83
N SER A 103 -4.44 2.90 2.28
CA SER A 103 -4.23 3.48 0.97
C SER A 103 -3.85 2.37 -0.03
N ALA A 104 -4.83 2.00 -0.84
CA ALA A 104 -4.62 0.97 -1.83
C ALA A 104 -4.33 1.62 -3.19
N SER A 105 -3.17 1.30 -3.73
CA SER A 105 -2.76 1.85 -5.01
C SER A 105 -2.52 0.71 -6.01
N THR A 106 -3.19 0.82 -7.15
CA THR A 106 -3.06 -0.17 -8.19
C THR A 106 -1.73 -0.01 -8.94
N ILE A 107 -1.03 -1.12 -9.10
CA ILE A 107 0.24 -1.10 -9.79
C ILE A 107 0.43 -2.41 -10.55
N SER A 108 0.78 -2.29 -11.82
CA SER A 108 0.99 -3.45 -12.66
C SER A 108 2.49 -3.74 -12.79
N SER A 109 2.86 -4.93 -12.35
CA SER A 109 4.25 -5.35 -12.41
C SER A 109 4.91 -4.83 -13.69
N GLY A 110 6.13 -4.35 -13.53
CA GLY A 110 6.87 -3.81 -14.66
C GLY A 110 6.97 -4.84 -15.78
N VAL A 111 7.98 -5.69 -15.68
CA VAL A 111 8.18 -6.73 -16.68
C VAL A 111 9.39 -7.59 -16.28
N PRO A 112 9.27 -8.91 -16.57
CA PRO A 112 10.33 -9.85 -16.24
C PRO A 112 11.50 -9.71 -17.21
N PRO A 113 12.71 -9.50 -16.63
CA PRO A 113 13.92 -9.35 -17.44
C PRO A 113 14.37 -10.71 -18.00
N SER A 114 13.44 -11.38 -18.67
CA SER A 114 13.73 -12.68 -19.25
C SER A 114 14.43 -12.49 -20.59
N GLY A 115 15.51 -13.24 -20.77
CA GLY A 115 16.28 -13.17 -22.00
C GLY A 115 17.59 -12.42 -21.79
N PRO A 116 18.59 -12.73 -22.66
CA PRO A 116 19.89 -12.09 -22.57
C PRO A 116 19.83 -10.67 -23.11
N SER A 117 21.00 -10.03 -23.13
CA SER A 117 21.09 -8.66 -23.61
C SER A 117 21.10 -8.64 -25.14
N SER A 118 21.27 -9.83 -25.71
CA SER A 118 21.30 -9.96 -27.15
C SER A 118 19.88 -10.11 -27.69
N GLY A 119 19.20 -11.14 -27.22
CA GLY A 119 17.83 -11.40 -27.64
C GLY A 119 16.84 -10.55 -26.86
N GLY A 1 -7.69 3.41 -6.74
CA GLY A 1 -6.94 4.63 -6.47
C GLY A 1 -7.04 5.03 -4.99
N SER A 2 -6.25 6.03 -4.63
CA SER A 2 -6.25 6.51 -3.27
C SER A 2 -7.25 7.66 -3.11
N SER A 3 -7.65 7.90 -1.87
CA SER A 3 -8.59 8.96 -1.58
C SER A 3 -7.93 10.03 -0.70
N GLY A 4 -8.45 11.25 -0.80
CA GLY A 4 -7.91 12.35 -0.03
C GLY A 4 -8.93 13.49 0.07
N SER A 5 -9.20 14.09 -1.07
CA SER A 5 -10.15 15.19 -1.13
C SER A 5 -11.36 14.89 -0.25
N SER A 6 -12.08 15.95 0.11
CA SER A 6 -13.26 15.80 0.95
C SER A 6 -14.42 16.58 0.34
N GLY A 7 -15.04 15.97 -0.66
CA GLY A 7 -16.17 16.57 -1.34
C GLY A 7 -17.49 15.95 -0.89
N PRO A 8 -18.25 15.43 -1.89
CA PRO A 8 -19.53 14.80 -1.61
C PRO A 8 -19.33 13.41 -1.00
N GLN A 9 -19.92 13.23 0.17
CA GLN A 9 -19.81 11.97 0.88
C GLN A 9 -21.13 11.64 1.60
N LEU A 10 -21.23 10.41 2.06
CA LEU A 10 -22.41 9.96 2.76
C LEU A 10 -22.02 9.04 3.90
N VAL A 11 -22.67 9.24 5.04
CA VAL A 11 -22.39 8.43 6.22
C VAL A 11 -20.95 8.68 6.68
N ARG A 12 -20.83 9.52 7.70
CA ARG A 12 -19.53 9.86 8.24
C ARG A 12 -19.59 9.97 9.77
N THR A 13 -18.55 9.47 10.40
CA THR A 13 -18.47 9.50 11.85
C THR A 13 -17.03 9.72 12.31
N HIS A 14 -16.85 9.71 13.63
CA HIS A 14 -15.52 9.91 14.20
C HIS A 14 -14.90 8.55 14.52
N GLU A 15 -13.65 8.39 14.11
CA GLU A 15 -12.93 7.16 14.34
C GLU A 15 -11.65 7.44 15.13
N ASP A 16 -11.28 6.46 15.95
CA ASP A 16 -10.08 6.59 16.77
C ASP A 16 -8.85 6.35 15.90
N VAL A 17 -8.77 5.16 15.35
CA VAL A 17 -7.66 4.79 14.49
C VAL A 17 -7.34 5.96 13.54
N PRO A 18 -6.13 5.88 12.93
CA PRO A 18 -5.70 6.92 12.02
C PRO A 18 -6.43 6.81 10.67
N GLY A 19 -6.08 7.70 9.76
CA GLY A 19 -6.69 7.71 8.44
C GLY A 19 -5.74 7.12 7.40
N PRO A 20 -5.93 7.57 6.13
CA PRO A 20 -5.10 7.10 5.03
C PRO A 20 -3.70 7.72 5.09
N VAL A 21 -2.71 6.87 4.86
CA VAL A 21 -1.32 7.33 4.88
C VAL A 21 -1.13 8.39 3.81
N GLY A 22 0.12 8.83 3.67
CA GLY A 22 0.46 9.85 2.69
C GLY A 22 0.13 9.36 1.27
N HIS A 23 1.02 9.70 0.34
CA HIS A 23 0.84 9.31 -1.04
C HIS A 23 1.70 8.08 -1.34
N LEU A 24 1.02 6.94 -1.42
CA LEU A 24 1.71 5.69 -1.70
C LEU A 24 2.64 5.88 -2.90
N SER A 25 3.69 5.08 -2.92
CA SER A 25 4.66 5.14 -4.01
C SER A 25 5.16 3.74 -4.34
N PHE A 26 5.57 3.58 -5.60
CA PHE A 26 6.07 2.30 -6.06
C PHE A 26 7.34 2.48 -6.90
N SER A 27 8.38 1.76 -6.49
CA SER A 27 9.66 1.83 -7.19
C SER A 27 10.31 0.45 -7.22
N GLU A 28 11.44 0.38 -7.90
CA GLU A 28 12.17 -0.87 -8.02
C GLU A 28 11.21 -2.03 -8.27
N ILE A 29 10.32 -1.81 -9.22
CA ILE A 29 9.34 -2.82 -9.58
C ILE A 29 9.96 -3.83 -10.54
N LEU A 30 9.65 -5.09 -10.33
CA LEU A 30 10.17 -6.15 -11.18
C LEU A 30 9.02 -6.83 -11.92
N ASP A 31 8.96 -8.15 -11.77
CA ASP A 31 7.92 -8.93 -12.42
C ASP A 31 7.00 -9.52 -11.35
N THR A 32 7.59 -9.80 -10.20
CA THR A 32 6.83 -10.38 -9.09
C THR A 32 7.29 -9.76 -7.77
N SER A 33 7.82 -8.55 -7.87
CA SER A 33 8.29 -7.84 -6.69
C SER A 33 8.43 -6.35 -7.00
N LEU A 34 8.11 -5.54 -5.99
CA LEU A 34 8.20 -4.10 -6.14
C LEU A 34 8.40 -3.46 -4.76
N LYS A 35 8.82 -2.20 -4.79
CA LYS A 35 9.07 -1.47 -3.55
C LYS A 35 7.89 -0.53 -3.29
N VAL A 36 7.32 -0.65 -2.11
CA VAL A 36 6.19 0.17 -1.72
C VAL A 36 6.68 1.28 -0.78
N SER A 37 6.06 2.44 -0.92
CA SER A 37 6.42 3.59 -0.08
C SER A 37 5.17 4.42 0.21
N TRP A 38 5.29 5.26 1.24
CA TRP A 38 4.19 6.11 1.63
C TRP A 38 4.74 7.17 2.61
N GLN A 39 3.82 7.89 3.22
CA GLN A 39 4.18 8.92 4.17
C GLN A 39 3.31 8.84 5.42
N GLU A 40 3.58 9.74 6.35
CA GLU A 40 2.84 9.78 7.60
C GLU A 40 1.50 10.50 7.40
N PRO A 41 0.42 9.86 7.91
CA PRO A 41 -0.92 10.43 7.80
C PRO A 41 -1.10 11.60 8.76
N GLY A 42 -1.96 12.52 8.36
CA GLY A 42 -2.25 13.69 9.18
C GLY A 42 -3.24 13.36 10.29
N GLU A 43 -3.90 12.23 10.13
CA GLU A 43 -4.89 11.79 11.10
C GLU A 43 -4.28 10.75 12.04
N LYS A 44 -3.02 10.97 12.39
CA LYS A 44 -2.31 10.06 13.28
C LYS A 44 -3.25 9.64 14.41
N ASN A 45 -4.11 10.57 14.81
CA ASN A 45 -5.05 10.31 15.88
C ASN A 45 -4.36 9.49 16.97
N GLY A 46 -3.16 9.90 17.30
CA GLY A 46 -2.38 9.22 18.33
C GLY A 46 -0.95 8.96 17.85
N ILE A 47 -0.32 7.98 18.49
CA ILE A 47 1.04 7.62 18.15
C ILE A 47 1.04 6.32 17.33
N LEU A 48 1.35 6.47 16.05
CA LEU A 48 1.38 5.32 15.17
C LEU A 48 2.26 4.22 15.77
N THR A 49 1.75 3.00 15.75
CA THR A 49 2.48 1.87 16.30
C THR A 49 3.14 1.08 15.18
N GLY A 50 2.67 1.31 13.96
CA GLY A 50 3.21 0.63 12.80
C GLY A 50 2.30 0.82 11.59
N TYR A 51 2.67 0.15 10.50
CA TYR A 51 1.90 0.23 9.28
C TYR A 51 1.67 -1.16 8.67
N ARG A 52 0.40 -1.49 8.49
CA ARG A 52 0.04 -2.78 7.93
C ARG A 52 -0.02 -2.69 6.40
N ILE A 53 0.81 -3.50 5.76
CA ILE A 53 0.87 -3.52 4.31
C ILE A 53 0.22 -4.82 3.81
N SER A 54 -0.44 -4.70 2.66
CA SER A 54 -1.10 -5.84 2.06
C SER A 54 -1.16 -5.68 0.54
N TRP A 55 -0.40 -6.52 -0.15
CA TRP A 55 -0.35 -6.49 -1.60
C TRP A 55 -1.21 -7.64 -2.13
N GLU A 56 -1.85 -7.38 -3.25
CA GLU A 56 -2.70 -8.39 -3.88
C GLU A 56 -3.02 -8.00 -5.32
N GLU A 57 -3.47 -8.98 -6.08
CA GLU A 57 -3.82 -8.75 -7.48
C GLU A 57 -4.83 -7.61 -7.58
N TYR A 58 -5.20 -7.31 -8.83
CA TYR A 58 -6.16 -6.25 -9.08
C TYR A 58 -7.49 -6.54 -8.36
N ASN A 59 -8.09 -7.66 -8.72
CA ASN A 59 -9.35 -8.06 -8.12
C ASN A 59 -9.25 -9.49 -7.61
N ARG A 60 -8.35 -9.68 -6.65
CA ARG A 60 -8.14 -10.99 -6.07
C ARG A 60 -7.54 -10.86 -4.66
N THR A 61 -8.29 -11.37 -3.70
CA THR A 61 -7.86 -11.32 -2.31
C THR A 61 -7.01 -12.54 -1.97
N ASN A 62 -7.25 -13.62 -2.71
CA ASN A 62 -6.51 -14.86 -2.50
C ASN A 62 -5.02 -14.54 -2.39
N THR A 63 -4.59 -13.59 -3.21
CA THR A 63 -3.19 -13.18 -3.22
C THR A 63 -2.97 -12.02 -2.26
N ARG A 64 -3.70 -12.06 -1.15
CA ARG A 64 -3.59 -11.01 -0.15
C ARG A 64 -2.62 -11.44 0.96
N VAL A 65 -1.62 -10.59 1.18
CA VAL A 65 -0.62 -10.87 2.20
C VAL A 65 -0.79 -9.89 3.35
N THR A 66 -0.37 -10.32 4.53
CA THR A 66 -0.47 -9.49 5.72
C THR A 66 0.92 -9.30 6.35
N HIS A 67 1.35 -8.05 6.36
CA HIS A 67 2.65 -7.71 6.92
C HIS A 67 2.49 -6.58 7.94
N TYR A 68 3.47 -6.48 8.83
CA TYR A 68 3.44 -5.46 9.87
C TYR A 68 4.79 -4.74 9.94
N LEU A 69 4.71 -3.41 9.89
CA LEU A 69 5.91 -2.59 9.95
C LEU A 69 5.80 -1.64 11.14
N PRO A 70 6.99 -1.12 11.56
CA PRO A 70 7.05 -0.20 12.69
C PRO A 70 6.54 1.19 12.28
N ASN A 71 6.52 2.08 13.27
CA ASN A 71 6.07 3.44 13.03
C ASN A 71 7.26 4.30 12.59
N VAL A 72 8.21 3.64 11.94
CA VAL A 72 9.40 4.34 11.46
C VAL A 72 9.56 4.09 9.97
N THR A 73 9.14 2.91 9.54
CA THR A 73 9.24 2.54 8.15
C THR A 73 7.96 2.93 7.41
N LEU A 74 8.14 3.37 6.17
CA LEU A 74 7.00 3.77 5.35
C LEU A 74 7.14 3.16 3.96
N GLU A 75 8.11 2.26 3.83
CA GLU A 75 8.37 1.60 2.57
C GLU A 75 8.71 0.12 2.80
N TYR A 76 8.35 -0.69 1.83
CA TYR A 76 8.63 -2.11 1.92
C TYR A 76 8.57 -2.77 0.54
N ARG A 77 9.54 -3.65 0.30
CA ARG A 77 9.61 -4.35 -0.98
C ARG A 77 8.72 -5.60 -0.96
N VAL A 78 7.96 -5.76 -2.03
CA VAL A 78 7.07 -6.89 -2.14
C VAL A 78 7.67 -7.92 -3.10
N THR A 79 7.32 -9.18 -2.87
CA THR A 79 7.82 -10.26 -3.70
C THR A 79 6.84 -11.44 -3.69
N GLY A 80 6.72 -12.07 -4.84
CA GLY A 80 5.83 -13.22 -4.98
C GLY A 80 4.55 -12.82 -5.73
N LEU A 81 4.69 -11.80 -6.57
CA LEU A 81 3.56 -11.32 -7.35
C LEU A 81 3.54 -12.04 -8.70
N THR A 82 3.03 -11.33 -9.70
CA THR A 82 2.95 -11.88 -11.04
C THR A 82 3.52 -10.90 -12.06
N ALA A 83 4.08 -11.45 -13.11
CA ALA A 83 4.66 -10.64 -14.16
C ALA A 83 3.56 -9.92 -14.94
N LEU A 84 3.83 -8.69 -15.31
CA LEU A 84 2.87 -7.90 -16.06
C LEU A 84 1.46 -8.16 -15.51
N THR A 85 1.29 -7.86 -14.23
CA THR A 85 0.00 -8.06 -13.58
C THR A 85 -0.34 -6.86 -12.71
N THR A 86 -1.62 -6.52 -12.71
CA THR A 86 -2.11 -5.39 -11.92
C THR A 86 -2.30 -5.81 -10.46
N TYR A 87 -1.55 -5.15 -9.59
CA TYR A 87 -1.63 -5.44 -8.16
C TYR A 87 -1.98 -4.17 -7.36
N THR A 88 -2.75 -4.38 -6.31
CA THR A 88 -3.16 -3.27 -5.46
C THR A 88 -2.53 -3.41 -4.06
N ILE A 89 -1.58 -2.54 -3.78
CA ILE A 89 -0.90 -2.55 -2.51
C ILE A 89 -1.67 -1.68 -1.52
N GLU A 90 -2.15 -2.32 -0.46
CA GLU A 90 -2.90 -1.62 0.56
C GLU A 90 -2.03 -1.36 1.79
N VAL A 91 -1.79 -0.09 2.06
CA VAL A 91 -0.97 0.29 3.20
C VAL A 91 -1.84 1.04 4.22
N ALA A 92 -1.93 0.45 5.40
CA ALA A 92 -2.72 1.04 6.47
C ALA A 92 -1.80 1.46 7.61
N ALA A 93 -2.34 2.29 8.49
CA ALA A 93 -1.58 2.77 9.64
C ALA A 93 -2.15 2.17 10.92
N MET A 94 -1.26 1.65 11.74
CA MET A 94 -1.66 1.04 13.00
C MET A 94 -1.22 1.90 14.19
N THR A 95 -2.12 2.03 15.14
CA THR A 95 -1.84 2.83 16.33
C THR A 95 -1.94 1.95 17.58
N SER A 96 -1.97 2.62 18.74
CA SER A 96 -2.05 1.92 20.00
C SER A 96 -3.49 1.45 20.24
N LYS A 97 -4.34 1.73 19.27
CA LYS A 97 -5.74 1.34 19.35
C LYS A 97 -6.02 0.22 18.36
N GLY A 98 -5.43 0.36 17.18
CA GLY A 98 -5.61 -0.64 16.14
C GLY A 98 -5.17 -0.09 14.77
N GLN A 99 -5.82 -0.58 13.74
CA GLN A 99 -5.52 -0.15 12.38
C GLN A 99 -6.61 0.78 11.87
N GLY A 100 -6.18 1.81 11.14
CA GLY A 100 -7.11 2.77 10.58
C GLY A 100 -7.29 2.56 9.08
N GLN A 101 -7.62 3.64 8.40
CA GLN A 101 -7.83 3.59 6.95
C GLN A 101 -6.68 2.82 6.29
N VAL A 102 -6.83 2.60 4.99
CA VAL A 102 -5.83 1.89 4.22
C VAL A 102 -5.71 2.52 2.83
N SER A 103 -4.47 2.75 2.43
CA SER A 103 -4.21 3.34 1.12
C SER A 103 -3.89 2.24 0.11
N ALA A 104 -4.88 1.92 -0.71
CA ALA A 104 -4.71 0.90 -1.73
C ALA A 104 -4.49 1.56 -3.09
N SER A 105 -3.32 1.33 -3.64
CA SER A 105 -2.98 1.91 -4.94
C SER A 105 -2.68 0.79 -5.94
N THR A 106 -3.28 0.92 -7.12
CA THR A 106 -3.08 -0.07 -8.16
C THR A 106 -1.72 0.11 -8.83
N ILE A 107 -1.06 -1.01 -9.08
CA ILE A 107 0.25 -0.98 -9.71
C ILE A 107 0.45 -2.27 -10.52
N SER A 108 0.89 -2.09 -11.75
CA SER A 108 1.13 -3.23 -12.63
C SER A 108 2.62 -3.58 -12.63
N SER A 109 2.91 -4.80 -12.20
CA SER A 109 4.29 -5.27 -12.15
C SER A 109 5.06 -4.73 -13.35
N GLY A 110 6.36 -4.55 -13.15
CA GLY A 110 7.23 -4.04 -14.20
C GLY A 110 7.27 -5.01 -15.38
N VAL A 111 8.23 -5.92 -15.31
CA VAL A 111 8.40 -6.91 -16.37
C VAL A 111 9.53 -7.87 -15.99
N PRO A 112 9.32 -9.18 -16.33
CA PRO A 112 10.31 -10.19 -16.04
C PRO A 112 11.51 -10.09 -16.99
N PRO A 113 12.72 -10.01 -16.37
CA PRO A 113 13.95 -9.91 -17.15
C PRO A 113 14.31 -11.27 -17.77
N SER A 114 13.68 -12.30 -17.25
CA SER A 114 13.93 -13.65 -17.74
C SER A 114 13.13 -13.89 -19.02
N GLY A 115 13.84 -13.77 -20.15
CA GLY A 115 13.21 -13.98 -21.44
C GLY A 115 12.99 -12.65 -22.16
N PRO A 116 13.96 -12.30 -23.05
CA PRO A 116 13.88 -11.06 -23.80
C PRO A 116 12.84 -11.17 -24.91
N SER A 117 12.04 -10.11 -25.05
CA SER A 117 11.01 -10.07 -26.08
C SER A 117 10.57 -8.63 -26.32
N SER A 118 9.92 -8.42 -27.46
CA SER A 118 9.44 -7.10 -27.81
C SER A 118 8.33 -7.22 -28.85
N GLY A 119 8.67 -7.82 -29.98
CA GLY A 119 7.70 -8.00 -31.05
C GLY A 119 8.37 -8.63 -32.28
N GLY A 1 -16.78 22.30 11.28
CA GLY A 1 -17.31 21.43 10.23
C GLY A 1 -16.27 20.40 9.79
N SER A 2 -16.76 19.36 9.14
CA SER A 2 -15.89 18.30 8.67
C SER A 2 -15.77 18.37 7.14
N SER A 3 -16.91 18.28 6.48
CA SER A 3 -16.94 18.33 5.03
C SER A 3 -16.28 19.63 4.54
N GLY A 4 -16.84 20.74 4.97
CA GLY A 4 -16.33 22.04 4.58
C GLY A 4 -17.35 23.14 4.84
N SER A 5 -18.00 23.57 3.77
CA SER A 5 -19.01 24.61 3.87
C SER A 5 -19.88 24.39 5.11
N SER A 6 -20.44 25.48 5.61
CA SER A 6 -21.28 25.42 6.79
C SER A 6 -22.50 24.53 6.51
N GLY A 7 -22.80 23.67 7.48
CA GLY A 7 -23.92 22.76 7.35
C GLY A 7 -24.36 22.24 8.73
N PRO A 8 -25.35 22.94 9.32
CA PRO A 8 -25.86 22.55 10.63
C PRO A 8 -26.76 21.32 10.52
N GLN A 9 -26.18 20.25 9.99
CA GLN A 9 -26.91 19.01 9.83
C GLN A 9 -25.98 17.81 10.06
N LEU A 10 -25.99 17.31 11.28
CA LEU A 10 -25.16 16.18 11.63
C LEU A 10 -23.69 16.56 11.47
N VAL A 11 -23.00 16.61 12.59
CA VAL A 11 -21.58 16.95 12.58
C VAL A 11 -21.00 16.72 13.98
N ARG A 12 -20.00 15.84 14.03
CA ARG A 12 -19.34 15.52 15.29
C ARG A 12 -18.16 14.59 15.05
N THR A 13 -17.09 14.84 15.79
CA THR A 13 -15.89 14.03 15.67
C THR A 13 -16.21 12.57 15.95
N HIS A 14 -15.22 11.72 15.70
CA HIS A 14 -15.38 10.29 15.91
C HIS A 14 -14.12 9.56 15.43
N GLU A 15 -14.15 8.24 15.60
CA GLU A 15 -13.03 7.42 15.20
C GLU A 15 -11.80 7.72 16.06
N ASP A 16 -10.91 6.74 16.15
CA ASP A 16 -9.71 6.89 16.94
C ASP A 16 -8.49 6.63 16.05
N VAL A 17 -8.47 5.43 15.47
CA VAL A 17 -7.37 5.04 14.60
C VAL A 17 -7.01 6.21 13.69
N PRO A 18 -5.81 6.10 13.05
CA PRO A 18 -5.34 7.13 12.14
C PRO A 18 -6.09 7.09 10.82
N GLY A 19 -5.73 8.01 9.94
CA GLY A 19 -6.36 8.09 8.63
C GLY A 19 -5.53 7.36 7.57
N PRO A 20 -5.80 7.73 6.29
CA PRO A 20 -5.08 7.11 5.18
C PRO A 20 -3.66 7.67 5.08
N VAL A 21 -2.70 6.76 5.13
CA VAL A 21 -1.30 7.14 5.04
C VAL A 21 -1.09 8.05 3.83
N GLY A 22 0.15 8.47 3.64
CA GLY A 22 0.49 9.34 2.53
C GLY A 22 0.06 8.72 1.20
N HIS A 23 0.67 9.22 0.13
CA HIS A 23 0.37 8.73 -1.20
C HIS A 23 1.18 7.47 -1.48
N LEU A 24 0.51 6.48 -2.05
CA LEU A 24 1.17 5.23 -2.38
C LEU A 24 2.23 5.46 -3.45
N SER A 25 3.37 4.82 -3.26
CA SER A 25 4.48 4.96 -4.20
C SER A 25 5.11 3.60 -4.47
N PHE A 26 5.49 3.39 -5.72
CA PHE A 26 6.10 2.14 -6.12
C PHE A 26 7.36 2.39 -6.95
N SER A 27 8.46 1.78 -6.51
CA SER A 27 9.73 1.93 -7.19
C SER A 27 10.38 0.57 -7.36
N GLU A 28 11.51 0.57 -8.06
CA GLU A 28 12.25 -0.66 -8.30
C GLU A 28 11.29 -1.81 -8.57
N ILE A 29 10.40 -1.58 -9.52
CA ILE A 29 9.41 -2.60 -9.88
C ILE A 29 10.03 -3.56 -10.91
N LEU A 30 9.85 -4.84 -10.65
CA LEU A 30 10.37 -5.87 -11.54
C LEU A 30 9.22 -6.57 -12.24
N ASP A 31 9.19 -7.88 -12.11
CA ASP A 31 8.15 -8.68 -12.73
C ASP A 31 7.25 -9.27 -11.64
N THR A 32 7.86 -9.57 -10.51
CA THR A 32 7.14 -10.13 -9.38
C THR A 32 7.64 -9.54 -8.07
N SER A 33 8.29 -8.39 -8.18
CA SER A 33 8.84 -7.73 -7.01
C SER A 33 8.83 -6.21 -7.23
N LEU A 34 8.34 -5.50 -6.23
CA LEU A 34 8.29 -4.05 -6.30
C LEU A 34 8.35 -3.47 -4.89
N LYS A 35 8.95 -2.28 -4.79
CA LYS A 35 9.08 -1.61 -3.51
C LYS A 35 7.88 -0.68 -3.30
N VAL A 36 7.35 -0.72 -2.08
CA VAL A 36 6.21 0.10 -1.73
C VAL A 36 6.64 1.16 -0.71
N SER A 37 6.23 2.39 -0.99
CA SER A 37 6.57 3.50 -0.11
C SER A 37 5.35 4.40 0.10
N TRP A 38 5.20 4.86 1.32
CA TRP A 38 4.08 5.73 1.66
C TRP A 38 4.59 6.83 2.60
N GLN A 39 3.65 7.58 3.14
CA GLN A 39 4.00 8.66 4.05
C GLN A 39 3.06 8.67 5.26
N GLU A 40 3.29 9.62 6.15
CA GLU A 40 2.47 9.74 7.35
C GLU A 40 1.14 10.41 7.01
N PRO A 41 0.05 9.84 7.61
CA PRO A 41 -1.28 10.38 7.38
C PRO A 41 -1.49 11.69 8.15
N GLY A 42 -2.47 12.46 7.68
CA GLY A 42 -2.77 13.73 8.32
C GLY A 42 -3.62 13.53 9.57
N GLU A 43 -3.79 12.26 9.93
CA GLU A 43 -4.58 11.92 11.11
C GLU A 43 -3.84 10.90 11.97
N LYS A 44 -2.83 11.38 12.66
CA LYS A 44 -2.02 10.53 13.52
C LYS A 44 -2.92 9.96 14.63
N ASN A 45 -3.71 10.83 15.23
CA ASN A 45 -4.61 10.43 16.29
C ASN A 45 -3.90 9.42 17.19
N GLY A 46 -2.89 9.92 17.90
CA GLY A 46 -2.13 9.07 18.80
C GLY A 46 -0.73 8.80 18.24
N ILE A 47 0.06 8.09 19.04
CA ILE A 47 1.42 7.75 18.64
C ILE A 47 1.40 6.44 17.85
N LEU A 48 1.62 6.56 16.55
CA LEU A 48 1.63 5.40 15.68
C LEU A 48 2.31 4.24 16.40
N THR A 49 1.91 3.03 16.03
CA THR A 49 2.47 1.83 16.62
C THR A 49 2.96 0.87 15.54
N GLY A 50 2.79 1.30 14.30
CA GLY A 50 3.20 0.48 13.17
C GLY A 50 2.28 0.72 11.96
N TYR A 51 2.57 -0.01 10.90
CA TYR A 51 1.77 0.10 9.68
C TYR A 51 1.41 -1.28 9.13
N ARG A 52 0.17 -1.40 8.69
CA ARG A 52 -0.31 -2.65 8.14
C ARG A 52 -0.38 -2.57 6.61
N ILE A 53 0.52 -3.32 5.98
CA ILE A 53 0.58 -3.34 4.52
C ILE A 53 -0.01 -4.67 4.02
N SER A 54 -0.62 -4.59 2.85
CA SER A 54 -1.22 -5.77 2.24
C SER A 54 -1.23 -5.63 0.72
N TRP A 55 -0.47 -6.50 0.08
CA TRP A 55 -0.37 -6.50 -1.37
C TRP A 55 -1.24 -7.64 -1.91
N GLU A 56 -1.79 -7.41 -3.09
CA GLU A 56 -2.64 -8.41 -3.73
C GLU A 56 -2.92 -8.02 -5.18
N GLU A 57 -3.19 -9.03 -5.99
CA GLU A 57 -3.48 -8.81 -7.39
C GLU A 57 -4.58 -7.76 -7.56
N TYR A 58 -4.98 -7.56 -8.80
CA TYR A 58 -6.01 -6.58 -9.10
C TYR A 58 -7.35 -6.99 -8.49
N ASN A 59 -7.84 -8.14 -8.95
CA ASN A 59 -9.11 -8.65 -8.47
C ASN A 59 -8.92 -10.09 -7.97
N ARG A 60 -8.15 -10.22 -6.89
CA ARG A 60 -7.88 -11.52 -6.32
C ARG A 60 -7.49 -11.37 -4.85
N THR A 61 -8.45 -11.63 -3.98
CA THR A 61 -8.23 -11.54 -2.55
C THR A 61 -7.46 -12.77 -2.05
N ASN A 62 -7.39 -13.77 -2.92
CA ASN A 62 -6.70 -15.00 -2.57
C ASN A 62 -5.18 -14.78 -2.69
N THR A 63 -4.82 -13.58 -3.12
CA THR A 63 -3.42 -13.23 -3.27
C THR A 63 -3.06 -12.06 -2.36
N ARG A 64 -3.77 -11.98 -1.25
CA ARG A 64 -3.53 -10.92 -0.28
C ARG A 64 -2.65 -11.42 0.85
N VAL A 65 -1.72 -10.56 1.26
CA VAL A 65 -0.80 -10.89 2.33
C VAL A 65 -0.97 -9.89 3.47
N THR A 66 -0.53 -10.31 4.66
CA THR A 66 -0.62 -9.47 5.83
C THR A 66 0.75 -9.32 6.50
N HIS A 67 1.25 -8.09 6.49
CA HIS A 67 2.54 -7.80 7.08
C HIS A 67 2.40 -6.68 8.11
N TYR A 68 3.39 -6.59 8.99
CA TYR A 68 3.38 -5.57 10.02
C TYR A 68 4.73 -4.86 10.09
N LEU A 69 4.66 -3.54 10.11
CA LEU A 69 5.88 -2.72 10.18
C LEU A 69 5.76 -1.75 11.36
N PRO A 70 6.93 -1.23 11.78
CA PRO A 70 6.98 -0.28 12.88
C PRO A 70 6.49 1.10 12.44
N ASN A 71 6.38 2.00 13.41
CA ASN A 71 5.93 3.35 13.14
C ASN A 71 7.12 4.20 12.69
N VAL A 72 8.16 3.51 12.24
CA VAL A 72 9.35 4.19 11.78
C VAL A 72 9.56 3.90 10.29
N THR A 73 8.89 2.86 9.83
CA THR A 73 8.99 2.46 8.43
C THR A 73 7.71 2.85 7.68
N LEU A 74 7.91 3.30 6.45
CA LEU A 74 6.79 3.70 5.61
C LEU A 74 6.96 3.11 4.22
N GLU A 75 7.96 2.24 4.09
CA GLU A 75 8.24 1.61 2.81
C GLU A 75 8.60 0.13 3.03
N TYR A 76 8.28 -0.68 2.03
CA TYR A 76 8.56 -2.10 2.09
C TYR A 76 8.61 -2.72 0.70
N ARG A 77 9.40 -3.78 0.58
CA ARG A 77 9.55 -4.46 -0.69
C ARG A 77 8.61 -5.67 -0.75
N VAL A 78 7.84 -5.72 -1.84
CA VAL A 78 6.90 -6.81 -2.03
C VAL A 78 7.52 -7.86 -2.96
N THR A 79 7.11 -9.10 -2.76
CA THR A 79 7.62 -10.20 -3.57
C THR A 79 6.60 -11.33 -3.62
N GLY A 80 6.55 -11.99 -4.77
CA GLY A 80 5.62 -13.09 -4.97
C GLY A 80 4.44 -12.67 -5.84
N LEU A 81 4.68 -11.64 -6.64
CA LEU A 81 3.65 -11.13 -7.52
C LEU A 81 3.72 -11.87 -8.86
N THR A 82 3.25 -11.19 -9.90
CA THR A 82 3.25 -11.78 -11.23
C THR A 82 3.76 -10.76 -12.25
N ALA A 83 4.35 -11.28 -13.32
CA ALA A 83 4.90 -10.44 -14.37
C ALA A 83 3.74 -9.85 -15.18
N LEU A 84 3.93 -8.60 -15.60
CA LEU A 84 2.92 -7.91 -16.39
C LEU A 84 1.53 -8.24 -15.82
N THR A 85 1.34 -7.88 -14.56
CA THR A 85 0.08 -8.13 -13.89
C THR A 85 -0.29 -6.95 -12.99
N THR A 86 -1.59 -6.68 -12.94
CA THR A 86 -2.09 -5.58 -12.12
C THR A 86 -2.24 -6.02 -10.67
N TYR A 87 -1.65 -5.23 -9.78
CA TYR A 87 -1.70 -5.52 -8.36
C TYR A 87 -2.08 -4.28 -7.56
N THR A 88 -2.67 -4.52 -6.39
CA THR A 88 -3.08 -3.43 -5.53
C THR A 88 -2.40 -3.55 -4.17
N ILE A 89 -1.67 -2.50 -3.82
CA ILE A 89 -0.96 -2.47 -2.55
C ILE A 89 -1.70 -1.54 -1.58
N GLU A 90 -2.13 -2.13 -0.47
CA GLU A 90 -2.84 -1.38 0.54
C GLU A 90 -1.94 -1.09 1.74
N VAL A 91 -1.86 0.18 2.10
CA VAL A 91 -1.03 0.59 3.22
C VAL A 91 -1.91 1.24 4.29
N ALA A 92 -1.85 0.68 5.49
CA ALA A 92 -2.63 1.19 6.60
C ALA A 92 -1.70 1.46 7.79
N ALA A 93 -2.13 2.40 8.62
CA ALA A 93 -1.35 2.75 9.80
C ALA A 93 -1.92 2.03 11.01
N MET A 94 -1.08 1.93 12.05
CA MET A 94 -1.49 1.26 13.27
C MET A 94 -1.12 2.10 14.50
N THR A 95 -2.10 2.25 15.38
CA THR A 95 -1.89 3.02 16.60
C THR A 95 -2.15 2.15 17.83
N SER A 96 -2.31 2.82 18.96
CA SER A 96 -2.55 2.12 20.22
C SER A 96 -3.96 1.52 20.20
N LYS A 97 -4.72 1.89 19.19
CA LYS A 97 -6.08 1.40 19.05
C LYS A 97 -6.08 0.14 18.19
N GLY A 98 -5.50 0.27 17.00
CA GLY A 98 -5.41 -0.84 16.08
C GLY A 98 -4.92 -0.38 14.70
N GLN A 99 -5.83 -0.38 13.75
CA GLN A 99 -5.51 0.03 12.40
C GLN A 99 -6.52 1.07 11.90
N GLY A 100 -6.01 2.06 11.19
CA GLY A 100 -6.86 3.11 10.65
C GLY A 100 -7.08 2.92 9.15
N GLN A 101 -7.41 4.02 8.49
CA GLN A 101 -7.65 4.00 7.06
C GLN A 101 -6.54 3.20 6.36
N VAL A 102 -6.79 2.89 5.09
CA VAL A 102 -5.83 2.14 4.29
C VAL A 102 -5.74 2.75 2.90
N SER A 103 -4.51 2.85 2.41
CA SER A 103 -4.27 3.41 1.10
C SER A 103 -3.95 2.30 0.10
N ALA A 104 -4.92 2.02 -0.77
CA ALA A 104 -4.74 0.99 -1.77
C ALA A 104 -4.57 1.65 -3.14
N SER A 105 -3.47 1.30 -3.79
CA SER A 105 -3.18 1.84 -5.10
C SER A 105 -2.84 0.70 -6.07
N THR A 106 -3.42 0.79 -7.26
CA THR A 106 -3.19 -0.22 -8.28
C THR A 106 -1.82 -0.01 -8.94
N ILE A 107 -1.16 -1.12 -9.21
CA ILE A 107 0.15 -1.08 -9.84
C ILE A 107 0.37 -2.36 -10.65
N SER A 108 0.82 -2.17 -11.87
CA SER A 108 1.07 -3.30 -12.77
C SER A 108 2.57 -3.63 -12.77
N SER A 109 2.87 -4.86 -12.37
CA SER A 109 4.24 -5.32 -12.32
C SER A 109 5.02 -4.76 -13.51
N GLY A 110 6.32 -4.60 -13.31
CA GLY A 110 7.18 -4.07 -14.36
C GLY A 110 7.21 -5.01 -15.56
N VAL A 111 8.22 -5.87 -15.57
CA VAL A 111 8.38 -6.82 -16.66
C VAL A 111 9.55 -7.75 -16.34
N PRO A 112 9.38 -9.05 -16.72
CA PRO A 112 10.40 -10.05 -16.48
C PRO A 112 11.57 -9.89 -17.46
N PRO A 113 12.79 -9.77 -16.88
CA PRO A 113 13.99 -9.62 -17.69
C PRO A 113 14.38 -10.94 -18.35
N SER A 114 13.76 -12.01 -17.89
CA SER A 114 14.03 -13.32 -18.43
C SER A 114 13.02 -13.66 -19.52
N GLY A 115 13.39 -13.36 -20.75
CA GLY A 115 12.52 -13.63 -21.88
C GLY A 115 12.65 -12.53 -22.95
N PRO A 116 11.90 -12.72 -24.06
CA PRO A 116 11.92 -11.75 -25.15
C PRO A 116 11.12 -10.49 -24.78
N SER A 117 9.98 -10.72 -24.15
CA SER A 117 9.12 -9.62 -23.74
C SER A 117 9.00 -8.60 -24.86
N SER A 118 7.97 -8.79 -25.68
CA SER A 118 7.73 -7.90 -26.81
C SER A 118 6.28 -7.43 -26.81
N GLY A 119 5.38 -8.42 -26.89
CA GLY A 119 3.96 -8.13 -26.91
C GLY A 119 3.29 -8.69 -28.17
N GLY A 1 1.53 13.82 -5.49
CA GLY A 1 0.94 14.75 -4.56
C GLY A 1 -0.45 14.28 -4.12
N SER A 2 -1.37 14.26 -5.08
CA SER A 2 -2.73 13.84 -4.80
C SER A 2 -3.26 13.00 -5.97
N SER A 3 -3.72 11.81 -5.63
CA SER A 3 -4.26 10.91 -6.64
C SER A 3 -5.70 11.29 -6.97
N GLY A 4 -6.22 10.69 -8.03
CA GLY A 4 -7.58 10.95 -8.46
C GLY A 4 -8.47 9.73 -8.23
N SER A 5 -9.33 9.84 -7.23
CA SER A 5 -10.23 8.75 -6.89
C SER A 5 -11.19 9.19 -5.78
N SER A 6 -12.40 9.53 -6.18
CA SER A 6 -13.41 9.97 -5.23
C SER A 6 -14.51 8.91 -5.11
N GLY A 7 -15.06 8.82 -3.92
CA GLY A 7 -16.11 7.86 -3.65
C GLY A 7 -17.07 8.37 -2.57
N PRO A 8 -18.20 7.63 -2.41
CA PRO A 8 -19.20 8.00 -1.42
C PRO A 8 -18.73 7.64 -0.01
N GLN A 9 -19.38 8.26 0.98
CA GLN A 9 -19.03 8.02 2.36
C GLN A 9 -20.16 8.49 3.28
N LEU A 10 -20.07 8.10 4.54
CA LEU A 10 -21.06 8.47 5.52
C LEU A 10 -20.76 9.88 6.04
N VAL A 11 -21.81 10.54 6.52
CA VAL A 11 -21.67 11.89 7.04
C VAL A 11 -21.53 11.82 8.56
N ARG A 12 -20.72 12.71 9.09
CA ARG A 12 -20.48 12.77 10.52
C ARG A 12 -20.18 11.38 11.07
N THR A 13 -18.89 11.09 11.16
CA THR A 13 -18.45 9.79 11.66
C THR A 13 -17.28 9.97 12.63
N HIS A 14 -16.95 8.89 13.32
CA HIS A 14 -15.86 8.91 14.28
C HIS A 14 -14.93 7.72 14.02
N GLU A 15 -13.71 7.85 14.53
CA GLU A 15 -12.72 6.80 14.37
C GLU A 15 -11.45 7.12 15.16
N ASP A 16 -11.07 6.18 16.01
CA ASP A 16 -9.88 6.37 16.84
C ASP A 16 -8.63 6.21 15.96
N VAL A 17 -8.48 5.03 15.39
CA VAL A 17 -7.34 4.74 14.54
C VAL A 17 -7.10 5.93 13.60
N PRO A 18 -5.91 5.92 12.97
CA PRO A 18 -5.54 6.99 12.05
C PRO A 18 -6.28 6.84 10.72
N GLY A 19 -6.03 7.79 9.83
CA GLY A 19 -6.67 7.78 8.53
C GLY A 19 -5.74 7.18 7.47
N PRO A 20 -5.92 7.65 6.20
CA PRO A 20 -5.11 7.17 5.10
C PRO A 20 -3.71 7.77 5.15
N VAL A 21 -2.72 6.88 5.05
CA VAL A 21 -1.34 7.31 5.09
C VAL A 21 -1.09 8.36 4.00
N GLY A 22 0.17 8.65 3.78
CA GLY A 22 0.55 9.63 2.77
C GLY A 22 0.04 9.22 1.39
N HIS A 23 0.92 9.37 0.41
CA HIS A 23 0.57 9.01 -0.96
C HIS A 23 1.35 7.77 -1.38
N LEU A 24 0.60 6.73 -1.74
CA LEU A 24 1.21 5.48 -2.16
C LEU A 24 2.22 5.75 -3.27
N SER A 25 3.35 5.06 -3.18
CA SER A 25 4.40 5.22 -4.16
C SER A 25 5.07 3.87 -4.45
N PHE A 26 5.45 3.68 -5.69
CA PHE A 26 6.10 2.45 -6.10
C PHE A 26 7.34 2.73 -6.94
N SER A 27 8.34 1.88 -6.75
CA SER A 27 9.59 2.02 -7.47
C SER A 27 10.32 0.67 -7.54
N GLU A 28 11.41 0.68 -8.29
CA GLU A 28 12.21 -0.53 -8.44
C GLU A 28 11.29 -1.76 -8.58
N ILE A 29 10.33 -1.63 -9.48
CA ILE A 29 9.38 -2.71 -9.71
C ILE A 29 10.02 -3.76 -10.64
N LEU A 30 9.80 -5.01 -10.30
CA LEU A 30 10.34 -6.12 -11.09
C LEU A 30 9.21 -6.80 -11.85
N ASP A 31 9.08 -8.10 -11.62
CA ASP A 31 8.05 -8.88 -12.28
C ASP A 31 7.06 -9.39 -11.23
N THR A 32 7.60 -9.68 -10.05
CA THR A 32 6.78 -10.17 -8.96
C THR A 32 7.19 -9.52 -7.64
N SER A 33 7.83 -8.36 -7.76
CA SER A 33 8.29 -7.64 -6.59
C SER A 33 8.43 -6.14 -6.93
N LEU A 34 8.07 -5.32 -5.96
CA LEU A 34 8.16 -3.88 -6.13
C LEU A 34 8.37 -3.22 -4.78
N LYS A 35 8.91 -2.00 -4.82
CA LYS A 35 9.18 -1.26 -3.60
C LYS A 35 7.99 -0.34 -3.31
N VAL A 36 7.47 -0.46 -2.10
CA VAL A 36 6.35 0.35 -1.68
C VAL A 36 6.83 1.45 -0.72
N SER A 37 6.25 2.62 -0.87
CA SER A 37 6.62 3.75 -0.03
C SER A 37 5.39 4.61 0.24
N TRP A 38 5.30 5.11 1.47
CA TRP A 38 4.19 5.94 1.87
C TRP A 38 4.72 6.99 2.85
N GLN A 39 3.80 7.78 3.39
CA GLN A 39 4.15 8.82 4.34
C GLN A 39 3.22 8.76 5.56
N GLU A 40 3.48 9.65 6.50
CA GLU A 40 2.68 9.72 7.71
C GLU A 40 1.37 10.47 7.44
N PRO A 41 0.26 9.89 7.97
CA PRO A 41 -1.05 10.49 7.80
C PRO A 41 -1.22 11.71 8.71
N GLY A 42 -2.03 12.65 8.24
CA GLY A 42 -2.29 13.87 8.99
C GLY A 42 -3.34 13.63 10.08
N GLU A 43 -3.89 12.43 10.08
CA GLU A 43 -4.91 12.07 11.05
C GLU A 43 -4.40 10.93 11.94
N LYS A 44 -3.16 11.07 12.38
CA LYS A 44 -2.54 10.06 13.23
C LYS A 44 -3.55 9.62 14.29
N ASN A 45 -4.33 10.59 14.76
CA ASN A 45 -5.34 10.31 15.76
C ASN A 45 -4.77 9.33 16.79
N GLY A 46 -3.51 9.57 17.15
CA GLY A 46 -2.84 8.70 18.12
C GLY A 46 -1.39 8.45 17.71
N ILE A 47 -0.68 7.76 18.58
CA ILE A 47 0.72 7.45 18.34
C ILE A 47 0.81 6.21 17.45
N LEU A 48 1.35 6.42 16.25
CA LEU A 48 1.51 5.32 15.31
C LEU A 48 2.44 4.26 15.89
N THR A 49 1.93 3.04 15.95
CA THR A 49 2.70 1.93 16.49
C THR A 49 3.35 1.14 15.35
N GLY A 50 2.88 1.40 14.15
CA GLY A 50 3.40 0.71 12.97
C GLY A 50 2.49 0.93 11.76
N TYR A 51 2.72 0.11 10.74
CA TYR A 51 1.94 0.20 9.52
C TYR A 51 1.65 -1.19 8.95
N ARG A 52 0.46 -1.33 8.39
CA ARG A 52 0.07 -2.61 7.80
C ARG A 52 0.02 -2.50 6.28
N ILE A 53 0.76 -3.39 5.63
CA ILE A 53 0.82 -3.41 4.18
C ILE A 53 0.19 -4.70 3.66
N SER A 54 -0.46 -4.60 2.52
CA SER A 54 -1.11 -5.75 1.90
C SER A 54 -1.18 -5.57 0.39
N TRP A 55 -0.44 -6.42 -0.31
CA TRP A 55 -0.41 -6.36 -1.76
C TRP A 55 -1.30 -7.49 -2.29
N GLU A 56 -2.33 -7.09 -3.01
CA GLU A 56 -3.26 -8.05 -3.58
C GLU A 56 -3.54 -7.72 -5.05
N GLU A 57 -3.66 -8.76 -5.85
CA GLU A 57 -3.93 -8.60 -7.27
C GLU A 57 -5.05 -7.57 -7.48
N TYR A 58 -5.27 -7.23 -8.74
CA TYR A 58 -6.30 -6.27 -9.09
C TYR A 58 -7.62 -6.60 -8.39
N ASN A 59 -8.17 -7.75 -8.74
CA ASN A 59 -9.42 -8.20 -8.16
C ASN A 59 -9.27 -9.63 -7.65
N ARG A 60 -8.41 -9.78 -6.65
CA ARG A 60 -8.16 -11.09 -6.07
C ARG A 60 -7.62 -10.94 -4.65
N THR A 61 -8.49 -11.21 -3.68
CA THR A 61 -8.12 -11.11 -2.28
C THR A 61 -7.29 -12.33 -1.87
N ASN A 62 -7.64 -13.47 -2.45
CA ASN A 62 -6.93 -14.70 -2.16
C ASN A 62 -5.43 -14.47 -2.26
N THR A 63 -5.06 -13.56 -3.16
CA THR A 63 -3.67 -13.24 -3.37
C THR A 63 -3.25 -12.05 -2.50
N ARG A 64 -3.91 -11.95 -1.35
CA ARG A 64 -3.62 -10.86 -0.42
C ARG A 64 -2.66 -11.33 0.67
N VAL A 65 -1.72 -10.47 1.00
CA VAL A 65 -0.74 -10.79 2.03
C VAL A 65 -0.90 -9.81 3.20
N THR A 66 -0.38 -10.22 4.35
CA THR A 66 -0.45 -9.39 5.54
C THR A 66 0.94 -9.22 6.15
N HIS A 67 1.30 -7.97 6.39
CA HIS A 67 2.59 -7.66 6.99
C HIS A 67 2.44 -6.49 7.96
N TYR A 68 3.41 -6.39 8.86
CA TYR A 68 3.40 -5.33 9.85
C TYR A 68 4.77 -4.65 9.94
N LEU A 69 4.73 -3.32 9.90
CA LEU A 69 5.95 -2.55 9.97
C LEU A 69 5.87 -1.58 11.17
N PRO A 70 7.07 -1.11 11.61
CA PRO A 70 7.14 -0.19 12.73
C PRO A 70 6.71 1.22 12.32
N ASN A 71 6.68 2.11 13.29
CA ASN A 71 6.27 3.48 13.05
C ASN A 71 7.50 4.29 12.61
N VAL A 72 8.51 3.57 12.14
CA VAL A 72 9.73 4.21 11.69
C VAL A 72 9.90 3.95 10.19
N THR A 73 9.25 2.90 9.72
CA THR A 73 9.32 2.55 8.31
C THR A 73 8.01 2.90 7.61
N LEU A 74 8.15 3.39 6.38
CA LEU A 74 6.99 3.77 5.60
C LEU A 74 7.13 3.20 4.18
N GLU A 75 8.14 2.36 4.02
CA GLU A 75 8.40 1.74 2.73
C GLU A 75 8.76 0.26 2.91
N TYR A 76 8.42 -0.52 1.91
CA TYR A 76 8.70 -1.95 1.95
C TYR A 76 8.67 -2.56 0.54
N ARG A 77 9.47 -3.58 0.36
CA ARG A 77 9.54 -4.25 -0.93
C ARG A 77 8.69 -5.52 -0.92
N VAL A 78 7.88 -5.66 -1.97
CA VAL A 78 7.00 -6.81 -2.08
C VAL A 78 7.64 -7.84 -3.02
N THR A 79 7.29 -9.09 -2.80
CA THR A 79 7.82 -10.18 -3.61
C THR A 79 6.86 -11.37 -3.61
N GLY A 80 6.72 -11.98 -4.78
CA GLY A 80 5.83 -13.12 -4.92
C GLY A 80 4.67 -12.80 -5.84
N LEU A 81 4.58 -11.53 -6.23
CA LEU A 81 3.52 -11.08 -7.11
C LEU A 81 3.55 -11.89 -8.40
N THR A 82 2.89 -11.35 -9.42
CA THR A 82 2.84 -12.01 -10.71
C THR A 82 3.41 -11.11 -11.80
N ALA A 83 4.10 -11.73 -12.73
CA ALA A 83 4.70 -10.99 -13.84
C ALA A 83 3.59 -10.36 -14.69
N LEU A 84 3.85 -9.14 -15.13
CA LEU A 84 2.89 -8.42 -15.94
C LEU A 84 1.48 -8.66 -15.39
N THR A 85 1.29 -8.25 -14.15
CA THR A 85 0.01 -8.40 -13.49
C THR A 85 -0.32 -7.15 -12.67
N THR A 86 -1.62 -6.88 -12.58
CA THR A 86 -2.08 -5.71 -11.83
C THR A 86 -2.28 -6.08 -10.36
N TYR A 87 -1.72 -5.25 -9.50
CA TYR A 87 -1.82 -5.47 -8.07
C TYR A 87 -2.12 -4.16 -7.32
N THR A 88 -2.77 -4.29 -6.18
CA THR A 88 -3.11 -3.13 -5.38
C THR A 88 -2.50 -3.25 -3.98
N ILE A 89 -1.52 -2.40 -3.72
CA ILE A 89 -0.85 -2.39 -2.44
C ILE A 89 -1.60 -1.48 -1.47
N GLU A 90 -2.05 -2.08 -0.38
CA GLU A 90 -2.79 -1.34 0.63
C GLU A 90 -1.89 -1.04 1.82
N VAL A 91 -1.74 0.25 2.10
CA VAL A 91 -0.91 0.69 3.21
C VAL A 91 -1.78 1.41 4.24
N ALA A 92 -1.65 0.99 5.47
CA ALA A 92 -2.42 1.58 6.56
C ALA A 92 -1.52 1.79 7.77
N ALA A 93 -1.93 2.69 8.64
CA ALA A 93 -1.17 2.99 9.84
C ALA A 93 -1.78 2.25 11.02
N MET A 94 -0.90 1.69 11.84
CA MET A 94 -1.33 0.94 13.01
C MET A 94 -0.98 1.69 14.30
N THR A 95 -1.96 1.81 15.17
CA THR A 95 -1.77 2.49 16.44
C THR A 95 -2.06 1.54 17.60
N SER A 96 -2.26 2.14 18.77
CA SER A 96 -2.54 1.36 19.97
C SER A 96 -3.96 0.79 19.89
N LYS A 97 -4.67 1.19 18.86
CA LYS A 97 -6.04 0.73 18.66
C LYS A 97 -6.03 -0.48 17.72
N GLY A 98 -5.38 -0.30 16.59
CA GLY A 98 -5.29 -1.37 15.61
C GLY A 98 -4.74 -0.85 14.28
N GLN A 99 -5.63 -0.81 13.28
CA GLN A 99 -5.25 -0.33 11.96
C GLN A 99 -6.26 0.70 11.47
N GLY A 100 -5.73 1.77 10.90
CA GLY A 100 -6.57 2.83 10.37
C GLY A 100 -6.73 2.70 8.85
N GLN A 101 -7.31 3.75 8.26
CA GLN A 101 -7.52 3.77 6.83
C GLN A 101 -6.34 3.14 6.10
N VAL A 102 -6.61 2.66 4.90
CA VAL A 102 -5.58 2.04 4.09
C VAL A 102 -5.59 2.64 2.68
N SER A 103 -4.40 2.88 2.17
CA SER A 103 -4.26 3.46 0.84
C SER A 103 -3.88 2.37 -0.16
N ALA A 104 -4.87 1.94 -0.92
CA ALA A 104 -4.65 0.91 -1.93
C ALA A 104 -4.38 1.57 -3.27
N SER A 105 -3.18 1.31 -3.79
CA SER A 105 -2.79 1.87 -5.08
C SER A 105 -2.55 0.75 -6.09
N THR A 106 -3.20 0.88 -7.24
CA THR A 106 -3.06 -0.11 -8.29
C THR A 106 -1.72 0.05 -9.01
N ILE A 107 -1.01 -1.07 -9.14
CA ILE A 107 0.29 -1.06 -9.80
C ILE A 107 0.49 -2.40 -10.52
N SER A 108 0.86 -2.30 -11.78
CA SER A 108 1.10 -3.49 -12.58
C SER A 108 2.59 -3.81 -12.62
N SER A 109 2.92 -5.01 -12.13
CA SER A 109 4.30 -5.45 -12.10
C SER A 109 5.04 -4.97 -13.34
N GLY A 110 6.35 -4.83 -13.20
CA GLY A 110 7.17 -4.38 -14.31
C GLY A 110 7.24 -5.43 -15.42
N VAL A 111 8.22 -6.31 -15.32
CA VAL A 111 8.39 -7.35 -16.30
C VAL A 111 9.55 -8.26 -15.87
N PRO A 112 9.37 -9.59 -16.13
CA PRO A 112 10.39 -10.56 -15.78
C PRO A 112 11.58 -10.50 -16.75
N PRO A 113 12.79 -10.34 -16.17
CA PRO A 113 14.00 -10.26 -16.96
C PRO A 113 14.40 -11.64 -17.50
N SER A 114 13.45 -12.27 -18.17
CA SER A 114 13.68 -13.59 -18.73
C SER A 114 14.23 -13.46 -20.15
N GLY A 115 13.33 -13.11 -21.07
CA GLY A 115 13.71 -12.96 -22.46
C GLY A 115 13.66 -11.47 -22.88
N PRO A 116 14.38 -11.17 -23.99
CA PRO A 116 14.42 -9.82 -24.50
C PRO A 116 13.11 -9.45 -25.20
N SER A 117 13.04 -8.20 -25.66
CA SER A 117 11.86 -7.71 -26.34
C SER A 117 12.19 -6.46 -27.14
N SER A 118 11.55 -6.34 -28.29
CA SER A 118 11.77 -5.19 -29.16
C SER A 118 10.53 -4.30 -29.17
N GLY A 119 10.65 -3.14 -28.55
CA GLY A 119 9.55 -2.19 -28.49
C GLY A 119 9.80 -1.13 -27.43
N GLY A 1 -6.21 6.69 -20.85
CA GLY A 1 -7.62 6.56 -20.54
C GLY A 1 -7.87 6.76 -19.05
N SER A 2 -9.04 7.32 -18.75
CA SER A 2 -9.41 7.57 -17.36
C SER A 2 -10.55 6.64 -16.96
N SER A 3 -10.85 6.65 -15.67
CA SER A 3 -11.92 5.82 -15.14
C SER A 3 -12.17 6.16 -13.67
N GLY A 4 -13.44 6.40 -13.36
CA GLY A 4 -13.82 6.74 -12.00
C GLY A 4 -15.26 7.24 -11.95
N SER A 5 -16.04 6.63 -11.07
CA SER A 5 -17.44 7.01 -10.91
C SER A 5 -17.97 6.47 -9.58
N SER A 6 -18.71 7.33 -8.88
CA SER A 6 -19.29 6.95 -7.61
C SER A 6 -20.19 8.07 -7.09
N GLY A 7 -19.60 9.24 -6.92
CA GLY A 7 -20.33 10.41 -6.43
C GLY A 7 -20.35 10.44 -4.91
N PRO A 8 -20.21 11.68 -4.36
CA PRO A 8 -20.21 11.86 -2.92
C PRO A 8 -21.63 11.74 -2.35
N GLN A 9 -21.71 11.87 -1.04
CA GLN A 9 -22.99 11.77 -0.36
C GLN A 9 -22.94 12.50 0.99
N LEU A 10 -22.05 12.02 1.84
CA LEU A 10 -21.89 12.61 3.16
C LEU A 10 -20.40 12.72 3.49
N VAL A 11 -20.11 13.24 4.67
CA VAL A 11 -18.74 13.41 5.11
C VAL A 11 -18.41 12.33 6.15
N ARG A 12 -17.12 12.15 6.39
CA ARG A 12 -16.66 11.17 7.35
C ARG A 12 -16.88 11.67 8.78
N THR A 13 -16.56 10.81 9.74
CA THR A 13 -16.72 11.15 11.13
C THR A 13 -15.41 10.89 11.90
N HIS A 14 -15.53 10.92 13.22
CA HIS A 14 -14.38 10.69 14.07
C HIS A 14 -13.76 9.33 13.75
N GLU A 15 -12.70 9.01 14.46
CA GLU A 15 -12.01 7.75 14.26
C GLU A 15 -10.75 7.69 15.14
N ASP A 16 -10.87 7.00 16.26
CA ASP A 16 -9.76 6.86 17.18
C ASP A 16 -8.50 6.48 16.39
N VAL A 17 -8.68 5.55 15.46
CA VAL A 17 -7.57 5.09 14.64
C VAL A 17 -7.19 6.20 13.65
N PRO A 18 -5.99 6.02 13.02
CA PRO A 18 -5.51 6.99 12.06
C PRO A 18 -6.26 6.86 10.74
N GLY A 19 -5.91 7.73 9.80
CA GLY A 19 -6.53 7.73 8.49
C GLY A 19 -5.58 7.16 7.43
N PRO A 20 -5.79 7.63 6.16
CA PRO A 20 -4.97 7.18 5.06
C PRO A 20 -3.59 7.84 5.10
N VAL A 21 -2.58 7.02 4.85
CA VAL A 21 -1.21 7.51 4.86
C VAL A 21 -1.04 8.57 3.78
N GLY A 22 0.17 9.10 3.69
CA GLY A 22 0.47 10.13 2.71
C GLY A 22 -0.08 9.75 1.33
N HIS A 23 0.77 9.12 0.54
CA HIS A 23 0.39 8.70 -0.79
C HIS A 23 1.19 7.45 -1.18
N LEU A 24 0.44 6.41 -1.53
CA LEU A 24 1.07 5.15 -1.92
C LEU A 24 2.04 5.41 -3.07
N SER A 25 3.23 4.83 -2.93
CA SER A 25 4.26 4.99 -3.94
C SER A 25 5.01 3.67 -4.13
N PHE A 26 5.79 3.62 -5.20
CA PHE A 26 6.56 2.43 -5.51
C PHE A 26 7.82 2.78 -6.30
N SER A 27 8.79 1.87 -6.26
CA SER A 27 10.04 2.07 -6.97
C SER A 27 10.78 0.75 -7.11
N GLU A 28 11.57 0.65 -8.17
CA GLU A 28 12.33 -0.56 -8.43
C GLU A 28 11.39 -1.75 -8.65
N ILE A 29 10.44 -1.55 -9.55
CA ILE A 29 9.47 -2.60 -9.85
C ILE A 29 10.08 -3.57 -10.86
N LEU A 30 9.84 -4.85 -10.62
CA LEU A 30 10.35 -5.88 -11.51
C LEU A 30 9.18 -6.56 -12.22
N ASP A 31 9.12 -7.88 -12.06
CA ASP A 31 8.06 -8.65 -12.69
C ASP A 31 7.17 -9.26 -11.59
N THR A 32 7.79 -9.55 -10.46
CA THR A 32 7.07 -10.13 -9.34
C THR A 32 7.58 -9.55 -8.02
N SER A 33 8.28 -8.43 -8.14
CA SER A 33 8.83 -7.77 -6.96
C SER A 33 8.84 -6.26 -7.18
N LEU A 34 8.44 -5.54 -6.14
CA LEU A 34 8.39 -4.09 -6.19
C LEU A 34 8.40 -3.52 -4.77
N LYS A 35 9.00 -2.36 -4.64
CA LYS A 35 9.07 -1.70 -3.34
C LYS A 35 8.05 -0.56 -3.29
N VAL A 36 7.38 -0.46 -2.15
CA VAL A 36 6.39 0.58 -1.96
C VAL A 36 6.91 1.61 -0.97
N SER A 37 6.34 2.81 -1.06
CA SER A 37 6.75 3.90 -0.17
C SER A 37 5.57 4.85 0.07
N TRP A 38 5.30 5.09 1.34
CA TRP A 38 4.21 5.97 1.72
C TRP A 38 4.76 7.02 2.68
N GLN A 39 3.84 7.75 3.30
CA GLN A 39 4.22 8.79 4.25
C GLN A 39 3.33 8.71 5.49
N GLU A 40 3.61 9.61 6.44
CA GLU A 40 2.86 9.65 7.67
C GLU A 40 1.54 10.41 7.45
N PRO A 41 0.45 9.82 8.00
CA PRO A 41 -0.87 10.42 7.88
C PRO A 41 -1.01 11.64 8.81
N GLY A 42 -1.84 12.58 8.39
CA GLY A 42 -2.07 13.78 9.17
C GLY A 42 -3.14 13.55 10.23
N GLU A 43 -3.79 12.40 10.13
CA GLU A 43 -4.84 12.03 11.07
C GLU A 43 -4.37 10.91 11.98
N LYS A 44 -3.10 10.97 12.35
CA LYS A 44 -2.51 9.96 13.21
C LYS A 44 -3.52 9.58 14.30
N ASN A 45 -4.34 10.55 14.66
CA ASN A 45 -5.36 10.34 15.69
C ASN A 45 -4.76 9.49 16.80
N GLY A 46 -3.47 9.66 17.02
CA GLY A 46 -2.78 8.91 18.05
C GLY A 46 -1.35 8.55 17.62
N ILE A 47 -0.60 8.01 18.56
CA ILE A 47 0.77 7.61 18.28
C ILE A 47 0.77 6.35 17.41
N LEU A 48 1.46 6.44 16.29
CA LEU A 48 1.55 5.31 15.37
C LEU A 48 2.47 4.25 15.96
N THR A 49 1.95 3.03 16.00
CA THR A 49 2.71 1.91 16.54
C THR A 49 3.34 1.10 15.41
N GLY A 50 2.85 1.34 14.20
CA GLY A 50 3.36 0.65 13.03
C GLY A 50 2.40 0.79 11.85
N TYR A 51 2.76 0.14 10.75
CA TYR A 51 1.95 0.19 9.55
C TYR A 51 1.68 -1.22 9.02
N ARG A 52 0.45 -1.42 8.56
CA ARG A 52 0.04 -2.71 8.02
C ARG A 52 -0.08 -2.63 6.50
N ILE A 53 0.84 -3.31 5.83
CA ILE A 53 0.85 -3.34 4.38
C ILE A 53 0.24 -4.66 3.89
N SER A 54 -0.48 -4.57 2.78
CA SER A 54 -1.10 -5.75 2.20
C SER A 54 -1.17 -5.60 0.68
N TRP A 55 -0.44 -6.47 0.00
CA TRP A 55 -0.41 -6.45 -1.46
C TRP A 55 -1.30 -7.59 -1.96
N GLU A 56 -1.86 -7.39 -3.14
CA GLU A 56 -2.71 -8.39 -3.74
C GLU A 56 -3.05 -8.00 -5.19
N GLU A 57 -3.33 -9.03 -5.99
CA GLU A 57 -3.66 -8.81 -7.39
C GLU A 57 -4.74 -7.73 -7.52
N TYR A 58 -5.13 -7.48 -8.76
CA TYR A 58 -6.14 -6.48 -9.04
C TYR A 58 -7.43 -6.79 -8.28
N ASN A 59 -8.03 -7.93 -8.62
CA ASN A 59 -9.26 -8.35 -7.99
C ASN A 59 -9.12 -9.80 -7.51
N ARG A 60 -8.21 -9.99 -6.57
CA ARG A 60 -7.97 -11.32 -6.02
C ARG A 60 -7.42 -11.22 -4.59
N THR A 61 -8.30 -11.51 -3.65
CA THR A 61 -7.92 -11.46 -2.24
C THR A 61 -7.09 -12.69 -1.86
N ASN A 62 -7.45 -13.81 -2.47
CA ASN A 62 -6.74 -15.05 -2.21
C ASN A 62 -5.24 -14.84 -2.38
N THR A 63 -4.92 -13.81 -3.17
CA THR A 63 -3.52 -13.49 -3.42
C THR A 63 -3.09 -12.28 -2.58
N ARG A 64 -3.75 -12.13 -1.44
CA ARG A 64 -3.45 -11.04 -0.54
C ARG A 64 -2.60 -11.54 0.63
N VAL A 65 -1.70 -10.67 1.08
CA VAL A 65 -0.83 -11.01 2.19
C VAL A 65 -1.03 -9.99 3.32
N THR A 66 -0.63 -10.40 4.51
CA THR A 66 -0.75 -9.53 5.68
C THR A 66 0.59 -9.39 6.38
N HIS A 67 1.12 -8.17 6.35
CA HIS A 67 2.40 -7.89 6.98
C HIS A 67 2.27 -6.66 7.87
N TYR A 68 3.17 -6.57 8.84
CA TYR A 68 3.16 -5.46 9.78
C TYR A 68 4.54 -4.80 9.85
N LEU A 69 4.53 -3.47 9.81
CA LEU A 69 5.77 -2.71 9.87
C LEU A 69 5.69 -1.72 11.03
N PRO A 70 6.89 -1.24 11.46
CA PRO A 70 6.97 -0.30 12.56
C PRO A 70 6.56 1.10 12.10
N ASN A 71 6.53 2.01 13.06
CA ASN A 71 6.15 3.39 12.77
C ASN A 71 7.38 4.17 12.30
N VAL A 72 8.37 3.42 11.84
CA VAL A 72 9.60 4.02 11.37
C VAL A 72 9.77 3.70 9.88
N THR A 73 9.07 2.66 9.44
CA THR A 73 9.13 2.25 8.05
C THR A 73 7.88 2.71 7.30
N LEU A 74 8.11 3.29 6.13
CA LEU A 74 7.02 3.77 5.31
C LEU A 74 7.10 3.12 3.93
N GLU A 75 8.12 2.29 3.75
CA GLU A 75 8.33 1.61 2.48
C GLU A 75 8.62 0.13 2.73
N TYR A 76 8.12 -0.69 1.81
CA TYR A 76 8.32 -2.13 1.91
C TYR A 76 8.50 -2.76 0.53
N ARG A 77 9.19 -3.89 0.51
CA ARG A 77 9.44 -4.60 -0.73
C ARG A 77 8.46 -5.76 -0.89
N VAL A 78 7.72 -5.73 -1.98
CA VAL A 78 6.74 -6.78 -2.26
C VAL A 78 7.38 -7.84 -3.15
N THR A 79 7.02 -9.08 -2.88
CA THR A 79 7.56 -10.20 -3.64
C THR A 79 6.54 -11.34 -3.71
N GLY A 80 6.67 -12.16 -4.73
CA GLY A 80 5.77 -13.29 -4.93
C GLY A 80 4.54 -12.87 -5.72
N LEU A 81 4.74 -11.92 -6.62
CA LEU A 81 3.65 -11.42 -7.45
C LEU A 81 3.68 -12.13 -8.80
N THR A 82 3.16 -11.46 -9.81
CA THR A 82 3.12 -12.01 -11.15
C THR A 82 3.65 -10.99 -12.16
N ALA A 83 4.19 -11.52 -13.25
CA ALA A 83 4.73 -10.67 -14.30
C ALA A 83 3.59 -9.99 -15.04
N LEU A 84 3.83 -8.74 -15.42
CA LEU A 84 2.84 -7.97 -16.13
C LEU A 84 1.45 -8.26 -15.55
N THR A 85 1.32 -8.01 -14.26
CA THR A 85 0.06 -8.25 -13.58
C THR A 85 -0.30 -7.06 -12.69
N THR A 86 -1.58 -6.70 -12.71
CA THR A 86 -2.06 -5.59 -11.92
C THR A 86 -2.23 -6.01 -10.45
N TYR A 87 -1.61 -5.24 -9.57
CA TYR A 87 -1.68 -5.52 -8.15
C TYR A 87 -2.03 -4.25 -7.36
N THR A 88 -2.74 -4.46 -6.26
CA THR A 88 -3.14 -3.35 -5.41
C THR A 88 -2.51 -3.49 -4.02
N ILE A 89 -1.63 -2.55 -3.71
CA ILE A 89 -0.96 -2.56 -2.42
C ILE A 89 -1.70 -1.62 -1.46
N GLU A 90 -2.15 -2.20 -0.36
CA GLU A 90 -2.88 -1.44 0.64
C GLU A 90 -1.99 -1.18 1.85
N VAL A 91 -1.74 0.10 2.10
CA VAL A 91 -0.90 0.50 3.22
C VAL A 91 -1.78 1.11 4.31
N ALA A 92 -1.79 0.45 5.46
CA ALA A 92 -2.58 0.90 6.59
C ALA A 92 -1.65 1.27 7.75
N ALA A 93 -2.18 2.08 8.66
CA ALA A 93 -1.40 2.51 9.81
C ALA A 93 -1.98 1.86 11.08
N MET A 94 -1.08 1.58 12.00
CA MET A 94 -1.48 0.96 13.26
C MET A 94 -1.05 1.82 14.45
N THR A 95 -2.02 2.07 15.33
CA THR A 95 -1.75 2.87 16.52
C THR A 95 -2.04 2.07 17.78
N SER A 96 -2.11 2.78 18.89
CA SER A 96 -2.38 2.15 20.17
C SER A 96 -3.81 1.60 20.19
N LYS A 97 -4.62 2.13 19.29
CA LYS A 97 -6.01 1.70 19.19
C LYS A 97 -6.09 0.47 18.29
N GLY A 98 -5.53 0.62 17.09
CA GLY A 98 -5.54 -0.46 16.13
C GLY A 98 -5.15 0.04 14.74
N GLN A 99 -5.88 -0.46 13.75
CA GLN A 99 -5.62 -0.07 12.36
C GLN A 99 -6.69 0.92 11.88
N GLY A 100 -6.25 1.87 11.09
CA GLY A 100 -7.16 2.87 10.55
C GLY A 100 -7.29 2.74 9.03
N GLN A 101 -7.68 3.85 8.41
CA GLN A 101 -7.84 3.87 6.96
C GLN A 101 -6.66 3.16 6.28
N VAL A 102 -6.84 2.89 5.00
CA VAL A 102 -5.81 2.22 4.22
C VAL A 102 -5.71 2.87 2.84
N SER A 103 -4.50 2.84 2.29
CA SER A 103 -4.26 3.42 0.98
C SER A 103 -3.92 2.31 -0.01
N ALA A 104 -4.90 1.95 -0.82
CA ALA A 104 -4.71 0.92 -1.82
C ALA A 104 -4.50 1.56 -3.19
N SER A 105 -3.33 1.33 -3.75
CA SER A 105 -2.98 1.89 -5.05
C SER A 105 -2.71 0.76 -6.05
N THR A 106 -3.34 0.86 -7.21
CA THR A 106 -3.18 -0.14 -8.25
C THR A 106 -1.83 0.05 -8.95
N ILE A 107 -1.08 -1.05 -9.01
CA ILE A 107 0.23 -1.02 -9.65
C ILE A 107 0.46 -2.35 -10.37
N SER A 108 0.82 -2.23 -11.64
CA SER A 108 1.08 -3.41 -12.46
C SER A 108 2.58 -3.67 -12.55
N SER A 109 2.97 -4.88 -12.18
CA SER A 109 4.37 -5.26 -12.21
C SER A 109 5.03 -4.69 -13.46
N GLY A 110 6.34 -4.46 -13.34
CA GLY A 110 7.10 -3.91 -14.45
C GLY A 110 7.14 -4.89 -15.63
N VAL A 111 8.13 -5.77 -15.59
CA VAL A 111 8.29 -6.76 -16.65
C VAL A 111 9.47 -7.67 -16.31
N PRO A 112 9.31 -8.97 -16.63
CA PRO A 112 10.35 -9.95 -16.37
C PRO A 112 11.49 -9.81 -17.38
N PRO A 113 12.72 -9.68 -16.84
CA PRO A 113 13.91 -9.54 -17.67
C PRO A 113 14.30 -10.88 -18.29
N SER A 114 15.54 -10.94 -18.75
CA SER A 114 16.05 -12.16 -19.37
C SER A 114 15.63 -12.21 -20.84
N GLY A 115 16.47 -11.64 -21.68
CA GLY A 115 16.19 -11.61 -23.11
C GLY A 115 16.46 -10.22 -23.70
N PRO A 116 15.63 -9.87 -24.72
CA PRO A 116 15.78 -8.58 -25.38
C PRO A 116 15.22 -7.46 -24.50
N SER A 117 15.74 -6.26 -24.73
CA SER A 117 15.30 -5.10 -23.97
C SER A 117 15.05 -3.92 -24.91
N SER A 118 13.89 -3.30 -24.73
CA SER A 118 13.51 -2.16 -25.55
C SER A 118 12.33 -1.43 -24.91
N GLY A 119 12.65 -0.41 -24.13
CA GLY A 119 11.63 0.38 -23.46
C GLY A 119 11.07 1.45 -24.39
N GLY A 1 -13.65 -2.42 -12.65
CA GLY A 1 -13.63 -1.94 -14.03
C GLY A 1 -15.05 -1.83 -14.58
N SER A 2 -15.14 -1.80 -15.91
CA SER A 2 -16.42 -1.70 -16.58
C SER A 2 -17.22 -2.98 -16.38
N SER A 3 -18.02 -2.98 -15.32
CA SER A 3 -18.85 -4.13 -15.01
C SER A 3 -20.10 -3.69 -14.25
N GLY A 4 -19.86 -3.10 -13.08
CA GLY A 4 -20.94 -2.64 -12.23
C GLY A 4 -20.70 -3.00 -10.76
N SER A 5 -21.49 -3.95 -10.29
CA SER A 5 -21.38 -4.40 -8.91
C SER A 5 -21.74 -3.26 -7.96
N SER A 6 -22.03 -3.64 -6.72
CA SER A 6 -22.40 -2.67 -5.71
C SER A 6 -21.91 -3.12 -4.34
N GLY A 7 -21.85 -2.17 -3.41
CA GLY A 7 -21.39 -2.47 -2.07
C GLY A 7 -21.82 -1.36 -1.10
N PRO A 8 -21.70 -1.68 0.22
CA PRO A 8 -22.07 -0.73 1.26
C PRO A 8 -21.01 0.37 1.39
N GLN A 9 -21.45 1.50 1.94
CA GLN A 9 -20.55 2.64 2.13
C GLN A 9 -20.25 2.82 3.62
N LEU A 10 -21.06 2.18 4.44
CA LEU A 10 -20.89 2.27 5.88
C LEU A 10 -20.93 3.74 6.30
N VAL A 11 -20.74 3.95 7.60
CA VAL A 11 -20.75 5.31 8.14
C VAL A 11 -19.35 5.65 8.65
N ARG A 12 -19.09 6.95 8.71
CA ARG A 12 -17.80 7.43 9.17
C ARG A 12 -17.80 7.60 10.69
N THR A 13 -18.55 8.59 11.14
CA THR A 13 -18.65 8.87 12.57
C THR A 13 -17.25 9.03 13.17
N HIS A 14 -17.24 9.55 14.40
CA HIS A 14 -15.98 9.75 15.11
C HIS A 14 -15.11 8.50 14.99
N GLU A 15 -13.84 8.72 14.71
CA GLU A 15 -12.90 7.62 14.58
C GLU A 15 -11.62 7.91 15.38
N ASP A 16 -11.15 6.88 16.06
CA ASP A 16 -9.95 7.01 16.87
C ASP A 16 -8.72 6.75 16.00
N VAL A 17 -8.63 5.53 15.50
CA VAL A 17 -7.52 5.13 14.65
C VAL A 17 -7.25 6.25 13.64
N PRO A 18 -6.04 6.16 13.00
CA PRO A 18 -5.65 7.15 12.02
C PRO A 18 -6.40 6.95 10.70
N GLY A 19 -6.09 7.81 9.74
CA GLY A 19 -6.72 7.74 8.44
C GLY A 19 -5.79 7.13 7.40
N PRO A 20 -5.99 7.54 6.12
CA PRO A 20 -5.16 7.04 5.03
C PRO A 20 -3.77 7.67 5.06
N VAL A 21 -2.76 6.82 4.95
CA VAL A 21 -1.39 7.28 4.95
C VAL A 21 -1.21 8.34 3.87
N GLY A 22 0.05 8.74 3.68
CA GLY A 22 0.37 9.75 2.68
C GLY A 22 0.06 9.24 1.27
N HIS A 23 0.99 9.51 0.36
CA HIS A 23 0.83 9.09 -1.01
C HIS A 23 1.70 7.86 -1.28
N LEU A 24 1.04 6.73 -1.46
CA LEU A 24 1.75 5.48 -1.71
C LEU A 24 2.67 5.67 -2.92
N SER A 25 3.72 4.87 -2.95
CA SER A 25 4.68 4.93 -4.04
C SER A 25 5.19 3.52 -4.38
N PHE A 26 5.67 3.38 -5.60
CA PHE A 26 6.19 2.10 -6.04
C PHE A 26 7.45 2.29 -6.89
N SER A 27 8.51 1.61 -6.47
CA SER A 27 9.78 1.69 -7.18
C SER A 27 10.39 0.30 -7.31
N GLU A 28 11.51 0.25 -8.02
CA GLU A 28 12.21 -1.02 -8.23
C GLU A 28 11.20 -2.12 -8.53
N ILE A 29 10.33 -1.84 -9.49
CA ILE A 29 9.32 -2.80 -9.90
C ILE A 29 9.91 -3.75 -10.94
N LEU A 30 9.67 -5.04 -10.73
CA LEU A 30 10.18 -6.05 -11.64
C LEU A 30 8.99 -6.77 -12.31
N ASP A 31 9.00 -8.08 -12.18
CA ASP A 31 7.95 -8.90 -12.75
C ASP A 31 7.09 -9.49 -11.63
N THR A 32 7.73 -9.66 -10.47
CA THR A 32 7.04 -10.22 -9.31
C THR A 32 7.62 -9.63 -8.03
N SER A 33 8.27 -8.49 -8.17
CA SER A 33 8.87 -7.82 -7.04
C SER A 33 8.85 -6.30 -7.24
N LEU A 34 8.38 -5.60 -6.22
CA LEU A 34 8.30 -4.15 -6.27
C LEU A 34 8.36 -3.58 -4.85
N LYS A 35 8.96 -2.41 -4.75
CA LYS A 35 9.09 -1.75 -3.46
C LYS A 35 7.88 -0.83 -3.24
N VAL A 36 7.37 -0.88 -2.02
CA VAL A 36 6.22 -0.06 -1.67
C VAL A 36 6.66 1.04 -0.68
N SER A 37 6.09 2.22 -0.86
CA SER A 37 6.41 3.34 0.00
C SER A 37 5.14 4.16 0.27
N TRP A 38 5.19 4.89 1.38
CA TRP A 38 4.07 5.73 1.78
C TRP A 38 4.57 6.76 2.77
N GLN A 39 3.66 7.63 3.19
CA GLN A 39 3.99 8.67 4.14
C GLN A 39 3.10 8.59 5.37
N GLU A 40 3.31 9.51 6.29
CA GLU A 40 2.54 9.55 7.52
C GLU A 40 1.16 10.16 7.26
N PRO A 41 0.13 9.56 7.92
CA PRO A 41 -1.23 10.04 7.75
C PRO A 41 -1.45 11.34 8.54
N GLY A 42 -2.35 12.16 8.02
CA GLY A 42 -2.66 13.43 8.64
C GLY A 42 -3.46 13.22 9.94
N GLU A 43 -4.29 12.20 9.91
CA GLU A 43 -5.12 11.87 11.07
C GLU A 43 -4.35 10.98 12.04
N LYS A 44 -3.10 11.34 12.27
CA LYS A 44 -2.25 10.59 13.18
C LYS A 44 -3.07 10.13 14.38
N ASN A 45 -3.97 11.00 14.81
CA ASN A 45 -4.83 10.70 15.94
C ASN A 45 -3.99 10.04 17.04
N GLY A 46 -2.71 10.38 17.05
CA GLY A 46 -1.80 9.85 18.04
C GLY A 46 -0.44 9.52 17.42
N ILE A 47 0.26 8.59 18.05
CA ILE A 47 1.57 8.18 17.56
C ILE A 47 1.49 6.75 17.04
N LEU A 48 1.38 6.64 15.73
CA LEU A 48 1.29 5.33 15.09
C LEU A 48 2.26 4.37 15.78
N THR A 49 1.80 3.15 15.97
CA THR A 49 2.61 2.13 16.62
C THR A 49 3.06 1.09 15.60
N GLY A 50 2.74 1.35 14.35
CA GLY A 50 3.12 0.45 13.27
C GLY A 50 2.27 0.72 12.01
N TYR A 51 2.58 -0.04 10.97
CA TYR A 51 1.87 0.10 9.71
C TYR A 51 1.57 -1.26 9.08
N ARG A 52 0.31 -1.46 8.74
CA ARG A 52 -0.11 -2.72 8.14
C ARG A 52 -0.15 -2.59 6.62
N ILE A 53 0.59 -3.48 5.96
CA ILE A 53 0.64 -3.46 4.51
C ILE A 53 0.10 -4.79 3.98
N SER A 54 -0.51 -4.72 2.81
CA SER A 54 -1.07 -5.90 2.17
C SER A 54 -1.07 -5.74 0.65
N TRP A 55 -0.29 -6.57 0.00
CA TRP A 55 -0.18 -6.53 -1.45
C TRP A 55 -1.01 -7.69 -2.02
N GLU A 56 -1.61 -7.44 -3.17
CA GLU A 56 -2.42 -8.45 -3.82
C GLU A 56 -2.68 -8.07 -5.28
N GLU A 57 -3.42 -8.92 -5.97
CA GLU A 57 -3.74 -8.69 -7.36
C GLU A 57 -4.85 -7.64 -7.48
N TYR A 58 -5.14 -7.26 -8.71
CA TYR A 58 -6.17 -6.27 -8.97
C TYR A 58 -7.49 -6.66 -8.29
N ASN A 59 -8.02 -7.81 -8.69
CA ASN A 59 -9.25 -8.29 -8.13
C ASN A 59 -9.10 -9.77 -7.73
N ARG A 60 -8.13 -10.00 -6.86
CA ARG A 60 -7.87 -11.35 -6.39
C ARG A 60 -7.19 -11.32 -5.02
N THR A 61 -8.01 -11.49 -3.99
CA THR A 61 -7.51 -11.49 -2.63
C THR A 61 -6.77 -12.79 -2.31
N ASN A 62 -6.94 -13.75 -3.22
CA ASN A 62 -6.31 -15.05 -3.05
C ASN A 62 -4.79 -14.88 -3.06
N THR A 63 -4.36 -13.72 -3.55
CA THR A 63 -2.94 -13.42 -3.62
C THR A 63 -2.60 -12.24 -2.69
N ARG A 64 -3.29 -12.19 -1.57
CA ARG A 64 -3.08 -11.13 -0.61
C ARG A 64 -2.20 -11.62 0.55
N VAL A 65 -1.40 -10.71 1.07
CA VAL A 65 -0.50 -11.04 2.17
C VAL A 65 -0.72 -10.04 3.31
N THR A 66 -0.29 -10.45 4.50
CA THR A 66 -0.43 -9.61 5.68
C THR A 66 0.92 -9.46 6.38
N HIS A 67 1.45 -8.25 6.33
CA HIS A 67 2.72 -7.95 6.95
C HIS A 67 2.55 -6.84 7.99
N TYR A 68 3.53 -6.73 8.86
CA TYR A 68 3.50 -5.72 9.91
C TYR A 68 4.82 -4.96 9.98
N LEU A 69 4.71 -3.65 10.11
CA LEU A 69 5.90 -2.80 10.20
C LEU A 69 5.74 -1.84 11.37
N PRO A 70 6.91 -1.29 11.82
CA PRO A 70 6.91 -0.36 12.93
C PRO A 70 6.39 1.02 12.50
N ASN A 71 6.29 1.90 13.47
CA ASN A 71 5.80 3.25 13.21
C ASN A 71 6.98 4.12 12.78
N VAL A 72 7.99 3.48 12.23
CA VAL A 72 9.18 4.19 11.77
C VAL A 72 9.36 3.95 10.27
N THR A 73 8.94 2.78 9.83
CA THR A 73 9.05 2.42 8.43
C THR A 73 7.76 2.77 7.68
N LEU A 74 7.93 3.18 6.43
CA LEU A 74 6.78 3.55 5.61
C LEU A 74 6.96 2.96 4.21
N GLU A 75 7.93 2.05 4.10
CA GLU A 75 8.21 1.41 2.83
C GLU A 75 8.60 -0.05 3.05
N TYR A 76 8.31 -0.88 2.06
CA TYR A 76 8.63 -2.29 2.13
C TYR A 76 8.73 -2.90 0.73
N ARG A 77 9.52 -3.97 0.64
CA ARG A 77 9.70 -4.65 -0.62
C ARG A 77 8.69 -5.79 -0.77
N VAL A 78 7.90 -5.69 -1.83
CA VAL A 78 6.88 -6.70 -2.11
C VAL A 78 7.47 -7.77 -3.02
N THR A 79 6.96 -8.98 -2.85
CA THR A 79 7.41 -10.11 -3.65
C THR A 79 6.35 -11.19 -3.71
N GLY A 80 6.33 -11.91 -4.83
CA GLY A 80 5.37 -12.97 -5.01
C GLY A 80 4.20 -12.51 -5.88
N LEU A 81 4.46 -11.48 -6.68
CA LEU A 81 3.44 -10.95 -7.55
C LEU A 81 3.47 -11.69 -8.89
N THR A 82 3.02 -11.00 -9.93
CA THR A 82 2.99 -11.59 -11.26
C THR A 82 3.50 -10.58 -12.29
N ALA A 83 4.20 -11.10 -13.29
CA ALA A 83 4.75 -10.27 -14.34
C ALA A 83 3.60 -9.70 -15.18
N LEU A 84 3.74 -8.43 -15.51
CA LEU A 84 2.73 -7.75 -16.31
C LEU A 84 1.34 -8.06 -15.73
N THR A 85 1.18 -7.73 -14.46
CA THR A 85 -0.08 -7.97 -13.79
C THR A 85 -0.43 -6.78 -12.88
N THR A 86 -1.73 -6.48 -12.85
CA THR A 86 -2.21 -5.37 -12.04
C THR A 86 -2.38 -5.81 -10.58
N TYR A 87 -1.64 -5.14 -9.70
CA TYR A 87 -1.70 -5.45 -8.28
C TYR A 87 -2.12 -4.23 -7.47
N THR A 88 -2.61 -4.49 -6.27
CA THR A 88 -3.05 -3.42 -5.38
C THR A 88 -2.34 -3.53 -4.03
N ILE A 89 -1.59 -2.48 -3.71
CA ILE A 89 -0.87 -2.45 -2.45
C ILE A 89 -1.63 -1.58 -1.45
N GLU A 90 -2.06 -2.21 -0.37
CA GLU A 90 -2.80 -1.51 0.67
C GLU A 90 -1.90 -1.25 1.87
N VAL A 91 -1.79 0.03 2.21
CA VAL A 91 -0.96 0.43 3.34
C VAL A 91 -1.84 1.13 4.38
N ALA A 92 -1.90 0.52 5.56
CA ALA A 92 -2.69 1.06 6.65
C ALA A 92 -1.78 1.40 7.83
N ALA A 93 -2.21 2.36 8.63
CA ALA A 93 -1.45 2.78 9.79
C ALA A 93 -1.94 2.01 11.02
N MET A 94 -1.16 2.11 12.08
CA MET A 94 -1.50 1.44 13.33
C MET A 94 -1.18 2.33 14.53
N THR A 95 -2.15 2.43 15.43
CA THR A 95 -1.99 3.23 16.63
C THR A 95 -2.20 2.37 17.88
N SER A 96 -2.31 3.06 19.01
CA SER A 96 -2.52 2.37 20.27
C SER A 96 -3.90 1.72 20.30
N LYS A 97 -4.71 2.09 19.33
CA LYS A 97 -6.06 1.55 19.22
C LYS A 97 -6.03 0.27 18.38
N GLY A 98 -5.46 0.41 17.19
CA GLY A 98 -5.35 -0.72 16.28
C GLY A 98 -4.87 -0.27 14.90
N GLN A 99 -5.77 -0.35 13.93
CA GLN A 99 -5.44 0.04 12.58
C GLN A 99 -6.50 0.99 12.02
N GLY A 100 -6.04 1.99 11.28
CA GLY A 100 -6.94 2.97 10.69
C GLY A 100 -7.14 2.71 9.20
N GLN A 101 -7.57 3.75 8.50
CA GLN A 101 -7.80 3.63 7.07
C GLN A 101 -6.63 2.92 6.40
N VAL A 102 -6.85 2.55 5.14
CA VAL A 102 -5.82 1.86 4.38
C VAL A 102 -5.72 2.50 2.99
N SER A 103 -4.47 2.66 2.55
CA SER A 103 -4.21 3.25 1.25
C SER A 103 -3.91 2.15 0.23
N ALA A 104 -4.90 1.87 -0.61
CA ALA A 104 -4.75 0.86 -1.64
C ALA A 104 -4.57 1.53 -3.00
N SER A 105 -3.41 1.28 -3.60
CA SER A 105 -3.11 1.86 -4.89
C SER A 105 -2.81 0.74 -5.90
N THR A 106 -3.39 0.89 -7.09
CA THR A 106 -3.20 -0.09 -8.14
C THR A 106 -1.85 0.11 -8.81
N ILE A 107 -1.16 -1.00 -9.04
CA ILE A 107 0.14 -0.98 -9.66
C ILE A 107 0.35 -2.24 -10.49
N SER A 108 0.78 -2.05 -11.73
CA SER A 108 1.01 -3.16 -12.63
C SER A 108 2.50 -3.51 -12.66
N SER A 109 2.81 -4.74 -12.28
CA SER A 109 4.18 -5.21 -12.27
C SER A 109 4.94 -4.64 -13.47
N GLY A 110 6.25 -4.53 -13.30
CA GLY A 110 7.10 -4.00 -14.36
C GLY A 110 7.10 -4.94 -15.57
N VAL A 111 8.11 -5.80 -15.62
CA VAL A 111 8.24 -6.75 -16.71
C VAL A 111 9.39 -7.70 -16.41
N PRO A 112 9.17 -8.99 -16.78
CA PRO A 112 10.18 -10.02 -16.56
C PRO A 112 11.34 -9.88 -17.56
N PRO A 113 12.57 -9.82 -17.02
CA PRO A 113 13.76 -9.68 -17.85
C PRO A 113 14.09 -11.00 -18.54
N SER A 114 13.60 -12.09 -17.94
CA SER A 114 13.85 -13.41 -18.48
C SER A 114 15.25 -13.49 -19.07
N GLY A 115 16.21 -13.75 -18.19
CA GLY A 115 17.60 -13.86 -18.60
C GLY A 115 18.15 -12.50 -19.04
N PRO A 116 19.15 -12.55 -19.95
CA PRO A 116 19.77 -11.33 -20.45
C PRO A 116 18.85 -10.62 -21.45
N SER A 117 19.33 -9.49 -21.95
CA SER A 117 18.57 -8.71 -22.90
C SER A 117 19.52 -8.00 -23.86
N SER A 118 19.02 -7.79 -25.08
CA SER A 118 19.81 -7.12 -26.10
C SER A 118 18.92 -6.17 -26.90
N GLY A 119 19.57 -5.20 -27.55
CA GLY A 119 18.86 -4.23 -28.35
C GLY A 119 18.28 -4.87 -29.62
N GLY A 1 4.14 5.69 -16.18
CA GLY A 1 2.96 6.46 -15.84
C GLY A 1 1.74 5.97 -16.61
N SER A 2 0.66 5.73 -15.86
CA SER A 2 -0.57 5.26 -16.47
C SER A 2 -1.77 5.82 -15.70
N SER A 3 -2.82 6.14 -16.46
CA SER A 3 -4.02 6.68 -15.87
C SER A 3 -5.21 5.76 -16.16
N GLY A 4 -5.78 5.23 -15.09
CA GLY A 4 -6.92 4.33 -15.22
C GLY A 4 -8.23 5.10 -15.10
N SER A 5 -8.68 5.25 -13.86
CA SER A 5 -9.92 5.96 -13.59
C SER A 5 -10.10 6.15 -12.08
N SER A 6 -10.53 7.35 -11.72
CA SER A 6 -10.75 7.67 -10.31
C SER A 6 -11.69 8.87 -10.20
N GLY A 7 -12.23 9.04 -9.00
CA GLY A 7 -13.15 10.14 -8.74
C GLY A 7 -13.66 10.10 -7.30
N PRO A 8 -12.76 10.46 -6.35
CA PRO A 8 -13.12 10.46 -4.94
C PRO A 8 -14.01 11.66 -4.60
N GLN A 9 -15.17 11.36 -4.04
CA GLN A 9 -16.11 12.39 -3.66
C GLN A 9 -17.16 11.83 -2.70
N LEU A 10 -16.92 12.05 -1.43
CA LEU A 10 -17.83 11.57 -0.40
C LEU A 10 -17.73 12.48 0.83
N VAL A 11 -18.44 12.09 1.88
CA VAL A 11 -18.44 12.84 3.11
C VAL A 11 -17.22 12.44 3.95
N ARG A 12 -16.86 13.33 4.87
CA ARG A 12 -15.72 13.08 5.75
C ARG A 12 -16.20 12.66 7.14
N THR A 13 -15.66 11.56 7.61
CA THR A 13 -16.02 11.04 8.93
C THR A 13 -14.84 11.22 9.91
N HIS A 14 -14.97 10.56 11.04
CA HIS A 14 -13.94 10.63 12.06
C HIS A 14 -13.94 9.34 12.89
N GLU A 15 -12.76 8.76 13.01
CA GLU A 15 -12.60 7.53 13.76
C GLU A 15 -11.34 7.58 14.63
N ASP A 16 -11.39 6.85 15.72
CA ASP A 16 -10.26 6.80 16.64
C ASP A 16 -8.98 6.50 15.87
N VAL A 17 -8.98 5.34 15.22
CA VAL A 17 -7.83 4.92 14.44
C VAL A 17 -7.43 6.05 13.48
N PRO A 18 -6.20 5.91 12.91
CA PRO A 18 -5.69 6.91 11.99
C PRO A 18 -6.37 6.79 10.62
N GLY A 19 -6.00 7.69 9.73
CA GLY A 19 -6.56 7.70 8.39
C GLY A 19 -5.58 7.13 7.37
N PRO A 20 -5.77 7.53 6.09
CA PRO A 20 -4.90 7.07 5.02
C PRO A 20 -3.54 7.76 5.08
N VAL A 21 -2.50 6.98 4.83
CA VAL A 21 -1.14 7.50 4.85
C VAL A 21 -1.02 8.62 3.80
N GLY A 22 0.22 9.06 3.61
CA GLY A 22 0.48 10.11 2.63
C GLY A 22 -0.04 9.73 1.25
N HIS A 23 0.88 9.26 0.42
CA HIS A 23 0.52 8.85 -0.93
C HIS A 23 1.30 7.59 -1.31
N LEU A 24 0.54 6.54 -1.63
CA LEU A 24 1.14 5.28 -2.01
C LEU A 24 2.10 5.50 -3.19
N SER A 25 3.27 4.91 -3.08
CA SER A 25 4.28 5.03 -4.12
C SER A 25 5.06 3.72 -4.25
N PHE A 26 5.74 3.59 -5.39
CA PHE A 26 6.52 2.40 -5.66
C PHE A 26 7.75 2.73 -6.50
N SER A 27 8.77 1.89 -6.36
CA SER A 27 10.01 2.07 -7.09
C SER A 27 10.75 0.75 -7.21
N GLU A 28 11.51 0.63 -8.29
CA GLU A 28 12.28 -0.58 -8.54
C GLU A 28 11.34 -1.77 -8.75
N ILE A 29 10.39 -1.58 -9.64
CA ILE A 29 9.42 -2.62 -9.94
C ILE A 29 10.03 -3.59 -10.97
N LEU A 30 9.81 -4.87 -10.72
CA LEU A 30 10.34 -5.89 -11.61
C LEU A 30 9.17 -6.63 -12.26
N ASP A 31 9.16 -7.95 -12.07
CA ASP A 31 8.11 -8.79 -12.62
C ASP A 31 7.23 -9.32 -11.49
N THR A 32 7.85 -9.51 -10.34
CA THR A 32 7.13 -10.01 -9.18
C THR A 32 7.71 -9.41 -7.90
N SER A 33 8.42 -8.30 -8.07
CA SER A 33 9.03 -7.62 -6.94
C SER A 33 8.98 -6.11 -7.15
N LEU A 34 8.55 -5.42 -6.11
CA LEU A 34 8.45 -3.97 -6.16
C LEU A 34 8.44 -3.41 -4.75
N LYS A 35 9.08 -2.25 -4.59
CA LYS A 35 9.16 -1.60 -3.30
C LYS A 35 8.12 -0.47 -3.24
N VAL A 36 7.47 -0.35 -2.09
CA VAL A 36 6.47 0.67 -1.89
C VAL A 36 6.98 1.69 -0.87
N SER A 37 6.37 2.86 -0.89
CA SER A 37 6.75 3.92 0.03
C SER A 37 5.56 4.85 0.28
N TRP A 38 5.34 5.15 1.55
CA TRP A 38 4.24 6.02 1.93
C TRP A 38 4.77 7.03 2.95
N GLN A 39 3.91 7.96 3.33
CA GLN A 39 4.27 8.98 4.29
C GLN A 39 3.38 8.88 5.54
N GLU A 40 3.68 9.73 6.51
CA GLU A 40 2.92 9.75 7.75
C GLU A 40 1.60 10.52 7.55
N PRO A 41 0.49 9.88 8.01
CA PRO A 41 -0.82 10.48 7.89
C PRO A 41 -1.00 11.62 8.91
N GLY A 42 -1.82 12.58 8.55
CA GLY A 42 -2.09 13.71 9.42
C GLY A 42 -3.08 13.34 10.51
N GLU A 43 -3.77 12.23 10.30
CA GLU A 43 -4.75 11.75 11.26
C GLU A 43 -4.11 10.72 12.19
N LYS A 44 -2.86 10.95 12.51
CA LYS A 44 -2.13 10.05 13.39
C LYS A 44 -3.06 9.58 14.51
N ASN A 45 -3.93 10.48 14.93
CA ASN A 45 -4.87 10.18 15.99
C ASN A 45 -4.16 9.36 17.07
N GLY A 46 -3.04 9.88 17.53
CA GLY A 46 -2.25 9.21 18.56
C GLY A 46 -0.84 8.91 18.06
N ILE A 47 -0.24 7.90 18.68
CA ILE A 47 1.12 7.50 18.32
C ILE A 47 1.05 6.22 17.48
N LEU A 48 1.45 6.35 16.22
CA LEU A 48 1.45 5.23 15.32
C LEU A 48 2.35 4.13 15.87
N THR A 49 1.79 2.93 15.95
CA THR A 49 2.54 1.79 16.46
C THR A 49 3.19 1.02 15.31
N GLY A 50 2.66 1.23 14.12
CA GLY A 50 3.18 0.58 12.93
C GLY A 50 2.18 0.66 11.77
N TYR A 51 2.62 0.18 10.62
CA TYR A 51 1.78 0.20 9.43
C TYR A 51 1.57 -1.22 8.89
N ARG A 52 0.40 -1.42 8.29
CA ARG A 52 0.06 -2.72 7.73
C ARG A 52 0.02 -2.64 6.20
N ILE A 53 0.84 -3.48 5.58
CA ILE A 53 0.91 -3.52 4.13
C ILE A 53 0.29 -4.82 3.63
N SER A 54 -0.40 -4.73 2.50
CA SER A 54 -1.04 -5.89 1.91
C SER A 54 -1.14 -5.72 0.39
N TRP A 55 -0.47 -6.61 -0.32
CA TRP A 55 -0.49 -6.57 -1.77
C TRP A 55 -1.39 -7.69 -2.27
N GLU A 56 -2.41 -7.30 -3.02
CA GLU A 56 -3.36 -8.25 -3.57
C GLU A 56 -3.66 -7.93 -5.03
N GLU A 57 -3.74 -8.97 -5.84
CA GLU A 57 -4.03 -8.81 -7.25
C GLU A 57 -5.17 -7.82 -7.45
N TYR A 58 -5.37 -7.42 -8.70
CA TYR A 58 -6.42 -6.49 -9.04
C TYR A 58 -7.76 -6.93 -8.44
N ASN A 59 -8.21 -8.10 -8.88
CA ASN A 59 -9.47 -8.64 -8.39
C ASN A 59 -9.27 -10.09 -7.97
N ARG A 60 -8.44 -10.27 -6.95
CA ARG A 60 -8.15 -11.60 -6.44
C ARG A 60 -7.67 -11.51 -4.98
N THR A 61 -8.48 -12.07 -4.09
CA THR A 61 -8.16 -12.06 -2.68
C THR A 61 -7.26 -13.26 -2.34
N ASN A 62 -7.33 -14.27 -3.18
CA ASN A 62 -6.54 -15.47 -2.98
C ASN A 62 -5.06 -15.10 -3.00
N THR A 63 -4.78 -13.92 -3.52
CA THR A 63 -3.41 -13.44 -3.60
C THR A 63 -3.20 -12.26 -2.64
N ARG A 64 -3.83 -12.37 -1.48
CA ARG A 64 -3.71 -11.34 -0.47
C ARG A 64 -2.58 -11.66 0.50
N VAL A 65 -1.97 -10.60 1.02
CA VAL A 65 -0.87 -10.77 1.96
C VAL A 65 -1.12 -9.89 3.19
N THR A 66 -0.43 -10.22 4.27
CA THR A 66 -0.58 -9.47 5.51
C THR A 66 0.79 -9.29 6.18
N HIS A 67 1.23 -8.04 6.22
CA HIS A 67 2.51 -7.72 6.82
C HIS A 67 2.33 -6.55 7.80
N TYR A 68 3.19 -6.52 8.80
CA TYR A 68 3.14 -5.47 9.80
C TYR A 68 4.51 -4.80 9.96
N LEU A 69 4.51 -3.49 9.75
CA LEU A 69 5.74 -2.73 9.87
C LEU A 69 5.61 -1.73 11.03
N PRO A 70 6.79 -1.26 11.51
CA PRO A 70 6.82 -0.30 12.61
C PRO A 70 6.39 1.09 12.15
N ASN A 71 6.35 2.01 13.10
CA ASN A 71 5.96 3.38 12.81
C ASN A 71 7.19 4.16 12.35
N VAL A 72 8.21 3.42 11.93
CA VAL A 72 9.45 4.03 11.48
C VAL A 72 9.63 3.73 9.98
N THR A 73 8.99 2.66 9.55
CA THR A 73 9.08 2.26 8.15
C THR A 73 7.81 2.69 7.39
N LEU A 74 8.04 3.28 6.22
CA LEU A 74 6.93 3.73 5.40
C LEU A 74 7.04 3.09 4.01
N GLU A 75 8.08 2.28 3.84
CA GLU A 75 8.31 1.62 2.58
C GLU A 75 8.59 0.12 2.81
N TYR A 76 8.14 -0.68 1.85
CA TYR A 76 8.34 -2.11 1.94
C TYR A 76 8.59 -2.72 0.55
N ARG A 77 9.28 -3.85 0.55
CA ARG A 77 9.60 -4.53 -0.69
C ARG A 77 8.62 -5.70 -0.92
N VAL A 78 7.75 -5.51 -1.90
CA VAL A 78 6.77 -6.54 -2.23
C VAL A 78 7.43 -7.60 -3.11
N THR A 79 7.05 -8.85 -2.85
CA THR A 79 7.60 -9.95 -3.63
C THR A 79 6.60 -11.12 -3.64
N GLY A 80 6.69 -11.91 -4.71
CA GLY A 80 5.81 -13.05 -4.85
C GLY A 80 4.58 -12.70 -5.69
N LEU A 81 4.71 -11.61 -6.43
CA LEU A 81 3.61 -11.15 -7.27
C LEU A 81 3.63 -11.94 -8.59
N THR A 82 3.16 -11.29 -9.64
CA THR A 82 3.11 -11.92 -10.95
C THR A 82 3.63 -10.95 -12.01
N ALA A 83 4.23 -11.53 -13.04
CA ALA A 83 4.77 -10.74 -14.14
C ALA A 83 3.62 -10.11 -14.92
N LEU A 84 3.82 -8.85 -15.30
CA LEU A 84 2.81 -8.12 -16.04
C LEU A 84 1.43 -8.40 -15.45
N THR A 85 1.31 -8.11 -14.16
CA THR A 85 0.06 -8.31 -13.45
C THR A 85 -0.29 -7.09 -12.61
N THR A 86 -1.58 -6.79 -12.57
CA THR A 86 -2.06 -5.65 -11.80
C THR A 86 -2.25 -6.03 -10.33
N TYR A 87 -1.57 -5.29 -9.48
CA TYR A 87 -1.65 -5.54 -8.05
C TYR A 87 -1.94 -4.25 -7.28
N THR A 88 -2.69 -4.40 -6.20
CA THR A 88 -3.05 -3.25 -5.37
C THR A 88 -2.47 -3.41 -3.97
N ILE A 89 -1.46 -2.58 -3.69
CA ILE A 89 -0.81 -2.61 -2.39
C ILE A 89 -1.57 -1.70 -1.42
N GLU A 90 -2.06 -2.31 -0.36
CA GLU A 90 -2.81 -1.57 0.66
C GLU A 90 -1.91 -1.28 1.86
N VAL A 91 -1.71 0.00 2.11
CA VAL A 91 -0.88 0.43 3.22
C VAL A 91 -1.76 1.09 4.28
N ALA A 92 -1.83 0.43 5.44
CA ALA A 92 -2.64 0.93 6.53
C ALA A 92 -1.71 1.39 7.66
N ALA A 93 -2.29 2.14 8.59
CA ALA A 93 -1.53 2.64 9.73
C ALA A 93 -2.12 2.08 11.02
N MET A 94 -1.26 1.96 12.01
CA MET A 94 -1.69 1.43 13.31
C MET A 94 -1.25 2.36 14.44
N THR A 95 -2.14 2.53 15.40
CA THR A 95 -1.86 3.38 16.55
C THR A 95 -1.98 2.59 17.84
N SER A 96 -2.08 3.32 18.94
CA SER A 96 -2.20 2.69 20.25
C SER A 96 -3.61 2.14 20.43
N LYS A 97 -4.44 2.35 19.42
CA LYS A 97 -5.81 1.88 19.45
C LYS A 97 -5.96 0.69 18.50
N GLY A 98 -5.40 0.85 17.31
CA GLY A 98 -5.45 -0.20 16.31
C GLY A 98 -5.14 0.35 14.92
N GLN A 99 -5.58 -0.39 13.91
CA GLN A 99 -5.36 0.01 12.53
C GLN A 99 -6.50 0.90 12.04
N GLY A 100 -6.16 1.85 11.19
CA GLY A 100 -7.15 2.76 10.65
C GLY A 100 -7.26 2.60 9.12
N GLN A 101 -7.67 3.69 8.48
CA GLN A 101 -7.82 3.68 7.03
C GLN A 101 -6.64 2.95 6.37
N VAL A 102 -6.83 2.62 5.11
CA VAL A 102 -5.79 1.92 4.37
C VAL A 102 -5.66 2.56 2.97
N SER A 103 -4.42 2.70 2.54
CA SER A 103 -4.15 3.28 1.23
C SER A 103 -3.81 2.18 0.23
N ALA A 104 -4.76 1.91 -0.65
CA ALA A 104 -4.57 0.88 -1.66
C ALA A 104 -4.34 1.55 -3.02
N SER A 105 -3.18 1.27 -3.60
CA SER A 105 -2.83 1.84 -4.88
C SER A 105 -2.60 0.72 -5.90
N THR A 106 -3.26 0.85 -7.04
CA THR A 106 -3.14 -0.14 -8.10
C THR A 106 -1.80 0.03 -8.84
N ILE A 107 -1.09 -1.07 -8.95
CA ILE A 107 0.20 -1.06 -9.63
C ILE A 107 0.40 -2.39 -10.38
N SER A 108 0.86 -2.26 -11.61
CA SER A 108 1.08 -3.44 -12.43
C SER A 108 2.59 -3.72 -12.53
N SER A 109 2.95 -4.93 -12.13
CA SER A 109 4.35 -5.34 -12.16
C SER A 109 5.01 -4.80 -13.43
N GLY A 110 6.32 -4.57 -13.32
CA GLY A 110 7.08 -4.05 -14.45
C GLY A 110 7.09 -5.06 -15.60
N VAL A 111 8.11 -5.92 -15.59
CA VAL A 111 8.25 -6.93 -16.62
C VAL A 111 9.45 -7.82 -16.29
N PRO A 112 9.28 -9.14 -16.57
CA PRO A 112 10.34 -10.10 -16.31
C PRO A 112 11.45 -9.99 -17.35
N PRO A 113 12.70 -9.84 -16.84
CA PRO A 113 13.86 -9.72 -17.71
C PRO A 113 14.23 -11.07 -18.32
N SER A 114 13.25 -11.70 -18.95
CA SER A 114 13.46 -12.99 -19.57
C SER A 114 14.05 -12.80 -20.97
N GLY A 115 15.34 -13.11 -21.08
CA GLY A 115 16.03 -12.97 -22.35
C GLY A 115 16.61 -11.56 -22.52
N PRO A 116 17.46 -11.42 -23.57
CA PRO A 116 18.07 -10.13 -23.85
C PRO A 116 17.07 -9.16 -24.48
N SER A 117 17.57 -7.98 -24.80
CA SER A 117 16.73 -6.95 -25.41
C SER A 117 15.58 -6.60 -24.46
N SER A 118 15.00 -5.42 -24.70
CA SER A 118 13.90 -4.94 -23.88
C SER A 118 14.26 -5.08 -22.40
N GLY A 119 14.83 -4.02 -21.86
CA GLY A 119 15.21 -4.00 -20.46
C GLY A 119 16.71 -3.75 -20.31
N GLY A 1 1.50 9.56 -9.46
CA GLY A 1 0.14 10.04 -9.30
C GLY A 1 -0.82 8.87 -9.02
N SER A 2 -1.92 9.19 -8.37
CA SER A 2 -2.91 8.20 -8.03
C SER A 2 -4.25 8.86 -7.70
N SER A 3 -5.32 8.15 -8.01
CA SER A 3 -6.66 8.68 -7.76
C SER A 3 -7.65 7.52 -7.62
N GLY A 4 -8.47 7.61 -6.59
CA GLY A 4 -9.47 6.58 -6.33
C GLY A 4 -10.79 6.92 -7.00
N SER A 5 -11.84 6.24 -6.55
CA SER A 5 -13.18 6.47 -7.10
C SER A 5 -14.24 6.10 -6.06
N SER A 6 -15.19 7.01 -5.91
CA SER A 6 -16.26 6.80 -4.96
C SER A 6 -17.57 6.52 -5.69
N GLY A 7 -18.42 5.73 -5.05
CA GLY A 7 -19.70 5.37 -5.63
C GLY A 7 -20.82 6.23 -5.06
N PRO A 8 -22.07 5.93 -5.50
CA PRO A 8 -23.24 6.66 -5.03
C PRO A 8 -23.60 6.25 -3.60
N GLN A 9 -22.74 6.65 -2.67
CA GLN A 9 -22.96 6.34 -1.27
C GLN A 9 -22.24 7.34 -0.38
N LEU A 10 -22.98 7.89 0.58
CA LEU A 10 -22.43 8.87 1.49
C LEU A 10 -22.66 8.40 2.93
N VAL A 11 -21.64 8.63 3.76
CA VAL A 11 -21.73 8.24 5.15
C VAL A 11 -20.63 8.96 5.95
N ARG A 12 -20.85 9.05 7.25
CA ARG A 12 -19.90 9.71 8.12
C ARG A 12 -20.06 9.21 9.56
N THR A 13 -18.96 9.26 10.30
CA THR A 13 -18.97 8.82 11.68
C THR A 13 -17.70 9.30 12.40
N HIS A 14 -17.55 8.83 13.63
CA HIS A 14 -16.39 9.20 14.43
C HIS A 14 -15.51 7.97 14.65
N GLU A 15 -14.23 8.15 14.40
CA GLU A 15 -13.27 7.06 14.57
C GLU A 15 -12.07 7.53 15.39
N ASP A 16 -11.34 6.57 15.93
CA ASP A 16 -10.18 6.87 16.73
C ASP A 16 -8.91 6.64 15.90
N VAL A 17 -8.78 5.42 15.40
CA VAL A 17 -7.63 5.06 14.59
C VAL A 17 -7.33 6.19 13.60
N PRO A 18 -6.11 6.12 13.00
CA PRO A 18 -5.70 7.13 12.04
C PRO A 18 -6.40 6.94 10.70
N GLY A 19 -6.11 7.84 9.77
CA GLY A 19 -6.72 7.78 8.45
C GLY A 19 -5.78 7.09 7.46
N PRO A 20 -5.92 7.50 6.16
CA PRO A 20 -5.10 6.93 5.10
C PRO A 20 -3.68 7.49 5.16
N VAL A 21 -2.72 6.58 5.14
CA VAL A 21 -1.32 6.96 5.19
C VAL A 21 -1.04 7.95 4.06
N GLY A 22 0.24 8.25 3.89
CA GLY A 22 0.67 9.18 2.85
C GLY A 22 0.22 8.70 1.47
N HIS A 23 0.92 9.18 0.45
CA HIS A 23 0.60 8.80 -0.92
C HIS A 23 1.43 7.59 -1.32
N LEU A 24 0.73 6.51 -1.62
CA LEU A 24 1.39 5.27 -2.03
C LEU A 24 2.42 5.59 -3.11
N SER A 25 3.53 4.85 -3.07
CA SER A 25 4.59 5.04 -4.03
C SER A 25 5.21 3.69 -4.41
N PHE A 26 5.77 3.64 -5.60
CA PHE A 26 6.40 2.42 -6.09
C PHE A 26 7.69 2.72 -6.84
N SER A 27 8.67 1.86 -6.63
CA SER A 27 9.97 2.03 -7.28
C SER A 27 10.64 0.66 -7.46
N GLU A 28 11.62 0.63 -8.34
CA GLU A 28 12.35 -0.59 -8.62
C GLU A 28 11.38 -1.76 -8.83
N ILE A 29 10.45 -1.54 -9.75
CA ILE A 29 9.46 -2.56 -10.06
C ILE A 29 10.04 -3.53 -11.08
N LEU A 30 9.80 -4.82 -10.83
CA LEU A 30 10.30 -5.85 -11.73
C LEU A 30 9.11 -6.54 -12.40
N ASP A 31 9.06 -7.86 -12.23
CA ASP A 31 7.98 -8.64 -12.82
C ASP A 31 7.10 -9.20 -11.70
N THR A 32 7.72 -9.44 -10.55
CA THR A 32 7.01 -9.97 -9.40
C THR A 32 7.57 -9.39 -8.12
N SER A 33 8.25 -8.27 -8.26
CA SER A 33 8.85 -7.59 -7.11
C SER A 33 8.84 -6.08 -7.32
N LEU A 34 8.46 -5.37 -6.27
CA LEU A 34 8.40 -3.92 -6.33
C LEU A 34 8.46 -3.35 -4.90
N LYS A 35 9.06 -2.17 -4.80
CA LYS A 35 9.18 -1.52 -3.51
C LYS A 35 7.98 -0.60 -3.29
N VAL A 36 7.48 -0.61 -2.07
CA VAL A 36 6.33 0.21 -1.72
C VAL A 36 6.76 1.26 -0.69
N SER A 37 6.26 2.47 -0.87
CA SER A 37 6.58 3.56 0.04
C SER A 37 5.32 4.39 0.32
N TRP A 38 5.30 4.97 1.52
CA TRP A 38 4.17 5.79 1.92
C TRP A 38 4.66 6.81 2.94
N GLN A 39 3.73 7.63 3.42
CA GLN A 39 4.07 8.65 4.40
C GLN A 39 3.12 8.57 5.59
N GLU A 40 3.33 9.48 6.54
CA GLU A 40 2.50 9.52 7.72
C GLU A 40 1.16 10.18 7.42
N PRO A 41 0.08 9.61 8.02
CA PRO A 41 -1.26 10.15 7.82
C PRO A 41 -1.46 11.44 8.61
N GLY A 42 -2.36 12.27 8.08
CA GLY A 42 -2.66 13.54 8.73
C GLY A 42 -3.53 13.33 9.97
N GLU A 43 -4.37 12.31 9.91
CA GLU A 43 -5.25 12.00 11.01
C GLU A 43 -4.55 11.07 12.01
N LYS A 44 -3.29 11.39 12.27
CA LYS A 44 -2.50 10.61 13.21
C LYS A 44 -3.38 10.21 14.40
N ASN A 45 -4.29 11.10 14.75
CA ASN A 45 -5.19 10.84 15.85
C ASN A 45 -4.41 10.23 17.01
N GLY A 46 -3.12 10.56 17.06
CA GLY A 46 -2.26 10.04 18.10
C GLY A 46 -0.88 9.69 17.55
N ILE A 47 -0.42 8.50 17.90
CA ILE A 47 0.87 8.03 17.45
C ILE A 47 0.73 6.63 16.84
N LEU A 48 1.45 6.42 15.75
CA LEU A 48 1.40 5.13 15.06
C LEU A 48 2.45 4.20 15.68
N THR A 49 2.06 2.94 15.81
CA THR A 49 2.95 1.94 16.38
C THR A 49 3.41 0.97 15.30
N GLY A 50 2.96 1.22 14.08
CA GLY A 50 3.31 0.38 12.96
C GLY A 50 2.41 0.65 11.75
N TYR A 51 2.68 -0.06 10.67
CA TYR A 51 1.90 0.09 9.46
C TYR A 51 1.62 -1.27 8.81
N ARG A 52 0.34 -1.52 8.55
CA ARG A 52 -0.07 -2.77 7.94
C ARG A 52 -0.10 -2.63 6.42
N ILE A 53 0.62 -3.52 5.75
CA ILE A 53 0.69 -3.50 4.30
C ILE A 53 0.08 -4.80 3.76
N SER A 54 -0.54 -4.68 2.60
CA SER A 54 -1.17 -5.82 1.96
C SER A 54 -1.20 -5.62 0.44
N TRP A 55 -0.47 -6.48 -0.25
CA TRP A 55 -0.41 -6.41 -1.71
C TRP A 55 -1.28 -7.55 -2.27
N GLU A 56 -2.34 -7.14 -2.97
CA GLU A 56 -3.25 -8.10 -3.56
C GLU A 56 -3.54 -7.73 -5.01
N GLU A 57 -3.66 -8.76 -5.84
CA GLU A 57 -3.94 -8.55 -7.25
C GLU A 57 -5.05 -7.51 -7.43
N TYR A 58 -5.23 -7.10 -8.68
CA TYR A 58 -6.25 -6.11 -9.00
C TYR A 58 -7.58 -6.46 -8.32
N ASN A 59 -8.12 -7.60 -8.69
CA ASN A 59 -9.39 -8.06 -8.13
C ASN A 59 -9.24 -9.50 -7.66
N ARG A 60 -8.32 -9.69 -6.72
CA ARG A 60 -8.07 -11.02 -6.17
C ARG A 60 -7.41 -10.90 -4.80
N THR A 61 -8.23 -11.06 -3.77
CA THR A 61 -7.75 -10.98 -2.41
C THR A 61 -7.04 -12.28 -2.01
N ASN A 62 -7.31 -13.31 -2.79
CA ASN A 62 -6.71 -14.61 -2.54
C ASN A 62 -5.19 -14.48 -2.55
N THR A 63 -4.72 -13.45 -3.24
CA THR A 63 -3.29 -13.20 -3.34
C THR A 63 -2.90 -12.02 -2.44
N ARG A 64 -3.67 -11.84 -1.38
CA ARG A 64 -3.41 -10.77 -0.44
C ARG A 64 -2.53 -11.26 0.71
N VAL A 65 -1.58 -10.43 1.09
CA VAL A 65 -0.67 -10.77 2.17
C VAL A 65 -0.85 -9.76 3.32
N THR A 66 -0.49 -10.20 4.51
CA THR A 66 -0.60 -9.35 5.68
C THR A 66 0.75 -9.24 6.39
N HIS A 67 1.38 -8.09 6.22
CA HIS A 67 2.67 -7.84 6.84
C HIS A 67 2.54 -6.75 7.91
N TYR A 68 3.55 -6.66 8.75
CA TYR A 68 3.57 -5.67 9.81
C TYR A 68 4.91 -4.95 9.87
N LEU A 69 4.82 -3.63 10.02
CA LEU A 69 6.01 -2.80 10.09
C LEU A 69 5.90 -1.85 11.28
N PRO A 70 7.08 -1.33 11.71
CA PRO A 70 7.12 -0.41 12.84
C PRO A 70 6.63 0.98 12.43
N ASN A 71 6.53 1.85 13.42
CA ASN A 71 6.08 3.21 13.17
C ASN A 71 7.26 4.08 12.74
N VAL A 72 8.30 3.40 12.27
CA VAL A 72 9.50 4.09 11.82
C VAL A 72 9.69 3.86 10.33
N THR A 73 9.08 2.79 9.85
CA THR A 73 9.17 2.44 8.44
C THR A 73 7.87 2.79 7.72
N LEU A 74 8.02 3.21 6.48
CA LEU A 74 6.87 3.58 5.67
C LEU A 74 7.04 3.01 4.25
N GLU A 75 8.01 2.13 4.12
CA GLU A 75 8.29 1.51 2.83
C GLU A 75 8.69 0.04 3.03
N TYR A 76 8.39 -0.76 2.01
CA TYR A 76 8.71 -2.17 2.06
C TYR A 76 8.78 -2.77 0.65
N ARG A 77 9.56 -3.84 0.52
CA ARG A 77 9.72 -4.49 -0.76
C ARG A 77 8.77 -5.70 -0.85
N VAL A 78 8.02 -5.73 -1.94
CA VAL A 78 7.07 -6.81 -2.17
C VAL A 78 7.68 -7.82 -3.13
N THR A 79 7.32 -9.08 -2.92
CA THR A 79 7.82 -10.15 -3.77
C THR A 79 6.84 -11.31 -3.79
N GLY A 80 6.91 -12.09 -4.86
CA GLY A 80 6.03 -13.24 -5.02
C GLY A 80 4.73 -12.85 -5.71
N LEU A 81 4.85 -11.91 -6.64
CA LEU A 81 3.70 -11.44 -7.38
C LEU A 81 3.60 -12.19 -8.72
N THR A 82 3.21 -11.46 -9.74
CA THR A 82 3.08 -12.03 -11.07
C THR A 82 3.60 -11.05 -12.13
N ALA A 83 4.10 -11.62 -13.22
CA ALA A 83 4.64 -10.81 -14.30
C ALA A 83 3.48 -10.19 -15.07
N LEU A 84 3.68 -8.94 -15.48
CA LEU A 84 2.66 -8.22 -16.23
C LEU A 84 1.29 -8.49 -15.61
N THR A 85 1.18 -8.17 -14.33
CA THR A 85 -0.07 -8.38 -13.61
C THR A 85 -0.38 -7.18 -12.72
N THR A 86 -1.65 -6.81 -12.69
CA THR A 86 -2.10 -5.69 -11.89
C THR A 86 -2.22 -6.10 -10.43
N TYR A 87 -1.67 -5.25 -9.56
CA TYR A 87 -1.71 -5.51 -8.13
C TYR A 87 -2.08 -4.24 -7.35
N THR A 88 -2.60 -4.45 -6.15
CA THR A 88 -3.00 -3.34 -5.30
C THR A 88 -2.34 -3.46 -3.94
N ILE A 89 -1.51 -2.47 -3.62
CA ILE A 89 -0.82 -2.45 -2.34
C ILE A 89 -1.59 -1.57 -1.36
N GLU A 90 -2.10 -2.21 -0.32
CA GLU A 90 -2.86 -1.50 0.70
C GLU A 90 -1.98 -1.22 1.91
N VAL A 91 -1.74 0.07 2.15
CA VAL A 91 -0.93 0.48 3.28
C VAL A 91 -1.81 1.17 4.32
N ALA A 92 -1.83 0.58 5.50
CA ALA A 92 -2.62 1.11 6.60
C ALA A 92 -1.71 1.42 7.79
N ALA A 93 -2.17 2.34 8.62
CA ALA A 93 -1.41 2.75 9.79
C ALA A 93 -1.86 1.91 10.99
N MET A 94 -1.07 1.99 12.06
CA MET A 94 -1.38 1.24 13.26
C MET A 94 -1.11 2.10 14.51
N THR A 95 -2.10 2.14 15.39
CA THR A 95 -1.98 2.91 16.62
C THR A 95 -2.18 2.00 17.83
N SER A 96 -2.40 2.64 18.97
CA SER A 96 -2.61 1.90 20.21
C SER A 96 -3.94 1.15 20.16
N LYS A 97 -4.96 1.85 19.69
CA LYS A 97 -6.28 1.27 19.59
C LYS A 97 -6.25 0.12 18.57
N GLY A 98 -5.77 0.44 17.39
CA GLY A 98 -5.67 -0.55 16.32
C GLY A 98 -5.26 0.11 15.01
N GLN A 99 -5.63 -0.55 13.91
CA GLN A 99 -5.31 -0.04 12.59
C GLN A 99 -6.41 0.88 12.09
N GLY A 100 -6.00 1.89 11.34
CA GLY A 100 -6.95 2.85 10.80
C GLY A 100 -7.19 2.61 9.30
N GLN A 101 -7.53 3.67 8.61
CA GLN A 101 -7.80 3.59 7.18
C GLN A 101 -6.66 2.86 6.47
N VAL A 102 -6.81 2.72 5.16
CA VAL A 102 -5.79 2.05 4.36
C VAL A 102 -5.70 2.73 2.99
N SER A 103 -4.49 2.72 2.44
CA SER A 103 -4.26 3.32 1.14
C SER A 103 -3.84 2.25 0.14
N ALA A 104 -4.79 1.87 -0.72
CA ALA A 104 -4.53 0.86 -1.73
C ALA A 104 -4.08 1.55 -3.01
N SER A 105 -2.93 1.11 -3.51
CA SER A 105 -2.37 1.68 -4.73
C SER A 105 -2.31 0.60 -5.82
N THR A 106 -2.93 0.90 -6.95
CA THR A 106 -2.95 -0.03 -8.06
C THR A 106 -1.66 0.08 -8.88
N ILE A 107 -1.00 -1.05 -9.04
CA ILE A 107 0.24 -1.10 -9.79
C ILE A 107 0.38 -2.46 -10.45
N SER A 108 0.86 -2.44 -11.70
CA SER A 108 1.05 -3.66 -12.45
C SER A 108 2.54 -3.93 -12.64
N SER A 109 2.94 -5.13 -12.23
CA SER A 109 4.33 -5.53 -12.35
C SER A 109 4.93 -4.98 -13.65
N GLY A 110 6.21 -4.62 -13.58
CA GLY A 110 6.90 -4.10 -14.74
C GLY A 110 6.94 -5.12 -15.87
N VAL A 111 7.95 -5.97 -15.82
CA VAL A 111 8.12 -7.01 -16.83
C VAL A 111 9.32 -7.88 -16.47
N PRO A 112 9.17 -9.20 -16.74
CA PRO A 112 10.24 -10.15 -16.46
C PRO A 112 11.37 -10.04 -17.48
N PRO A 113 12.60 -9.85 -16.96
CA PRO A 113 13.77 -9.72 -17.81
C PRO A 113 14.18 -11.08 -18.38
N SER A 114 13.20 -11.75 -18.99
CA SER A 114 13.44 -13.05 -19.58
C SER A 114 13.86 -12.90 -21.05
N GLY A 115 15.17 -12.88 -21.26
CA GLY A 115 15.70 -12.74 -22.60
C GLY A 115 16.26 -11.33 -22.82
N PRO A 116 17.62 -11.25 -22.83
CA PRO A 116 18.29 -9.97 -23.03
C PRO A 116 18.21 -9.53 -24.49
N SER A 117 17.42 -8.50 -24.74
CA SER A 117 17.26 -7.99 -26.09
C SER A 117 16.58 -6.61 -26.04
N SER A 118 16.94 -5.78 -27.00
CA SER A 118 16.39 -4.44 -27.09
C SER A 118 14.90 -4.50 -27.46
N GLY A 119 14.15 -3.55 -26.95
CA GLY A 119 12.73 -3.48 -27.22
C GLY A 119 12.06 -2.35 -26.44
N GLY A 1 -2.81 8.77 -4.98
CA GLY A 1 -3.09 7.35 -5.04
C GLY A 1 -3.73 6.97 -6.38
N SER A 2 -2.89 6.46 -7.26
CA SER A 2 -3.36 6.05 -8.58
C SER A 2 -4.03 7.23 -9.29
N SER A 3 -4.21 7.07 -10.59
CA SER A 3 -4.83 8.11 -11.39
C SER A 3 -6.02 7.53 -12.18
N GLY A 4 -7.18 7.55 -11.53
CA GLY A 4 -8.39 7.03 -12.17
C GLY A 4 -9.64 7.59 -11.48
N SER A 5 -10.78 7.03 -11.87
CA SER A 5 -12.05 7.46 -11.31
C SER A 5 -12.49 6.48 -10.22
N SER A 6 -13.24 7.01 -9.27
CA SER A 6 -13.73 6.21 -8.16
C SER A 6 -14.66 7.05 -7.28
N GLY A 7 -15.61 6.36 -6.67
CA GLY A 7 -16.56 7.03 -5.79
C GLY A 7 -16.51 6.45 -4.37
N PRO A 8 -15.55 6.96 -3.57
CA PRO A 8 -15.39 6.51 -2.20
C PRO A 8 -16.48 7.06 -1.30
N GLN A 9 -16.43 6.67 -0.03
CA GLN A 9 -17.40 7.12 0.93
C GLN A 9 -17.18 8.60 1.28
N LEU A 10 -18.10 9.14 2.07
CA LEU A 10 -18.00 10.53 2.47
C LEU A 10 -19.17 10.86 3.42
N VAL A 11 -19.10 12.03 4.00
CA VAL A 11 -20.13 12.48 4.93
C VAL A 11 -20.14 11.57 6.14
N ARG A 12 -20.06 12.19 7.31
CA ARG A 12 -20.06 11.44 8.56
C ARG A 12 -18.84 10.52 8.62
N THR A 13 -17.97 10.81 9.58
CA THR A 13 -16.77 10.01 9.76
C THR A 13 -15.95 10.55 10.94
N HIS A 14 -15.46 9.61 11.75
CA HIS A 14 -14.66 9.98 12.90
C HIS A 14 -14.30 8.72 13.70
N GLU A 15 -13.04 8.33 13.57
CA GLU A 15 -12.55 7.14 14.25
C GLU A 15 -11.22 7.44 14.95
N ASP A 16 -11.10 6.93 16.16
CA ASP A 16 -9.89 7.13 16.94
C ASP A 16 -8.67 6.85 16.06
N VAL A 17 -8.63 5.63 15.54
CA VAL A 17 -7.52 5.22 14.68
C VAL A 17 -7.19 6.36 13.71
N PRO A 18 -5.99 6.26 13.08
CA PRO A 18 -5.55 7.26 12.13
C PRO A 18 -6.30 7.12 10.80
N GLY A 19 -5.95 8.01 9.87
CA GLY A 19 -6.58 7.99 8.56
C GLY A 19 -5.69 7.28 7.54
N PRO A 20 -5.85 7.70 6.25
CA PRO A 20 -5.07 7.11 5.18
C PRO A 20 -3.64 7.64 5.19
N VAL A 21 -2.70 6.71 5.13
CA VAL A 21 -1.29 7.07 5.15
C VAL A 21 -1.01 8.04 4.00
N GLY A 22 0.27 8.31 3.80
CA GLY A 22 0.68 9.22 2.75
C GLY A 22 0.19 8.75 1.38
N HIS A 23 0.83 9.25 0.34
CA HIS A 23 0.48 8.88 -1.01
C HIS A 23 1.21 7.61 -1.42
N LEU A 24 0.43 6.58 -1.72
CA LEU A 24 0.99 5.31 -2.12
C LEU A 24 2.05 5.53 -3.21
N SER A 25 3.19 4.88 -3.03
CA SER A 25 4.27 5.00 -3.99
C SER A 25 4.94 3.64 -4.20
N PHE A 26 5.57 3.50 -5.35
CA PHE A 26 6.25 2.26 -5.69
C PHE A 26 7.49 2.53 -6.54
N SER A 27 8.50 1.71 -6.34
CA SER A 27 9.74 1.85 -7.09
C SER A 27 10.44 0.48 -7.22
N GLU A 28 11.48 0.45 -8.01
CA GLU A 28 12.24 -0.77 -8.23
C GLU A 28 11.29 -1.94 -8.49
N ILE A 29 10.38 -1.72 -9.43
CA ILE A 29 9.41 -2.74 -9.80
C ILE A 29 10.01 -3.65 -10.87
N LEU A 30 9.85 -4.95 -10.66
CA LEU A 30 10.37 -5.93 -11.60
C LEU A 30 9.19 -6.63 -12.29
N ASP A 31 9.18 -7.95 -12.16
CA ASP A 31 8.12 -8.75 -12.76
C ASP A 31 7.29 -9.39 -11.66
N THR A 32 7.95 -9.67 -10.54
CA THR A 32 7.28 -10.29 -9.40
C THR A 32 7.83 -9.73 -8.09
N SER A 33 8.51 -8.60 -8.20
CA SER A 33 9.10 -7.97 -7.04
C SER A 33 9.08 -6.44 -7.21
N LEU A 34 8.54 -5.77 -6.21
CA LEU A 34 8.47 -4.32 -6.23
C LEU A 34 8.58 -3.78 -4.80
N LYS A 35 8.76 -2.47 -4.73
CA LYS A 35 8.89 -1.81 -3.43
C LYS A 35 7.72 -0.85 -3.23
N VAL A 36 7.18 -0.86 -2.03
CA VAL A 36 6.06 0.00 -1.70
C VAL A 36 6.51 1.07 -0.71
N SER A 37 6.02 2.28 -0.91
CA SER A 37 6.36 3.39 -0.04
C SER A 37 5.11 4.22 0.29
N TRP A 38 5.20 4.95 1.38
CA TRP A 38 4.09 5.79 1.82
C TRP A 38 4.62 6.79 2.84
N GLN A 39 3.72 7.64 3.31
CA GLN A 39 4.08 8.65 4.29
C GLN A 39 3.16 8.57 5.50
N GLU A 40 3.40 9.46 6.44
CA GLU A 40 2.59 9.50 7.65
C GLU A 40 1.26 10.21 7.38
N PRO A 41 0.18 9.66 8.00
CA PRO A 41 -1.15 10.23 7.84
C PRO A 41 -1.31 11.52 8.64
N GLY A 42 -2.15 12.40 8.13
CA GLY A 42 -2.38 13.68 8.78
C GLY A 42 -3.24 13.49 10.03
N GLU A 43 -4.10 12.48 9.99
CA GLU A 43 -4.97 12.19 11.11
C GLU A 43 -4.28 11.26 12.10
N LYS A 44 -3.00 11.56 12.34
CA LYS A 44 -2.21 10.76 13.27
C LYS A 44 -3.07 10.38 14.47
N ASN A 45 -3.98 11.28 14.82
CA ASN A 45 -4.87 11.05 15.95
C ASN A 45 -4.07 10.42 17.11
N GLY A 46 -2.79 10.74 17.13
CA GLY A 46 -1.91 10.22 18.17
C GLY A 46 -0.54 9.83 17.59
N ILE A 47 -0.12 8.62 17.92
CA ILE A 47 1.15 8.11 17.45
C ILE A 47 0.95 6.71 16.85
N LEU A 48 1.62 6.48 15.73
CA LEU A 48 1.53 5.19 15.06
C LEU A 48 2.56 4.24 15.66
N THR A 49 2.13 2.99 15.82
CA THR A 49 3.00 1.97 16.38
C THR A 49 3.45 1.00 15.30
N GLY A 50 3.01 1.28 14.07
CA GLY A 50 3.36 0.44 12.94
C GLY A 50 2.41 0.68 11.77
N TYR A 51 2.62 -0.09 10.71
CA TYR A 51 1.79 0.03 9.52
C TYR A 51 1.44 -1.36 8.96
N ARG A 52 0.24 -1.45 8.40
CA ARG A 52 -0.22 -2.69 7.83
C ARG A 52 -0.28 -2.59 6.31
N ILE A 53 0.42 -3.52 5.65
CA ILE A 53 0.46 -3.55 4.20
C ILE A 53 -0.14 -4.86 3.70
N SER A 54 -0.80 -4.77 2.56
CA SER A 54 -1.42 -5.94 1.97
C SER A 54 -1.48 -5.80 0.44
N TRP A 55 -1.17 -6.88 -0.24
CA TRP A 55 -1.19 -6.88 -1.70
C TRP A 55 -1.97 -8.11 -2.16
N GLU A 56 -3.07 -7.84 -2.86
CA GLU A 56 -3.92 -8.91 -3.37
C GLU A 56 -4.28 -8.66 -4.83
N GLU A 57 -3.25 -8.66 -5.68
CA GLU A 57 -3.45 -8.43 -7.09
C GLU A 57 -4.52 -7.36 -7.32
N TYR A 58 -5.05 -7.33 -8.53
CA TYR A 58 -6.07 -6.37 -8.88
C TYR A 58 -7.47 -6.93 -8.62
N ASN A 59 -7.62 -8.22 -8.91
CA ASN A 59 -8.89 -8.89 -8.71
C ASN A 59 -8.64 -10.33 -8.24
N ARG A 60 -7.78 -10.45 -7.25
CA ARG A 60 -7.44 -11.76 -6.70
C ARG A 60 -7.07 -11.64 -5.22
N THR A 61 -7.84 -12.31 -4.39
CA THR A 61 -7.60 -12.29 -2.96
C THR A 61 -6.61 -13.38 -2.56
N ASN A 62 -6.54 -14.40 -3.41
CA ASN A 62 -5.64 -15.51 -3.17
C ASN A 62 -4.20 -15.01 -3.10
N THR A 63 -4.01 -13.82 -3.66
CA THR A 63 -2.69 -13.21 -3.69
C THR A 63 -2.55 -12.22 -2.52
N ARG A 64 -3.62 -12.11 -1.75
CA ARG A 64 -3.63 -11.20 -0.61
C ARG A 64 -2.63 -11.68 0.46
N VAL A 65 -2.07 -10.72 1.17
CA VAL A 65 -1.11 -11.03 2.21
C VAL A 65 -1.22 -9.97 3.31
N THR A 66 -0.80 -10.38 4.52
CA THR A 66 -0.85 -9.48 5.66
C THR A 66 0.55 -9.33 6.27
N HIS A 67 1.03 -8.10 6.25
CA HIS A 67 2.35 -7.81 6.79
C HIS A 67 2.24 -6.66 7.79
N TYR A 68 3.24 -6.57 8.67
CA TYR A 68 3.27 -5.53 9.68
C TYR A 68 4.65 -4.86 9.73
N LEU A 69 4.62 -3.54 9.88
CA LEU A 69 5.86 -2.78 9.94
C LEU A 69 5.79 -1.82 11.14
N PRO A 70 6.99 -1.36 11.57
CA PRO A 70 7.09 -0.45 12.70
C PRO A 70 6.65 0.96 12.29
N ASN A 71 6.58 1.82 13.29
CA ASN A 71 6.17 3.20 13.06
C ASN A 71 7.39 4.02 12.61
N VAL A 72 8.40 3.30 12.14
CA VAL A 72 9.62 3.94 11.68
C VAL A 72 9.79 3.67 10.18
N THR A 73 9.08 2.67 9.71
CA THR A 73 9.14 2.31 8.30
C THR A 73 7.84 2.70 7.58
N LEU A 74 7.99 3.18 6.36
CA LEU A 74 6.85 3.59 5.57
C LEU A 74 6.94 2.96 4.18
N GLU A 75 7.93 2.08 4.02
CA GLU A 75 8.14 1.41 2.75
C GLU A 75 8.47 -0.06 2.98
N TYR A 76 8.21 -0.87 1.95
CA TYR A 76 8.48 -2.29 2.03
C TYR A 76 8.59 -2.90 0.63
N ARG A 77 9.41 -3.93 0.53
CA ARG A 77 9.62 -4.61 -0.74
C ARG A 77 8.75 -5.86 -0.81
N VAL A 78 7.95 -5.94 -1.86
CA VAL A 78 7.08 -7.08 -2.06
C VAL A 78 7.70 -8.03 -3.08
N THR A 79 7.34 -9.30 -2.96
CA THR A 79 7.86 -10.32 -3.85
C THR A 79 6.84 -11.46 -4.01
N GLY A 80 6.99 -12.19 -5.11
CA GLY A 80 6.10 -13.31 -5.39
C GLY A 80 4.82 -12.82 -6.07
N LEU A 81 4.98 -11.78 -6.88
CA LEU A 81 3.84 -11.21 -7.59
C LEU A 81 3.74 -11.85 -8.98
N THR A 82 3.14 -11.11 -9.90
CA THR A 82 2.98 -11.60 -11.25
C THR A 82 3.48 -10.55 -12.25
N ALA A 83 4.17 -11.05 -13.27
CA ALA A 83 4.71 -10.17 -14.30
C ALA A 83 3.57 -9.52 -15.07
N LEU A 84 3.78 -8.26 -15.43
CA LEU A 84 2.78 -7.51 -16.17
C LEU A 84 1.40 -7.82 -15.59
N THR A 85 1.26 -7.55 -14.30
CA THR A 85 0.00 -7.79 -13.62
C THR A 85 -0.29 -6.67 -12.61
N THR A 86 -1.54 -6.22 -12.62
CA THR A 86 -1.95 -5.16 -11.72
C THR A 86 -2.17 -5.71 -10.30
N TYR A 87 -1.71 -4.95 -9.33
CA TYR A 87 -1.85 -5.34 -7.94
C TYR A 87 -2.34 -4.17 -7.08
N THR A 88 -3.12 -4.51 -6.06
CA THR A 88 -3.65 -3.51 -5.16
C THR A 88 -2.95 -3.57 -3.80
N ILE A 89 -2.05 -2.64 -3.60
CA ILE A 89 -1.29 -2.57 -2.36
C ILE A 89 -1.99 -1.61 -1.39
N GLU A 90 -2.45 -2.16 -0.29
CA GLU A 90 -3.14 -1.36 0.72
C GLU A 90 -2.22 -1.09 1.90
N VAL A 91 -1.99 0.19 2.15
CA VAL A 91 -1.12 0.59 3.25
C VAL A 91 -1.97 1.28 4.33
N ALA A 92 -1.96 0.66 5.51
CA ALA A 92 -2.73 1.19 6.63
C ALA A 92 -1.76 1.53 7.77
N ALA A 93 -2.26 2.34 8.69
CA ALA A 93 -1.46 2.75 9.85
C ALA A 93 -1.91 1.96 11.08
N MET A 94 -1.12 2.06 12.13
CA MET A 94 -1.42 1.38 13.37
C MET A 94 -1.06 2.24 14.58
N THR A 95 -2.00 2.33 15.51
CA THR A 95 -1.80 3.12 16.71
C THR A 95 -1.92 2.23 17.95
N SER A 96 -2.02 2.89 19.10
CA SER A 96 -2.14 2.18 20.36
C SER A 96 -3.58 1.73 20.57
N LYS A 97 -4.39 1.95 19.56
CA LYS A 97 -5.79 1.57 19.62
C LYS A 97 -6.07 0.48 18.58
N GLY A 98 -5.46 0.64 17.42
CA GLY A 98 -5.62 -0.32 16.35
C GLY A 98 -5.20 0.28 15.00
N GLN A 99 -5.77 -0.28 13.94
CA GLN A 99 -5.46 0.20 12.60
C GLN A 99 -6.56 1.14 12.11
N GLY A 100 -6.15 2.14 11.35
CA GLY A 100 -7.08 3.11 10.81
C GLY A 100 -7.32 2.87 9.31
N GLN A 101 -7.65 3.95 8.61
CA GLN A 101 -7.91 3.87 7.19
C GLN A 101 -6.77 3.14 6.48
N VAL A 102 -6.90 3.03 5.17
CA VAL A 102 -5.89 2.35 4.37
C VAL A 102 -5.81 3.01 2.99
N SER A 103 -4.65 2.88 2.37
CA SER A 103 -4.44 3.45 1.06
C SER A 103 -4.11 2.34 0.05
N ALA A 104 -5.11 1.98 -0.73
CA ALA A 104 -4.95 0.95 -1.73
C ALA A 104 -4.64 1.60 -3.09
N SER A 105 -3.46 1.30 -3.59
CA SER A 105 -3.03 1.84 -4.88
C SER A 105 -2.72 0.70 -5.86
N THR A 106 -3.30 0.81 -7.03
CA THR A 106 -3.10 -0.20 -8.06
C THR A 106 -1.73 -0.03 -8.72
N ILE A 107 -0.97 -1.12 -8.74
CA ILE A 107 0.36 -1.08 -9.33
C ILE A 107 0.54 -2.34 -10.20
N SER A 108 1.03 -2.11 -11.41
CA SER A 108 1.26 -3.20 -12.33
C SER A 108 2.76 -3.50 -12.43
N SER A 109 3.12 -4.72 -12.05
CA SER A 109 4.51 -5.14 -12.09
C SER A 109 5.20 -4.54 -13.31
N GLY A 110 6.51 -4.34 -13.18
CA GLY A 110 7.30 -3.79 -14.26
C GLY A 110 7.27 -4.70 -15.49
N VAL A 111 8.26 -5.57 -15.58
CA VAL A 111 8.36 -6.50 -16.69
C VAL A 111 9.52 -7.47 -16.43
N PRO A 112 9.29 -8.74 -16.84
CA PRO A 112 10.30 -9.78 -16.67
C PRO A 112 11.43 -9.61 -17.69
N PRO A 113 12.67 -9.56 -17.15
CA PRO A 113 13.85 -9.40 -17.99
C PRO A 113 14.18 -10.71 -18.71
N SER A 114 15.08 -10.61 -19.68
CA SER A 114 15.50 -11.77 -20.45
C SER A 114 16.77 -11.45 -21.24
N GLY A 115 16.64 -10.49 -22.12
CA GLY A 115 17.78 -10.08 -22.95
C GLY A 115 17.91 -8.56 -22.99
N PRO A 116 19.15 -8.10 -23.26
CA PRO A 116 19.43 -6.67 -23.34
C PRO A 116 18.87 -6.06 -24.63
N SER A 117 18.82 -4.74 -24.65
CA SER A 117 18.31 -4.04 -25.81
C SER A 117 17.01 -4.69 -26.29
N SER A 118 15.90 -4.14 -25.84
CA SER A 118 14.59 -4.65 -26.22
C SER A 118 13.77 -3.55 -26.88
N GLY A 119 14.01 -3.37 -28.17
CA GLY A 119 13.30 -2.36 -28.93
C GLY A 119 14.18 -1.77 -30.04
N GLY A 1 -13.98 9.59 -24.77
CA GLY A 1 -14.93 9.35 -23.71
C GLY A 1 -14.91 7.89 -23.25
N SER A 2 -15.25 7.70 -21.99
CA SER A 2 -15.27 6.37 -21.42
C SER A 2 -16.71 5.97 -21.06
N SER A 3 -16.91 4.66 -20.94
CA SER A 3 -18.22 4.14 -20.60
C SER A 3 -18.64 4.63 -19.21
N GLY A 4 -17.81 4.30 -18.24
CA GLY A 4 -18.09 4.70 -16.86
C GLY A 4 -18.36 3.48 -15.98
N SER A 5 -18.84 3.75 -14.78
CA SER A 5 -19.14 2.68 -13.83
C SER A 5 -19.97 3.24 -12.66
N SER A 6 -20.61 2.33 -11.95
CA SER A 6 -21.42 2.71 -10.81
C SER A 6 -20.63 2.51 -9.51
N GLY A 7 -20.95 3.35 -8.53
CA GLY A 7 -20.29 3.26 -7.24
C GLY A 7 -21.17 3.86 -6.13
N PRO A 8 -21.01 3.30 -4.91
CA PRO A 8 -21.77 3.76 -3.77
C PRO A 8 -21.23 5.09 -3.25
N GLN A 9 -21.87 5.60 -2.20
CA GLN A 9 -21.47 6.85 -1.61
C GLN A 9 -21.69 6.84 -0.10
N LEU A 10 -20.83 7.54 0.62
CA LEU A 10 -20.94 7.60 2.06
C LEU A 10 -20.58 9.02 2.53
N VAL A 11 -20.83 9.27 3.80
CA VAL A 11 -20.55 10.57 4.39
C VAL A 11 -20.80 10.52 5.89
N ARG A 12 -20.11 11.39 6.61
CA ARG A 12 -20.25 11.45 8.05
C ARG A 12 -19.57 10.24 8.71
N THR A 13 -18.57 10.53 9.52
CA THR A 13 -17.84 9.48 10.22
C THR A 13 -16.83 10.09 11.19
N HIS A 14 -16.32 9.24 12.07
CA HIS A 14 -15.34 9.68 13.06
C HIS A 14 -14.77 8.47 13.79
N GLU A 15 -13.46 8.30 13.67
CA GLU A 15 -12.79 7.19 14.31
C GLU A 15 -11.51 7.67 15.00
N ASP A 16 -11.10 6.93 16.02
CA ASP A 16 -9.89 7.26 16.76
C ASP A 16 -8.67 6.98 15.87
N VAL A 17 -8.57 5.74 15.44
CA VAL A 17 -7.46 5.32 14.60
C VAL A 17 -7.19 6.41 13.55
N PRO A 18 -5.99 6.32 12.92
CA PRO A 18 -5.59 7.28 11.90
C PRO A 18 -6.34 7.02 10.59
N GLY A 19 -6.04 7.86 9.61
CA GLY A 19 -6.67 7.73 8.31
C GLY A 19 -5.73 7.06 7.30
N PRO A 20 -5.88 7.47 6.02
CA PRO A 20 -5.06 6.91 4.96
C PRO A 20 -3.63 7.48 5.01
N VAL A 21 -2.67 6.58 5.04
CA VAL A 21 -1.27 6.97 5.09
C VAL A 21 -0.98 7.94 3.95
N GLY A 22 0.30 8.26 3.79
CA GLY A 22 0.72 9.17 2.75
C GLY A 22 0.27 8.67 1.38
N HIS A 23 0.91 9.21 0.34
CA HIS A 23 0.59 8.83 -1.03
C HIS A 23 1.36 7.57 -1.40
N LEU A 24 0.62 6.55 -1.81
CA LEU A 24 1.22 5.30 -2.20
C LEU A 24 2.21 5.53 -3.33
N SER A 25 3.36 4.87 -3.24
CA SER A 25 4.39 5.01 -4.24
C SER A 25 5.06 3.65 -4.48
N PHE A 26 5.55 3.48 -5.70
CA PHE A 26 6.22 2.25 -6.07
C PHE A 26 7.47 2.53 -6.91
N SER A 27 8.51 1.75 -6.65
CA SER A 27 9.76 1.90 -7.37
C SER A 27 10.45 0.55 -7.53
N GLU A 28 11.53 0.55 -8.28
CA GLU A 28 12.28 -0.67 -8.52
C GLU A 28 11.33 -1.84 -8.79
N ILE A 29 10.40 -1.61 -9.70
CA ILE A 29 9.42 -2.62 -10.05
C ILE A 29 10.02 -3.57 -11.10
N LEU A 30 9.81 -4.85 -10.89
CA LEU A 30 10.32 -5.85 -11.81
C LEU A 30 9.15 -6.60 -12.46
N ASP A 31 9.17 -7.92 -12.31
CA ASP A 31 8.12 -8.75 -12.87
C ASP A 31 7.22 -9.26 -11.75
N THR A 32 7.84 -9.45 -10.59
CA THR A 32 7.11 -9.94 -9.43
C THR A 32 7.74 -9.40 -8.14
N SER A 33 8.37 -8.24 -8.27
CA SER A 33 9.00 -7.60 -7.14
C SER A 33 8.98 -6.08 -7.31
N LEU A 34 8.49 -5.40 -6.28
CA LEU A 34 8.40 -3.96 -6.31
C LEU A 34 8.45 -3.42 -4.87
N LYS A 35 9.01 -2.23 -4.74
CA LYS A 35 9.13 -1.60 -3.44
C LYS A 35 7.92 -0.67 -3.22
N VAL A 36 7.41 -0.72 -1.99
CA VAL A 36 6.27 0.10 -1.63
C VAL A 36 6.70 1.14 -0.60
N SER A 37 6.28 2.38 -0.84
CA SER A 37 6.62 3.47 0.06
C SER A 37 5.38 4.33 0.33
N TRP A 38 5.33 4.89 1.52
CA TRP A 38 4.20 5.72 1.91
C TRP A 38 4.71 6.74 2.93
N GLN A 39 3.81 7.62 3.35
CA GLN A 39 4.15 8.65 4.31
C GLN A 39 3.22 8.57 5.52
N GLU A 40 3.43 9.49 6.46
CA GLU A 40 2.62 9.53 7.66
C GLU A 40 1.26 10.18 7.37
N PRO A 41 0.20 9.60 7.99
CA PRO A 41 -1.14 10.11 7.80
C PRO A 41 -1.35 11.42 8.58
N GLY A 42 -2.22 12.25 8.05
CA GLY A 42 -2.51 13.53 8.68
C GLY A 42 -3.30 13.33 9.98
N GLU A 43 -4.16 12.31 9.97
CA GLU A 43 -4.97 12.01 11.13
C GLU A 43 -4.21 11.07 12.07
N LYS A 44 -2.96 11.43 12.34
CA LYS A 44 -2.12 10.63 13.22
C LYS A 44 -2.96 10.12 14.39
N ASN A 45 -3.91 10.96 14.81
CA ASN A 45 -4.79 10.60 15.91
C ASN A 45 -3.96 9.92 17.00
N GLY A 46 -2.69 10.28 17.06
CA GLY A 46 -1.79 9.72 18.05
C GLY A 46 -0.42 9.39 17.43
N ILE A 47 0.27 8.46 18.06
CA ILE A 47 1.58 8.06 17.60
C ILE A 47 1.52 6.62 17.07
N LEU A 48 1.38 6.50 15.76
CA LEU A 48 1.30 5.20 15.13
C LEU A 48 2.30 4.25 15.80
N THR A 49 1.85 3.02 16.00
CA THR A 49 2.69 2.02 16.62
C THR A 49 3.15 0.99 15.59
N GLY A 50 2.74 1.21 14.35
CA GLY A 50 3.11 0.32 13.27
C GLY A 50 2.26 0.60 12.03
N TYR A 51 2.58 -0.13 10.97
CA TYR A 51 1.87 0.03 9.71
C TYR A 51 1.58 -1.33 9.07
N ARG A 52 0.33 -1.51 8.68
CA ARG A 52 -0.08 -2.76 8.05
C ARG A 52 -0.11 -2.61 6.53
N ILE A 53 0.59 -3.51 5.86
CA ILE A 53 0.65 -3.49 4.41
C ILE A 53 0.11 -4.80 3.87
N SER A 54 -0.52 -4.70 2.70
CA SER A 54 -1.09 -5.89 2.06
C SER A 54 -1.14 -5.67 0.54
N TRP A 55 -0.46 -6.56 -0.17
CA TRP A 55 -0.42 -6.48 -1.61
C TRP A 55 -1.30 -7.61 -2.17
N GLU A 56 -2.31 -7.20 -2.94
CA GLU A 56 -3.23 -8.15 -3.53
C GLU A 56 -3.53 -7.77 -4.98
N GLU A 57 -3.61 -8.78 -5.83
CA GLU A 57 -3.89 -8.56 -7.23
C GLU A 57 -5.07 -7.59 -7.39
N TYR A 58 -5.31 -7.21 -8.64
CA TYR A 58 -6.40 -6.30 -8.94
C TYR A 58 -7.71 -6.76 -8.28
N ASN A 59 -8.14 -7.95 -8.68
CA ASN A 59 -9.37 -8.51 -8.15
C ASN A 59 -9.10 -9.93 -7.66
N ARG A 60 -8.25 -10.03 -6.65
CA ARG A 60 -7.90 -11.31 -6.08
C ARG A 60 -7.41 -11.15 -4.65
N THR A 61 -8.15 -11.75 -3.73
CA THR A 61 -7.81 -11.68 -2.32
C THR A 61 -6.87 -12.82 -1.94
N ASN A 62 -7.09 -13.97 -2.56
CA ASN A 62 -6.27 -15.13 -2.31
C ASN A 62 -4.79 -14.74 -2.35
N THR A 63 -4.49 -13.84 -3.27
CA THR A 63 -3.13 -13.37 -3.43
C THR A 63 -2.87 -12.16 -2.52
N ARG A 64 -3.47 -12.19 -1.35
CA ARG A 64 -3.32 -11.12 -0.39
C ARG A 64 -2.35 -11.53 0.73
N VAL A 65 -1.52 -10.58 1.12
CA VAL A 65 -0.54 -10.83 2.17
C VAL A 65 -0.80 -9.87 3.34
N THR A 66 -0.27 -10.26 4.49
CA THR A 66 -0.44 -9.45 5.70
C THR A 66 0.90 -9.25 6.39
N HIS A 67 1.51 -8.10 6.14
CA HIS A 67 2.79 -7.78 6.74
C HIS A 67 2.59 -6.76 7.85
N TYR A 68 3.55 -6.73 8.77
CA TYR A 68 3.50 -5.80 9.89
C TYR A 68 4.83 -5.08 10.06
N LEU A 69 4.76 -3.75 9.98
CA LEU A 69 5.95 -2.93 10.14
C LEU A 69 5.77 -1.98 11.32
N PRO A 70 6.91 -1.45 11.82
CA PRO A 70 6.89 -0.53 12.94
C PRO A 70 6.39 0.85 12.51
N ASN A 71 6.27 1.74 13.49
CA ASN A 71 5.82 3.08 13.22
C ASN A 71 7.00 3.95 12.81
N VAL A 72 8.06 3.29 12.40
CA VAL A 72 9.27 3.98 11.97
C VAL A 72 9.49 3.75 10.48
N THR A 73 8.91 2.66 9.99
CA THR A 73 9.03 2.32 8.58
C THR A 73 7.76 2.70 7.83
N LEU A 74 7.96 3.15 6.59
CA LEU A 74 6.84 3.55 5.75
C LEU A 74 7.03 2.99 4.34
N GLU A 75 8.02 2.10 4.23
CA GLU A 75 8.31 1.49 2.95
C GLU A 75 8.70 0.02 3.14
N TYR A 76 8.40 -0.78 2.12
CA TYR A 76 8.70 -2.20 2.16
C TYR A 76 8.79 -2.79 0.76
N ARG A 77 9.57 -3.85 0.64
CA ARG A 77 9.76 -4.51 -0.63
C ARG A 77 8.79 -5.69 -0.77
N VAL A 78 8.04 -5.68 -1.86
CA VAL A 78 7.08 -6.75 -2.11
C VAL A 78 7.69 -7.75 -3.09
N THR A 79 7.27 -9.01 -2.93
CA THR A 79 7.77 -10.07 -3.80
C THR A 79 6.78 -11.24 -3.82
N GLY A 80 6.73 -11.90 -4.96
CA GLY A 80 5.83 -13.03 -5.13
C GLY A 80 4.59 -12.65 -5.94
N LEU A 81 4.73 -11.56 -6.66
CA LEU A 81 3.63 -11.06 -7.48
C LEU A 81 3.60 -11.82 -8.81
N THR A 82 3.25 -11.10 -9.86
CA THR A 82 3.18 -11.69 -11.18
C THR A 82 3.69 -10.71 -12.24
N ALA A 83 4.22 -11.26 -13.32
CA ALA A 83 4.74 -10.45 -14.40
C ALA A 83 3.58 -9.89 -15.21
N LEU A 84 3.70 -8.62 -15.56
CA LEU A 84 2.67 -7.95 -16.34
C LEU A 84 1.30 -8.23 -15.72
N THR A 85 1.20 -7.94 -14.43
CA THR A 85 -0.04 -8.15 -13.70
C THR A 85 -0.37 -6.93 -12.84
N THR A 86 -1.66 -6.71 -12.67
CA THR A 86 -2.13 -5.58 -11.88
C THR A 86 -2.25 -5.98 -10.41
N TYR A 87 -1.59 -5.21 -9.55
CA TYR A 87 -1.62 -5.47 -8.12
C TYR A 87 -2.00 -4.22 -7.34
N THR A 88 -2.61 -4.44 -6.19
CA THR A 88 -3.02 -3.33 -5.34
C THR A 88 -2.40 -3.47 -3.95
N ILE A 89 -1.55 -2.51 -3.62
CA ILE A 89 -0.88 -2.51 -2.33
C ILE A 89 -1.65 -1.61 -1.36
N GLU A 90 -2.13 -2.22 -0.28
CA GLU A 90 -2.88 -1.48 0.72
C GLU A 90 -1.99 -1.20 1.94
N VAL A 91 -1.76 0.08 2.17
CA VAL A 91 -0.93 0.50 3.30
C VAL A 91 -1.82 1.19 4.34
N ALA A 92 -1.81 0.62 5.54
CA ALA A 92 -2.60 1.17 6.63
C ALA A 92 -1.68 1.48 7.81
N ALA A 93 -2.20 2.31 8.71
CA ALA A 93 -1.44 2.70 9.89
C ALA A 93 -1.95 1.93 11.10
N MET A 94 -1.19 2.01 12.18
CA MET A 94 -1.55 1.33 13.41
C MET A 94 -1.29 2.22 14.62
N THR A 95 -2.31 2.33 15.46
CA THR A 95 -2.21 3.14 16.66
C THR A 95 -2.52 2.30 17.90
N SER A 96 -2.71 2.99 19.01
CA SER A 96 -3.01 2.33 20.27
C SER A 96 -4.38 1.63 20.18
N LYS A 97 -5.19 2.12 19.26
CA LYS A 97 -6.52 1.57 19.07
C LYS A 97 -6.43 0.34 18.14
N GLY A 98 -5.79 0.56 17.00
CA GLY A 98 -5.63 -0.51 16.03
C GLY A 98 -5.24 0.05 14.66
N GLN A 99 -5.87 -0.50 13.63
CA GLN A 99 -5.59 -0.06 12.28
C GLN A 99 -6.59 1.01 11.85
N GLY A 100 -6.06 2.00 11.13
CA GLY A 100 -6.90 3.11 10.67
C GLY A 100 -6.85 3.22 9.14
N GLN A 101 -8.04 3.25 8.55
CA GLN A 101 -8.15 3.36 7.10
C GLN A 101 -7.07 2.51 6.43
N VAL A 102 -6.80 2.85 5.18
CA VAL A 102 -5.79 2.13 4.41
C VAL A 102 -5.65 2.79 3.03
N SER A 103 -4.43 2.76 2.53
CA SER A 103 -4.14 3.34 1.22
C SER A 103 -3.83 2.24 0.21
N ALA A 104 -4.80 1.97 -0.64
CA ALA A 104 -4.66 0.94 -1.65
C ALA A 104 -4.43 1.60 -3.02
N SER A 105 -3.27 1.31 -3.59
CA SER A 105 -2.92 1.87 -4.88
C SER A 105 -2.65 0.74 -5.88
N THR A 106 -3.28 0.86 -7.04
CA THR A 106 -3.11 -0.14 -8.09
C THR A 106 -1.77 0.05 -8.80
N ILE A 107 -1.09 -1.06 -9.04
CA ILE A 107 0.20 -1.03 -9.71
C ILE A 107 0.36 -2.31 -10.54
N SER A 108 0.79 -2.11 -11.78
CA SER A 108 0.99 -3.22 -12.70
C SER A 108 2.48 -3.56 -12.79
N SER A 109 2.80 -4.78 -12.37
CA SER A 109 4.18 -5.24 -12.40
C SER A 109 4.88 -4.71 -13.66
N GLY A 110 6.18 -4.50 -13.53
CA GLY A 110 6.98 -4.00 -14.64
C GLY A 110 6.97 -5.00 -15.80
N VAL A 111 8.00 -5.84 -15.82
CA VAL A 111 8.13 -6.83 -16.87
C VAL A 111 9.32 -7.74 -16.56
N PRO A 112 9.15 -9.06 -16.87
CA PRO A 112 10.20 -10.03 -16.64
C PRO A 112 11.32 -9.89 -17.67
N PRO A 113 12.56 -9.75 -17.15
CA PRO A 113 13.73 -9.61 -18.01
C PRO A 113 14.11 -10.96 -18.63
N SER A 114 13.64 -12.01 -18.00
CA SER A 114 13.93 -13.35 -18.48
C SER A 114 12.81 -13.83 -19.43
N GLY A 115 13.00 -13.52 -20.70
CA GLY A 115 12.03 -13.90 -21.71
C GLY A 115 11.89 -12.80 -22.77
N PRO A 116 10.89 -13.00 -23.67
CA PRO A 116 10.64 -12.05 -24.74
C PRO A 116 9.95 -10.79 -24.20
N SER A 117 9.98 -9.74 -25.01
CA SER A 117 9.37 -8.48 -24.64
C SER A 117 8.94 -7.72 -25.89
N SER A 118 8.23 -6.62 -25.65
CA SER A 118 7.75 -5.79 -26.74
C SER A 118 6.85 -6.61 -27.68
N GLY A 119 6.00 -5.91 -28.40
CA GLY A 119 5.09 -6.56 -29.32
C GLY A 119 4.96 -5.76 -30.62
#